data_9C13
#
_entry.id   9C13
#
_cell.length_a   1.00
_cell.length_b   1.00
_cell.length_c   1.00
_cell.angle_alpha   90.00
_cell.angle_beta   90.00
_cell.angle_gamma   90.00
#
_symmetry.space_group_name_H-M   'P 1'
#
loop_
_entity.id
_entity.type
_entity.pdbx_description
1 polymer 'Tubulin beta-2B chain'
2 polymer 'Tubulin alpha chain'
3 polymer 'Cytoskeleton-associated protein 5-A,Cytoskeleton-associated protein 5-A,Green fluorescent protein'
4 non-polymer 'PHOSPHOMETHYLPHOSPHONIC ACID GUANYLATE ESTER'
5 non-polymer 'MAGNESIUM ION'
6 non-polymer "GUANOSINE-5'-TRIPHOSPHATE"
#
loop_
_entity_poly.entity_id
_entity_poly.type
_entity_poly.pdbx_seq_one_letter_code
_entity_poly.pdbx_strand_id
1 'polypeptide(L)'
;MREIVHIQAGQCGNQIGAKFWEVISDEHGIDPTGSYHGDSDLQLERINVYYNEATGNKYVPRAILVDLEPGTMDSVRSGP
FGQIFRPDNFVFGQSGAGNNWAKGHYTEGAELVDSVLDVVRKESESCDCLQGFQLTHSLGGGTGSGMGTLLISKIREEYP
DRIMNTFSVMPSPKVSDTVVEPYNATLSVHQLVENTDETYCIDNEALYDICFRTLKLTTPTYGDLNHLVSATMSGVTTCL
RFPGQLNADLRKLAVNMVPFPRLHFFMPGFAPLTSRGSQQYRALTVPELTQQMFDSKNMMAACDPRHGRYLTVAAIFRGR
MSMKEVDEQMLNVQNKNSSYFVEWIPNNVKTAVCDIPPRGLKMSATFIGNSTAIQELFKRISEQFTAMFRRKAFLHWYTG
EGMDEMEFTEAESNMNDLVSEYQQYQDATADEQGEFEEEGEEDEA
;
B,D
2 'polypeptide(L)'
;MRECISIHVGQAGVQIGNACWELYCLEHGIQPDGQMPSDKTIGGGDDSFNTFFSETGAGKHVPRAVFVDLEPTVIDEVRT
GTYRQLFHPEQLITGKEDAANNYARGHYTIGKEIIDLVLDRIRKLADQCTGLQGFLVFHSFGGGTGSGFTSLLMERLSVD
YGKKSKLEFSIYPAPQVSTAVVEPYNSILTTHTTLEHSDCAFMVDNEAIYDICRRNLDIERPTYTNLNRLIGQIVSSITA
SLRFDGALNVDLTEFQTNLVPYPRIHFPLATYAPVISAEKAYHEQLSVAEITNACFEPANQMVKCDPRHGKYMACCLLYR
GDVVPKDVNAAIATIKTKRTIQFVDWCPTGFKVGINYQPPTVVPGGDLAKVQRAVCMLSNTTAIAEAWARLDHKFDLMYA
KRAFVHWYVGEGMEEGEFSEAREDMAALEKDYEEVGVDSVEGEGEEEGEEY
;
A,C
3 'polypeptide(L)'
;MGPIYIIVPNGKEQRVKDEKALKVLKWNFTTPRDEYIEQLKTQMSPCIARWLQDELFHADFQRQIKGLAVMTEHLESEKE
GVISCLDLVLKWFTLRFFDTNTSVLMKCLEYLKLLFIMLSQEEYHLTEMEGTSFLPYLMLKVGEPKDIVRKDVRAILTKM
CQVYPASKMFNFVMEGTKSKNSKQRAECLEELGCLVESYGMNVCQPTPAKALKEIAIHIGDRDTTVRNAALNTIVTVYNV
HGEQVFKLIGNLSEKDMSMLEERIKRAGKKQAPYVDGGAATMVSKGEELFTGVVPILVELDGDVNGHKFSVSGEGEGDAT
YGKLTLKFICTTGKLPVPWPTLVTTLTYGVQCFSRYPDHMKQHDFFKSAMPEGYVQERTIFFKDDGNYKTRAEVKFEGDT
LVNRIELKGIDFKEDGNILGHKLEYNYNSHNVYIMADKQKNGIKVNFKIRHNIEDGSVQLADHYQQNTPIGDGPVLLPDN
HYLSTQSALSKDPNEKRDHMVLKEFVTAAGITLGMDELYKVDHHHHHHHPGSAWSHPQFEK
;
E
#
loop_
_chem_comp.id
_chem_comp.type
_chem_comp.name
_chem_comp.formula
G2P non-polymer 'PHOSPHOMETHYLPHOSPHONIC ACID GUANYLATE ESTER' 'C11 H18 N5 O13 P3'
GTP non-polymer GUANOSINE-5'-TRIPHOSPHATE 'C10 H16 N5 O14 P3'
MG non-polymer 'MAGNESIUM ION' 'Mg 2'
#
# COMPACT_ATOMS: atom_id res chain seq x y z
N MET A 1 9.04 -5.01 -4.80
CA MET A 1 8.40 -5.75 -5.88
C MET A 1 8.52 -7.25 -5.66
N ARG A 2 7.39 -7.88 -5.32
CA ARG A 2 7.29 -9.32 -5.05
C ARG A 2 8.27 -9.75 -3.95
N GLU A 3 8.24 -9.02 -2.84
CA GLU A 3 9.18 -9.25 -1.75
C GLU A 3 8.89 -10.56 -1.04
N ILE A 4 9.95 -11.15 -0.49
CA ILE A 4 9.88 -12.38 0.27
C ILE A 4 10.39 -12.11 1.69
N VAL A 5 9.58 -12.46 2.68
CA VAL A 5 9.97 -12.31 4.08
C VAL A 5 10.50 -13.65 4.56
N HIS A 6 11.72 -13.65 5.10
CA HIS A 6 12.40 -14.87 5.52
C HIS A 6 12.36 -14.98 7.04
N ILE A 7 12.01 -16.16 7.54
CA ILE A 7 11.94 -16.41 8.97
C ILE A 7 12.79 -17.63 9.29
N GLN A 8 13.57 -17.55 10.36
CA GLN A 8 14.42 -18.65 10.81
C GLN A 8 14.00 -19.04 12.22
N ALA A 9 13.75 -20.33 12.44
CA ALA A 9 13.34 -20.83 13.73
C ALA A 9 14.23 -22.01 14.13
N GLY A 10 14.64 -22.03 15.39
CA GLY A 10 15.46 -23.11 15.90
C GLY A 10 16.91 -22.98 15.49
N GLN A 11 17.74 -23.88 16.03
CA GLN A 11 19.16 -23.85 15.75
C GLN A 11 19.45 -24.28 14.32
N CYS A 12 18.83 -25.36 13.86
CA CYS A 12 19.02 -25.82 12.48
C CYS A 12 18.49 -24.80 11.49
N GLY A 13 17.32 -24.22 11.79
CA GLY A 13 16.79 -23.19 10.92
C GLY A 13 17.65 -21.94 10.87
N ASN A 14 18.21 -21.56 12.01
CA ASN A 14 19.09 -20.39 12.04
C ASN A 14 20.38 -20.63 11.29
N GLN A 15 20.93 -21.85 11.40
CA GLN A 15 22.18 -22.14 10.69
C GLN A 15 21.96 -22.24 9.18
N ILE A 16 20.88 -22.89 8.76
CA ILE A 16 20.57 -22.95 7.33
C ILE A 16 20.24 -21.56 6.80
N GLY A 17 19.59 -20.73 7.62
CA GLY A 17 19.32 -19.36 7.21
C GLY A 17 20.58 -18.53 7.09
N ALA A 18 21.54 -18.73 7.98
CA ALA A 18 22.81 -18.02 7.88
C ALA A 18 23.56 -18.40 6.61
N LYS A 19 23.60 -19.70 6.30
CA LYS A 19 24.24 -20.14 5.06
C LYS A 19 23.48 -19.63 3.84
N PHE A 20 22.15 -19.60 3.91
CA PHE A 20 21.32 -19.12 2.80
C PHE A 20 21.56 -17.63 2.56
N TRP A 21 21.63 -16.84 3.61
CA TRP A 21 21.86 -15.42 3.43
C TRP A 21 23.28 -15.15 2.95
N GLU A 22 24.24 -16.00 3.36
CA GLU A 22 25.60 -15.89 2.84
C GLU A 22 25.63 -16.15 1.33
N VAL A 23 24.96 -17.22 0.88
CA VAL A 23 25.03 -17.52 -0.56
C VAL A 23 24.19 -16.53 -1.37
N ILE A 24 23.13 -15.98 -0.78
CA ILE A 24 22.32 -14.97 -1.49
C ILE A 24 23.11 -13.68 -1.62
N SER A 25 23.80 -13.26 -0.56
CA SER A 25 24.64 -12.07 -0.63
C SER A 25 25.81 -12.27 -1.57
N ASP A 26 26.32 -13.50 -1.69
CA ASP A 26 27.33 -13.77 -2.69
C ASP A 26 26.77 -13.68 -4.10
N GLU A 27 25.52 -14.09 -4.30
CA GLU A 27 24.92 -14.00 -5.63
C GLU A 27 24.62 -12.57 -6.03
N HIS A 28 24.17 -11.74 -5.08
CA HIS A 28 23.85 -10.35 -5.37
C HIS A 28 25.01 -9.41 -5.11
N GLY A 29 26.19 -9.93 -4.79
CA GLY A 29 27.36 -9.08 -4.57
C GLY A 29 27.28 -8.17 -3.37
N ILE A 30 26.80 -8.70 -2.24
CA ILE A 30 26.70 -7.94 -1.00
C ILE A 30 27.79 -8.42 -0.07
N ASP A 31 28.62 -7.49 0.39
CA ASP A 31 29.71 -7.81 1.30
C ASP A 31 29.15 -8.01 2.71
N PRO A 32 29.94 -8.57 3.63
CA PRO A 32 29.49 -8.68 5.03
C PRO A 32 29.21 -7.35 5.72
N THR A 33 29.59 -6.22 5.14
CA THR A 33 29.19 -4.92 5.67
C THR A 33 27.87 -4.44 5.11
N GLY A 34 27.30 -5.16 4.15
CA GLY A 34 25.99 -4.83 3.60
C GLY A 34 25.99 -3.88 2.42
N SER A 35 27.15 -3.57 1.84
CA SER A 35 27.24 -2.64 0.73
C SER A 35 27.45 -3.39 -0.58
N TYR A 36 26.83 -2.89 -1.65
CA TYR A 36 26.91 -3.58 -2.93
C TYR A 36 28.29 -3.37 -3.56
N HIS A 37 28.97 -4.47 -3.87
CA HIS A 37 30.26 -4.44 -4.52
C HIS A 37 30.30 -5.35 -5.74
N GLY A 38 29.16 -5.56 -6.39
CA GLY A 38 29.10 -6.41 -7.55
C GLY A 38 29.50 -5.68 -8.81
N ASP A 39 29.32 -6.37 -9.94
CA ASP A 39 29.71 -5.87 -11.24
C ASP A 39 28.54 -5.70 -12.21
N SER A 40 27.57 -6.59 -12.19
CA SER A 40 26.46 -6.55 -13.12
C SER A 40 25.32 -5.70 -12.56
N ASP A 41 24.58 -5.06 -13.47
CA ASP A 41 23.43 -4.28 -13.06
C ASP A 41 22.23 -5.16 -12.72
N LEU A 42 22.24 -6.42 -13.15
CA LEU A 42 21.16 -7.34 -12.84
C LEU A 42 21.11 -7.70 -11.37
N GLN A 43 22.23 -7.55 -10.65
CA GLN A 43 22.27 -7.90 -9.24
C GLN A 43 21.48 -6.90 -8.39
N LEU A 44 21.36 -5.66 -8.84
CA LEU A 44 20.59 -4.65 -8.12
C LEU A 44 19.18 -4.48 -8.63
N GLU A 45 18.85 -5.06 -9.79
CA GLU A 45 17.54 -4.83 -10.39
C GLU A 45 16.42 -5.43 -9.56
N ARG A 46 16.65 -6.61 -8.99
CA ARG A 46 15.67 -7.25 -8.13
C ARG A 46 16.24 -7.49 -6.76
N ILE A 47 16.95 -6.49 -6.21
CA ILE A 47 17.53 -6.61 -4.89
C ILE A 47 16.47 -6.54 -3.80
N ASN A 48 15.31 -5.97 -4.09
CA ASN A 48 14.30 -5.71 -3.07
C ASN A 48 13.56 -6.96 -2.61
N VAL A 49 13.65 -8.07 -3.36
CA VAL A 49 12.92 -9.28 -3.00
C VAL A 49 13.42 -9.86 -1.67
N TYR A 50 14.69 -9.66 -1.35
CA TYR A 50 15.27 -10.17 -0.12
C TYR A 50 15.89 -9.11 0.77
N TYR A 51 16.14 -7.91 0.24
CA TYR A 51 16.89 -6.90 0.96
C TYR A 51 16.10 -5.60 1.05
N ASN A 52 16.27 -4.90 2.16
CA ASN A 52 15.73 -3.57 2.34
C ASN A 52 16.84 -2.55 2.19
N GLU A 53 16.55 -1.45 1.49
CA GLU A 53 17.49 -0.36 1.36
C GLU A 53 17.68 0.33 2.71
N ALA A 54 18.92 0.67 3.03
CA ALA A 54 19.26 1.50 4.18
C ALA A 54 20.03 2.73 3.70
N THR A 55 20.39 3.59 4.65
CA THR A 55 21.12 4.80 4.31
C THR A 55 22.57 4.48 3.93
N GLY A 56 23.12 5.32 3.06
CA GLY A 56 24.50 5.18 2.65
C GLY A 56 24.78 3.95 1.82
N ASN A 57 23.83 3.53 0.98
CA ASN A 57 23.96 2.36 0.10
C ASN A 57 24.28 1.10 0.90
N LYS A 58 23.33 0.71 1.74
CA LYS A 58 23.47 -0.48 2.56
C LYS A 58 22.20 -1.31 2.44
N TYR A 59 22.37 -2.62 2.28
CA TYR A 59 21.25 -3.53 2.12
C TYR A 59 21.18 -4.46 3.33
N VAL A 60 20.00 -4.53 3.95
CA VAL A 60 19.81 -5.39 5.11
C VAL A 60 18.85 -6.50 4.71
N PRO A 61 19.10 -7.74 5.12
CA PRO A 61 18.18 -8.83 4.77
C PRO A 61 16.81 -8.64 5.41
N ARG A 62 15.79 -9.05 4.67
CA ARG A 62 14.43 -9.07 5.20
C ARG A 62 14.19 -10.38 5.95
N ALA A 63 14.96 -10.56 7.02
CA ALA A 63 15.00 -11.81 7.76
C ALA A 63 14.62 -11.59 9.20
N ILE A 64 13.88 -12.54 9.76
CA ILE A 64 13.52 -12.55 11.18
C ILE A 64 14.14 -13.79 11.78
N LEU A 65 14.99 -13.61 12.79
CA LEU A 65 15.75 -14.69 13.38
C LEU A 65 15.15 -15.00 14.74
N VAL A 66 14.60 -16.21 14.89
CA VAL A 66 13.82 -16.58 16.06
C VAL A 66 14.42 -17.83 16.69
N ASP A 67 14.64 -17.78 17.99
CA ASP A 67 15.02 -18.96 18.76
C ASP A 67 14.60 -18.75 20.20
N LEU A 68 14.53 -19.85 20.94
CA LEU A 68 14.30 -19.78 22.37
C LEU A 68 15.59 -19.87 23.17
N GLU A 69 16.74 -19.93 22.48
CA GLU A 69 18.06 -19.89 23.07
C GLU A 69 18.82 -18.68 22.55
N PRO A 70 19.33 -17.81 23.43
CA PRO A 70 20.15 -16.68 22.96
C PRO A 70 21.52 -17.11 22.44
N GLY A 71 21.96 -18.33 22.73
CA GLY A 71 23.25 -18.78 22.25
C GLY A 71 23.32 -18.91 20.75
N THR A 72 22.22 -19.36 20.12
CA THR A 72 22.19 -19.42 18.67
C THR A 72 22.21 -18.03 18.04
N MET A 73 21.53 -17.07 18.68
CA MET A 73 21.59 -15.69 18.21
C MET A 73 23.00 -15.13 18.29
N ASP A 74 23.71 -15.40 19.40
CA ASP A 74 25.10 -14.98 19.52
C ASP A 74 26.00 -15.66 18.50
N SER A 75 25.76 -16.95 18.24
CA SER A 75 26.56 -17.68 17.27
C SER A 75 26.35 -17.16 15.85
N VAL A 76 25.11 -16.81 15.50
CA VAL A 76 24.84 -16.26 14.18
C VAL A 76 25.44 -14.86 14.05
N ARG A 77 25.29 -14.03 15.09
CA ARG A 77 25.81 -12.66 15.02
C ARG A 77 27.33 -12.65 14.98
N SER A 78 27.98 -13.58 15.68
CA SER A 78 29.43 -13.63 15.69
C SER A 78 30.03 -14.27 14.45
N GLY A 79 29.22 -14.93 13.63
CA GLY A 79 29.74 -15.61 12.45
C GLY A 79 29.91 -14.67 11.29
N PRO A 80 30.36 -15.23 10.17
CA PRO A 80 30.47 -14.43 8.94
C PRO A 80 29.09 -14.04 8.42
N PHE A 81 29.04 -12.86 7.79
CA PHE A 81 27.81 -12.24 7.30
C PHE A 81 26.77 -12.06 8.42
N GLY A 82 27.23 -11.89 9.65
CA GLY A 82 26.32 -11.73 10.76
C GLY A 82 26.05 -10.26 11.07
N GLN A 83 26.86 -9.39 10.50
CA GLN A 83 26.72 -7.96 10.74
C GLN A 83 25.74 -7.29 9.79
N ILE A 84 25.15 -8.03 8.86
CA ILE A 84 24.16 -7.45 7.96
C ILE A 84 22.74 -7.52 8.52
N PHE A 85 22.47 -8.45 9.43
CA PHE A 85 21.11 -8.61 9.94
C PHE A 85 20.73 -7.46 10.85
N ARG A 86 19.47 -7.08 10.82
CA ARG A 86 18.98 -6.00 11.66
C ARG A 86 18.91 -6.48 13.11
N PRO A 87 19.51 -5.75 14.06
CA PRO A 87 19.47 -6.20 15.46
C PRO A 87 18.08 -6.23 16.06
N ASP A 88 17.15 -5.43 15.53
CA ASP A 88 15.77 -5.48 15.99
C ASP A 88 15.06 -6.75 15.53
N ASN A 89 15.59 -7.41 14.50
CA ASN A 89 14.99 -8.65 13.99
C ASN A 89 15.41 -9.87 14.79
N PHE A 90 16.38 -9.74 15.69
CA PHE A 90 16.78 -10.86 16.55
C PHE A 90 15.78 -10.97 17.68
N VAL A 91 14.89 -11.94 17.59
CA VAL A 91 13.87 -12.16 18.62
C VAL A 91 14.23 -13.47 19.31
N PHE A 92 14.59 -13.39 20.58
CA PHE A 92 15.08 -14.55 21.31
C PHE A 92 14.44 -14.65 22.67
N GLY A 93 14.32 -15.88 23.16
CA GLY A 93 13.93 -16.15 24.53
C GLY A 93 15.15 -16.28 25.41
N GLN A 94 14.96 -16.93 26.56
CA GLN A 94 16.06 -17.18 27.48
C GLN A 94 16.11 -18.59 28.04
N SER A 95 15.05 -19.39 27.89
CA SER A 95 14.97 -20.70 28.51
C SER A 95 15.30 -21.84 27.55
N GLY A 96 14.68 -21.85 26.37
CA GLY A 96 14.80 -22.94 25.44
C GLY A 96 13.63 -23.91 25.55
N ALA A 97 13.29 -24.50 24.41
CA ALA A 97 12.13 -25.38 24.33
C ALA A 97 12.38 -26.76 24.93
N GLY A 98 13.63 -27.17 25.08
CA GLY A 98 13.94 -28.44 25.69
C GLY A 98 13.50 -29.66 24.91
N ASN A 99 13.55 -29.61 23.58
CA ASN A 99 13.02 -30.64 22.69
C ASN A 99 11.57 -30.99 23.01
N ASN A 100 10.78 -30.02 23.43
CA ASN A 100 9.39 -30.23 23.79
C ASN A 100 8.54 -29.43 22.82
N TRP A 101 7.64 -30.13 22.12
CA TRP A 101 6.72 -29.44 21.23
C TRP A 101 5.73 -28.61 22.02
N ALA A 102 5.36 -29.07 23.21
CA ALA A 102 4.44 -28.34 24.08
C ALA A 102 5.04 -27.01 24.53
N LYS A 103 6.31 -27.01 24.93
CA LYS A 103 6.93 -25.78 25.39
C LYS A 103 7.11 -24.78 24.26
N GLY A 104 7.37 -25.28 23.05
CA GLY A 104 7.49 -24.38 21.92
C GLY A 104 6.15 -23.83 21.47
N HIS A 105 5.11 -24.65 21.50
CA HIS A 105 3.84 -24.26 20.89
C HIS A 105 2.87 -23.59 21.87
N TYR A 106 2.99 -23.87 23.15
CA TYR A 106 1.98 -23.47 24.13
C TYR A 106 2.51 -22.68 25.31
N THR A 107 3.76 -22.91 25.71
CA THR A 107 4.24 -22.42 27.00
C THR A 107 5.15 -21.20 26.88
N GLU A 108 6.13 -21.25 25.97
CA GLU A 108 7.14 -20.19 25.88
C GLU A 108 7.10 -19.48 24.52
N GLY A 109 6.94 -20.25 23.45
CA GLY A 109 6.69 -19.66 22.16
C GLY A 109 5.40 -18.89 22.11
N ALA A 110 4.45 -19.21 23.01
CA ALA A 110 3.19 -18.49 23.07
C ALA A 110 3.38 -17.02 23.45
N GLU A 111 4.26 -16.71 24.39
CA GLU A 111 4.49 -15.29 24.66
C GLU A 111 5.55 -14.70 23.74
N LEU A 112 6.50 -15.50 23.24
CA LEU A 112 7.50 -14.90 22.38
C LEU A 112 6.97 -14.64 20.96
N VAL A 113 5.91 -15.33 20.56
CA VAL A 113 5.39 -15.21 19.20
C VAL A 113 4.72 -13.86 18.99
N ASP A 114 4.34 -13.16 20.06
CA ASP A 114 3.79 -11.81 19.89
C ASP A 114 4.87 -10.84 19.42
N SER A 115 6.05 -10.90 20.02
CA SER A 115 7.16 -10.09 19.54
C SER A 115 7.59 -10.50 18.14
N VAL A 116 7.60 -11.81 17.87
CA VAL A 116 7.91 -12.27 16.51
C VAL A 116 6.91 -11.71 15.52
N LEU A 117 5.61 -11.75 15.85
CA LEU A 117 4.57 -11.24 14.96
C LEU A 117 4.68 -9.74 14.76
N ASP A 118 5.10 -9.01 15.79
CA ASP A 118 5.34 -7.58 15.64
C ASP A 118 6.45 -7.31 14.63
N VAL A 119 7.55 -8.09 14.71
CA VAL A 119 8.65 -7.90 13.77
C VAL A 119 8.22 -8.29 12.35
N VAL A 120 7.44 -9.37 12.22
CA VAL A 120 6.94 -9.79 10.91
C VAL A 120 5.99 -8.76 10.32
N ARG A 121 5.13 -8.15 11.14
CA ARG A 121 4.24 -7.10 10.64
C ARG A 121 5.05 -5.88 10.20
N LYS A 122 6.12 -5.56 10.93
CA LYS A 122 7.00 -4.47 10.55
C LYS A 122 7.63 -4.73 9.18
N GLU A 123 8.15 -5.94 8.97
CA GLU A 123 8.73 -6.27 7.66
C GLU A 123 7.66 -6.42 6.57
N SER A 124 6.43 -6.74 6.94
CA SER A 124 5.37 -6.91 5.94
C SER A 124 4.88 -5.57 5.42
N GLU A 125 4.70 -4.60 6.30
CA GLU A 125 4.31 -3.27 5.82
C GLU A 125 5.49 -2.38 5.52
N SER A 126 6.72 -2.87 5.71
CA SER A 126 7.87 -2.14 5.21
C SER A 126 8.05 -2.33 3.70
N CYS A 127 7.56 -3.45 3.17
CA CYS A 127 7.76 -3.78 1.77
C CYS A 127 6.57 -3.35 0.92
N ASP A 128 6.82 -3.25 -0.39
CA ASP A 128 5.82 -2.68 -1.29
C ASP A 128 4.72 -3.69 -1.60
N CYS A 129 5.08 -4.80 -2.25
CA CYS A 129 4.11 -5.80 -2.69
C CYS A 129 4.62 -7.17 -2.22
N LEU A 130 4.18 -7.58 -1.04
CA LEU A 130 4.56 -8.88 -0.50
C LEU A 130 3.91 -10.00 -1.31
N GLN A 131 4.62 -11.10 -1.47
CA GLN A 131 4.06 -12.28 -2.13
C GLN A 131 4.04 -13.53 -1.27
N GLY A 132 4.91 -13.63 -0.27
CA GLY A 132 4.95 -14.84 0.52
C GLY A 132 6.03 -14.79 1.57
N PHE A 133 6.18 -15.91 2.27
CA PHE A 133 7.07 -16.05 3.41
C PHE A 133 7.89 -17.32 3.26
N GLN A 134 9.06 -17.33 3.88
CA GLN A 134 9.93 -18.50 3.91
C GLN A 134 10.29 -18.80 5.36
N LEU A 135 10.01 -20.02 5.80
CA LEU A 135 10.42 -20.49 7.11
C LEU A 135 11.38 -21.64 6.96
N THR A 136 12.52 -21.55 7.64
CA THR A 136 13.47 -22.64 7.75
C THR A 136 13.51 -23.12 9.20
N HIS A 137 13.27 -24.40 9.39
CA HIS A 137 13.24 -24.98 10.74
C HIS A 137 13.41 -26.48 10.61
N SER A 138 13.44 -27.15 11.76
CA SER A 138 13.47 -28.60 11.84
C SER A 138 12.27 -29.08 12.64
N LEU A 139 11.91 -30.34 12.43
CA LEU A 139 10.74 -30.94 13.07
C LEU A 139 11.09 -31.84 14.25
N GLY A 140 12.36 -32.05 14.54
CA GLY A 140 12.73 -32.93 15.63
C GLY A 140 12.85 -32.24 16.96
N GLY A 141 13.00 -30.92 16.95
CA GLY A 141 13.20 -30.14 18.15
C GLY A 141 11.91 -29.63 18.75
N GLY A 142 12.03 -28.58 19.54
CA GLY A 142 10.87 -27.97 20.16
C GLY A 142 10.63 -26.55 19.70
N THR A 143 11.70 -25.83 19.38
CA THR A 143 11.56 -24.43 18.95
C THR A 143 11.09 -24.35 17.52
N GLY A 144 11.86 -24.90 16.58
CA GLY A 144 11.45 -24.86 15.18
C GLY A 144 10.23 -25.70 14.91
N SER A 145 10.12 -26.85 15.57
CA SER A 145 8.99 -27.73 15.35
C SER A 145 7.71 -27.20 16.00
N GLY A 146 7.81 -26.71 17.22
CA GLY A 146 6.64 -26.29 17.95
C GLY A 146 6.28 -24.84 17.75
N MET A 147 7.24 -23.95 18.00
CA MET A 147 6.98 -22.53 17.85
C MET A 147 6.89 -22.13 16.38
N GLY A 148 7.73 -22.72 15.53
CA GLY A 148 7.69 -22.41 14.11
C GLY A 148 6.37 -22.79 13.47
N THR A 149 5.77 -23.88 13.92
CA THR A 149 4.44 -24.27 13.44
C THR A 149 3.37 -23.31 13.95
N LEU A 150 3.45 -22.93 15.22
CA LEU A 150 2.54 -21.92 15.77
C LEU A 150 2.73 -20.59 15.04
N LEU A 151 3.97 -20.24 14.74
CA LEU A 151 4.24 -19.04 13.97
C LEU A 151 3.62 -19.10 12.59
N ILE A 152 3.72 -20.27 11.93
CA ILE A 152 3.09 -20.48 10.63
C ILE A 152 1.60 -20.24 10.72
N SER A 153 0.97 -20.75 11.78
CA SER A 153 -0.45 -20.52 12.00
C SER A 153 -0.76 -19.03 12.17
N LYS A 154 0.06 -18.30 12.92
CA LYS A 154 -0.24 -16.89 13.16
C LYS A 154 -0.07 -16.02 11.91
N ILE A 155 0.95 -16.29 11.08
CA ILE A 155 0.96 -15.60 9.77
C ILE A 155 -0.22 -16.02 8.90
N ARG A 156 -0.51 -17.32 8.81
CA ARG A 156 -1.56 -17.74 7.88
C ARG A 156 -2.96 -17.29 8.29
N GLU A 157 -3.18 -16.97 9.56
CA GLU A 157 -4.44 -16.34 9.92
C GLU A 157 -4.46 -14.88 9.51
N GLU A 158 -3.29 -14.26 9.35
CA GLU A 158 -3.21 -12.83 9.05
C GLU A 158 -2.92 -12.55 7.58
N TYR A 159 -2.02 -13.29 6.96
CA TYR A 159 -1.67 -13.13 5.55
C TYR A 159 -1.96 -14.44 4.85
N PRO A 160 -3.21 -14.69 4.48
CA PRO A 160 -3.60 -16.01 3.98
C PRO A 160 -3.45 -16.18 2.48
N ASP A 161 -3.37 -15.07 1.76
CA ASP A 161 -3.28 -15.09 0.31
C ASP A 161 -1.85 -15.19 -0.19
N ARG A 162 -0.87 -15.21 0.72
CA ARG A 162 0.54 -15.26 0.35
C ARG A 162 1.05 -16.69 0.40
N ILE A 163 2.23 -16.89 -0.15
CA ILE A 163 2.79 -18.23 -0.30
C ILE A 163 3.56 -18.60 0.95
N MET A 164 3.14 -19.68 1.61
CA MET A 164 3.82 -20.21 2.79
C MET A 164 4.83 -21.25 2.34
N ASN A 165 6.10 -20.88 2.35
CA ASN A 165 7.19 -21.77 1.96
C ASN A 165 7.89 -22.27 3.22
N THR A 166 8.09 -23.59 3.30
CA THR A 166 8.82 -24.17 4.43
C THR A 166 9.86 -25.13 3.90
N PHE A 167 11.10 -24.94 4.35
CA PHE A 167 12.20 -25.85 4.08
C PHE A 167 12.42 -26.62 5.38
N SER A 168 11.63 -27.67 5.56
CA SER A 168 11.52 -28.36 6.84
C SER A 168 12.48 -29.55 6.85
N VAL A 169 13.34 -29.60 7.85
CA VAL A 169 14.29 -30.69 8.00
C VAL A 169 13.61 -31.80 8.80
N MET A 170 13.17 -32.84 8.11
CA MET A 170 12.47 -33.95 8.73
C MET A 170 13.46 -34.87 9.44
N PRO A 171 13.04 -35.54 10.51
CA PRO A 171 13.91 -36.53 11.15
C PRO A 171 13.85 -37.87 10.44
N SER A 172 14.94 -38.61 10.55
CA SER A 172 15.05 -39.94 9.96
C SER A 172 15.57 -40.91 11.01
N PRO A 173 15.18 -42.19 10.93
CA PRO A 173 15.63 -43.16 11.95
C PRO A 173 17.11 -43.49 11.85
N LYS A 174 17.75 -43.30 10.70
CA LYS A 174 19.18 -43.62 10.59
C LYS A 174 20.03 -42.61 11.35
N VAL A 175 20.01 -41.35 10.93
CA VAL A 175 20.64 -40.28 11.72
C VAL A 175 19.57 -39.73 12.65
N SER A 176 19.34 -40.46 13.74
CA SER A 176 18.35 -40.10 14.74
C SER A 176 19.11 -39.52 15.93
N ASP A 177 18.86 -38.24 16.21
CA ASP A 177 19.73 -37.51 17.11
C ASP A 177 19.14 -37.32 18.51
N THR A 178 17.82 -37.20 18.63
CA THR A 178 17.17 -37.12 19.92
C THR A 178 16.20 -38.28 20.08
N VAL A 179 15.52 -38.33 21.22
CA VAL A 179 14.63 -39.42 21.55
C VAL A 179 13.18 -39.09 21.18
N VAL A 180 12.78 -37.83 21.31
CA VAL A 180 11.40 -37.43 21.12
C VAL A 180 11.18 -36.83 19.72
N GLU A 181 12.02 -37.19 18.76
CA GLU A 181 11.75 -36.84 17.36
C GLU A 181 10.37 -37.29 16.84
N PRO A 182 9.87 -38.51 17.08
CA PRO A 182 8.54 -38.84 16.55
C PRO A 182 7.41 -37.99 17.07
N TYR A 183 7.43 -37.64 18.37
CA TYR A 183 6.37 -36.81 18.93
C TYR A 183 6.34 -35.43 18.29
N ASN A 184 7.50 -34.77 18.25
CA ASN A 184 7.56 -33.42 17.68
C ASN A 184 7.28 -33.42 16.19
N ALA A 185 7.80 -34.40 15.46
CA ALA A 185 7.55 -34.48 14.03
C ALA A 185 6.07 -34.72 13.72
N THR A 186 5.43 -35.63 14.47
CA THR A 186 4.02 -35.90 14.24
C THR A 186 3.14 -34.71 14.61
N LEU A 187 3.47 -34.04 15.72
CA LEU A 187 2.67 -32.88 16.11
C LEU A 187 2.93 -31.68 15.20
N SER A 188 4.06 -31.67 14.48
CA SER A 188 4.30 -30.55 13.58
C SER A 188 3.75 -30.79 12.18
N VAL A 189 3.72 -32.05 11.72
CA VAL A 189 3.26 -32.36 10.37
C VAL A 189 1.79 -31.99 10.20
N HIS A 190 0.99 -32.13 11.27
CA HIS A 190 -0.45 -31.94 11.15
C HIS A 190 -0.82 -30.51 10.80
N GLN A 191 -0.15 -29.51 11.36
CA GLN A 191 -0.52 -28.15 10.98
C GLN A 191 0.26 -27.67 9.75
N LEU A 192 1.20 -28.47 9.25
CA LEU A 192 1.83 -28.09 7.99
C LEU A 192 0.92 -28.34 6.79
N VAL A 193 0.04 -29.34 6.89
CA VAL A 193 -0.72 -29.74 5.70
C VAL A 193 -1.86 -28.78 5.40
N GLU A 194 -2.36 -28.02 6.38
CA GLU A 194 -3.39 -27.03 6.10
C GLU A 194 -2.90 -25.60 6.13
N ASN A 195 -1.64 -25.35 6.50
CA ASN A 195 -1.16 -23.99 6.62
C ASN A 195 0.04 -23.66 5.73
N THR A 196 0.60 -24.63 5.01
CA THR A 196 1.71 -24.35 4.11
C THR A 196 1.26 -24.58 2.68
N ASP A 197 1.51 -23.59 1.82
CA ASP A 197 1.21 -23.75 0.41
C ASP A 197 2.11 -24.77 -0.24
N GLU A 198 3.37 -24.86 0.21
CA GLU A 198 4.27 -25.91 -0.24
C GLU A 198 5.35 -26.10 0.80
N THR A 199 5.81 -27.35 0.93
CA THR A 199 6.75 -27.75 1.97
C THR A 199 7.85 -28.59 1.34
N TYR A 200 9.11 -28.23 1.61
CA TYR A 200 10.25 -28.94 1.06
C TYR A 200 10.81 -29.84 2.16
N CYS A 201 10.77 -31.15 1.93
CA CYS A 201 11.17 -32.11 2.94
C CYS A 201 12.67 -32.36 2.83
N ILE A 202 13.42 -31.73 3.71
CA ILE A 202 14.86 -31.95 3.82
C ILE A 202 15.09 -33.06 4.83
N ASP A 203 16.02 -33.97 4.52
CA ASP A 203 16.38 -35.03 5.44
C ASP A 203 17.89 -35.04 5.60
N ASN A 204 18.37 -35.07 6.86
CA ASN A 204 19.81 -35.11 7.10
C ASN A 204 20.43 -36.41 6.62
N GLU A 205 19.67 -37.50 6.60
CA GLU A 205 20.18 -38.76 6.09
C GLU A 205 20.53 -38.66 4.61
N ALA A 206 19.63 -38.05 3.82
CA ALA A 206 19.90 -37.87 2.41
C ALA A 206 21.01 -36.86 2.17
N LEU A 207 21.12 -35.83 3.03
CA LEU A 207 22.18 -34.85 2.89
C LEU A 207 23.55 -35.49 3.15
N TYR A 208 23.65 -36.31 4.20
CA TYR A 208 24.88 -37.05 4.46
C TYR A 208 25.17 -38.03 3.34
N ASP A 209 24.13 -38.67 2.78
CA ASP A 209 24.30 -39.60 1.67
C ASP A 209 24.87 -38.88 0.45
N ILE A 210 24.37 -37.68 0.14
CA ILE A 210 24.90 -36.91 -0.97
C ILE A 210 26.35 -36.51 -0.71
N CYS A 211 26.65 -36.03 0.50
CA CYS A 211 28.00 -35.61 0.81
C CYS A 211 28.98 -36.79 0.81
N PHE A 212 28.48 -37.99 1.10
CA PHE A 212 29.36 -39.16 1.09
C PHE A 212 29.58 -39.67 -0.33
N ARG A 213 28.51 -40.05 -1.03
CA ARG A 213 28.73 -40.78 -2.28
C ARG A 213 28.79 -39.86 -3.49
N THR A 214 28.20 -38.68 -3.43
CA THR A 214 28.22 -37.79 -4.58
C THR A 214 29.42 -36.85 -4.55
N LEU A 215 29.52 -36.04 -3.49
CA LEU A 215 30.63 -35.09 -3.39
C LEU A 215 31.93 -35.73 -2.95
N LYS A 216 31.90 -36.99 -2.51
CA LYS A 216 33.07 -37.73 -2.02
C LYS A 216 33.78 -36.97 -0.89
N LEU A 217 32.99 -36.37 -0.01
CA LEU A 217 33.52 -35.57 1.09
C LEU A 217 33.84 -36.51 2.25
N THR A 218 35.11 -36.53 2.67
CA THR A 218 35.54 -37.51 3.65
C THR A 218 35.10 -37.15 5.06
N THR A 219 34.78 -35.88 5.32
CA THR A 219 34.36 -35.42 6.64
C THR A 219 33.40 -34.24 6.55
N PRO A 220 32.15 -34.48 6.14
CA PRO A 220 31.19 -33.38 6.05
C PRO A 220 30.73 -32.91 7.42
N THR A 221 30.72 -31.61 7.61
CA THR A 221 30.20 -30.99 8.82
C THR A 221 28.78 -30.50 8.56
N TYR A 222 28.22 -29.78 9.54
CA TYR A 222 26.89 -29.22 9.34
C TYR A 222 26.91 -28.08 8.33
N GLY A 223 28.05 -27.41 8.16
CA GLY A 223 28.15 -26.37 7.16
C GLY A 223 28.04 -26.88 5.75
N ASP A 224 28.68 -28.03 5.47
CA ASP A 224 28.56 -28.64 4.16
C ASP A 224 27.15 -29.16 3.90
N LEU A 225 26.47 -29.61 4.95
CA LEU A 225 25.08 -30.02 4.81
C LEU A 225 24.17 -28.83 4.52
N ASN A 226 24.39 -27.72 5.23
CA ASN A 226 23.56 -26.54 5.04
C ASN A 226 23.85 -25.83 3.73
N HIS A 227 25.04 -26.02 3.16
CA HIS A 227 25.34 -25.43 1.85
C HIS A 227 24.46 -25.98 0.76
N LEU A 228 24.18 -27.29 0.79
CA LEU A 228 23.29 -27.90 -0.19
C LEU A 228 21.87 -27.35 -0.06
N VAL A 229 21.39 -27.22 1.18
CA VAL A 229 20.05 -26.69 1.40
C VAL A 229 19.97 -25.23 0.96
N SER A 230 21.02 -24.45 1.24
CA SER A 230 21.05 -23.05 0.82
C SER A 230 21.06 -22.92 -0.69
N ALA A 231 21.79 -23.80 -1.38
CA ALA A 231 21.75 -23.82 -2.85
C ALA A 231 20.36 -24.16 -3.35
N THR A 232 19.65 -25.06 -2.67
CA THR A 232 18.28 -25.39 -3.07
C THR A 232 17.34 -24.21 -2.87
N MET A 233 17.39 -23.54 -1.71
CA MET A 233 16.51 -22.40 -1.46
C MET A 233 16.82 -21.25 -2.40
N SER A 234 18.09 -21.03 -2.73
CA SER A 234 18.42 -20.02 -3.73
C SER A 234 17.96 -20.42 -5.12
N GLY A 235 17.93 -21.73 -5.40
CA GLY A 235 17.49 -22.18 -6.71
C GLY A 235 16.02 -21.95 -6.98
N VAL A 236 15.18 -22.02 -5.93
CA VAL A 236 13.73 -21.93 -6.13
C VAL A 236 13.33 -20.52 -6.54
N THR A 237 13.85 -19.51 -5.87
CA THR A 237 13.45 -18.13 -6.08
C THR A 237 14.33 -17.41 -7.09
N THR A 238 14.91 -18.13 -8.05
CA THR A 238 15.84 -17.51 -8.98
C THR A 238 15.12 -16.64 -10.01
N CYS A 239 13.97 -17.10 -10.51
CA CYS A 239 13.26 -16.34 -11.52
C CYS A 239 12.64 -15.06 -10.97
N LEU A 240 12.53 -14.95 -9.65
CA LEU A 240 12.12 -13.69 -9.04
C LEU A 240 13.26 -12.68 -9.00
N ARG A 241 14.50 -13.15 -8.86
CA ARG A 241 15.64 -12.27 -8.67
C ARG A 241 16.39 -11.96 -9.96
N PHE A 242 16.30 -12.81 -10.96
CA PHE A 242 17.08 -12.65 -12.17
C PHE A 242 16.20 -12.91 -13.38
N PRO A 243 16.45 -12.24 -14.49
CA PRO A 243 15.66 -12.50 -15.71
C PRO A 243 16.01 -13.84 -16.32
N GLY A 244 15.08 -14.35 -17.12
CA GLY A 244 15.30 -15.63 -17.77
C GLY A 244 14.45 -15.74 -19.01
N GLN A 245 14.73 -16.82 -19.77
CA GLN A 245 13.93 -17.10 -20.95
C GLN A 245 12.53 -17.54 -20.60
N LEU A 246 12.36 -18.24 -19.49
CA LEU A 246 11.05 -18.68 -19.03
C LEU A 246 11.00 -18.50 -17.53
N ASN A 247 10.23 -17.51 -17.08
CA ASN A 247 10.17 -17.13 -15.67
C ASN A 247 9.10 -17.92 -14.95
N ALA A 248 9.33 -18.18 -13.67
CA ALA A 248 8.36 -18.88 -12.83
C ALA A 248 8.62 -18.51 -11.37
N ASP A 249 7.65 -17.82 -10.77
CA ASP A 249 7.77 -17.39 -9.38
C ASP A 249 7.30 -18.51 -8.46
N LEU A 250 7.11 -18.18 -7.19
CA LEU A 250 6.69 -19.18 -6.20
C LEU A 250 5.27 -19.67 -6.46
N ARG A 251 4.38 -18.74 -6.84
CA ARG A 251 3.00 -19.12 -7.10
C ARG A 251 2.87 -19.96 -8.36
N LYS A 252 3.74 -19.75 -9.34
CA LYS A 252 3.71 -20.55 -10.56
C LYS A 252 4.09 -22.00 -10.27
N LEU A 253 5.12 -22.20 -9.45
CA LEU A 253 5.49 -23.54 -9.03
C LEU A 253 4.41 -24.17 -8.16
N ALA A 254 3.78 -23.37 -7.29
CA ALA A 254 2.71 -23.90 -6.46
C ALA A 254 1.50 -24.33 -7.30
N VAL A 255 1.16 -23.56 -8.34
CA VAL A 255 0.04 -23.92 -9.20
C VAL A 255 0.38 -25.17 -10.01
N ASN A 256 1.56 -25.21 -10.62
CA ASN A 256 1.89 -26.34 -11.48
C ASN A 256 2.30 -27.58 -10.71
N MET A 257 2.50 -27.48 -9.40
CA MET A 257 3.04 -28.62 -8.66
C MET A 257 2.09 -29.23 -7.65
N VAL A 258 1.00 -28.54 -7.32
CA VAL A 258 0.06 -28.99 -6.30
C VAL A 258 -1.28 -29.27 -6.97
N PRO A 259 -1.57 -30.52 -7.30
CA PRO A 259 -2.84 -30.83 -7.97
C PRO A 259 -4.02 -30.83 -7.03
N PHE A 260 -3.79 -31.25 -5.78
CA PHE A 260 -4.79 -31.25 -4.72
C PHE A 260 -4.18 -30.62 -3.49
N PRO A 261 -4.95 -29.85 -2.72
CA PRO A 261 -4.35 -28.90 -1.76
C PRO A 261 -3.54 -29.54 -0.63
N ARG A 262 -3.74 -30.81 -0.33
CA ARG A 262 -2.98 -31.45 0.73
C ARG A 262 -1.71 -32.12 0.23
N LEU A 263 -1.46 -32.13 -1.08
CA LEU A 263 -0.26 -32.73 -1.64
C LEU A 263 0.71 -31.62 -2.03
N HIS A 264 1.48 -31.16 -1.04
CA HIS A 264 2.45 -30.10 -1.27
C HIS A 264 3.74 -30.38 -0.51
N PHE A 265 4.07 -31.65 -0.33
CA PHE A 265 5.31 -32.06 0.30
C PHE A 265 6.26 -32.50 -0.80
N PHE A 266 7.32 -31.72 -1.01
CA PHE A 266 8.21 -31.92 -2.15
C PHE A 266 9.57 -32.38 -1.68
N MET A 267 10.13 -33.36 -2.38
CA MET A 267 11.54 -33.70 -2.19
C MET A 267 12.38 -32.87 -3.16
N PRO A 268 13.33 -32.10 -2.69
CA PRO A 268 14.14 -31.26 -3.58
C PRO A 268 15.45 -31.91 -3.99
N GLY A 269 16.13 -31.24 -4.91
CA GLY A 269 17.41 -31.72 -5.40
C GLY A 269 18.14 -30.61 -6.11
N PHE A 270 19.45 -30.78 -6.23
CA PHE A 270 20.32 -29.78 -6.85
C PHE A 270 21.26 -30.48 -7.82
N ALA A 271 21.60 -29.78 -8.90
CA ALA A 271 22.52 -30.27 -9.91
C ALA A 271 23.23 -29.09 -10.54
N PRO A 272 24.52 -29.23 -10.86
CA PRO A 272 25.40 -30.39 -10.67
C PRO A 272 26.01 -30.46 -9.28
N LEU A 273 26.35 -31.65 -8.81
CA LEU A 273 27.09 -31.83 -7.57
C LEU A 273 28.26 -32.75 -7.87
N THR A 274 29.46 -32.19 -7.96
CA THR A 274 30.63 -32.91 -8.42
C THR A 274 31.70 -32.91 -7.33
N SER A 275 32.45 -34.01 -7.27
CA SER A 275 33.61 -34.07 -6.41
C SER A 275 34.74 -33.24 -7.03
N ARG A 276 35.73 -32.91 -6.19
CA ARG A 276 36.87 -32.16 -6.67
C ARG A 276 37.72 -33.00 -7.63
N GLY A 277 37.92 -34.27 -7.31
CA GLY A 277 38.68 -35.14 -8.20
C GLY A 277 37.97 -35.42 -9.50
N SER A 278 36.65 -35.56 -9.46
CA SER A 278 35.87 -35.97 -10.62
C SER A 278 35.29 -34.80 -11.40
N GLN A 279 35.71 -33.57 -11.08
CA GLN A 279 35.10 -32.40 -11.72
C GLN A 279 35.56 -32.26 -13.17
N GLN A 280 36.85 -32.48 -13.42
CA GLN A 280 37.40 -32.24 -14.75
C GLN A 280 37.04 -33.33 -15.76
N TYR A 281 36.48 -34.44 -15.32
CA TYR A 281 36.09 -35.53 -16.20
C TYR A 281 34.60 -35.53 -16.52
N ARG A 282 33.96 -34.36 -16.45
CA ARG A 282 32.53 -34.26 -16.66
C ARG A 282 32.24 -33.16 -17.66
N ALA A 283 31.17 -33.36 -18.43
CA ALA A 283 30.74 -32.40 -19.44
C ALA A 283 29.63 -31.53 -18.85
N LEU A 284 29.80 -30.22 -18.98
CA LEU A 284 28.79 -29.27 -18.49
C LEU A 284 27.73 -29.05 -19.57
N THR A 285 26.88 -30.08 -19.72
CA THR A 285 25.82 -30.08 -20.71
C THR A 285 24.48 -30.28 -20.02
N VAL A 286 23.42 -29.87 -20.74
CA VAL A 286 22.06 -30.08 -20.23
C VAL A 286 21.72 -31.54 -19.99
N PRO A 287 22.06 -32.51 -20.87
CA PRO A 287 21.77 -33.91 -20.52
C PRO A 287 22.44 -34.41 -19.25
N GLU A 288 23.65 -33.91 -18.93
CA GLU A 288 24.31 -34.35 -17.71
C GLU A 288 23.58 -33.85 -16.47
N LEU A 289 23.19 -32.57 -16.47
CA LEU A 289 22.39 -32.03 -15.37
C LEU A 289 21.03 -32.74 -15.26
N THR A 290 20.41 -33.02 -16.41
CA THR A 290 19.12 -33.70 -16.40
C THR A 290 19.23 -35.11 -15.85
N GLN A 291 20.29 -35.83 -16.20
CA GLN A 291 20.49 -37.18 -15.69
C GLN A 291 20.80 -37.15 -14.20
N GLN A 292 21.52 -36.12 -13.74
CA GLN A 292 21.85 -36.05 -12.32
C GLN A 292 20.64 -35.70 -11.48
N MET A 293 19.86 -34.70 -11.90
CA MET A 293 18.80 -34.16 -11.04
C MET A 293 17.61 -35.11 -10.91
N PHE A 294 17.47 -36.07 -11.82
CA PHE A 294 16.39 -37.05 -11.74
C PHE A 294 16.84 -38.35 -11.11
N ASP A 295 18.10 -38.45 -10.68
CA ASP A 295 18.58 -39.65 -10.02
C ASP A 295 18.10 -39.68 -8.57
N SER A 296 17.82 -40.90 -8.08
CA SER A 296 17.42 -41.07 -6.68
C SER A 296 18.57 -40.77 -5.72
N LYS A 297 19.81 -40.82 -6.20
CA LYS A 297 20.95 -40.43 -5.38
C LYS A 297 20.92 -38.96 -5.02
N ASN A 298 20.44 -38.11 -5.93
CA ASN A 298 20.50 -36.68 -5.76
C ASN A 298 19.36 -36.11 -4.92
N MET A 299 18.43 -36.95 -4.48
CA MET A 299 17.30 -36.46 -3.70
C MET A 299 17.75 -36.02 -2.31
N MET A 300 17.16 -34.95 -1.80
CA MET A 300 17.48 -34.43 -0.48
C MET A 300 16.49 -34.90 0.58
N ALA A 301 15.65 -35.88 0.27
CA ALA A 301 14.82 -36.55 1.24
C ALA A 301 15.12 -38.04 1.21
N ALA A 302 14.95 -38.71 2.35
CA ALA A 302 15.26 -40.13 2.45
C ALA A 302 14.07 -40.95 1.95
N CYS A 303 13.79 -40.80 0.66
CA CYS A 303 12.73 -41.52 -0.01
C CYS A 303 13.22 -41.95 -1.38
N ASP A 304 12.90 -43.19 -1.76
CA ASP A 304 13.27 -43.70 -3.06
C ASP A 304 12.12 -43.43 -4.03
N PRO A 305 12.29 -42.57 -5.03
CA PRO A 305 11.18 -42.30 -5.96
C PRO A 305 10.77 -43.49 -6.80
N ARG A 306 11.62 -44.51 -6.92
CA ARG A 306 11.23 -45.73 -7.61
C ARG A 306 10.19 -46.52 -6.84
N HIS A 307 9.99 -46.22 -5.57
CA HIS A 307 8.97 -46.86 -4.76
C HIS A 307 7.62 -46.17 -4.86
N GLY A 308 7.52 -45.09 -5.62
CA GLY A 308 6.27 -44.39 -5.82
C GLY A 308 6.16 -43.82 -7.21
N ARG A 309 5.24 -42.87 -7.40
CA ARG A 309 5.04 -42.22 -8.69
C ARG A 309 5.17 -40.71 -8.52
N TYR A 310 5.83 -40.07 -9.47
CA TYR A 310 5.89 -38.62 -9.50
C TYR A 310 4.54 -38.06 -9.92
N LEU A 311 3.93 -37.25 -9.07
CA LEU A 311 2.73 -36.53 -9.49
C LEU A 311 3.11 -35.36 -10.39
N THR A 312 3.91 -34.43 -9.87
CA THR A 312 4.43 -33.32 -10.64
C THR A 312 5.89 -33.11 -10.30
N VAL A 313 6.63 -32.53 -11.24
CA VAL A 313 8.06 -32.29 -11.08
C VAL A 313 8.35 -30.87 -11.57
N ALA A 314 9.09 -30.10 -10.77
CA ALA A 314 9.51 -28.77 -11.17
C ALA A 314 11.01 -28.79 -11.44
N ALA A 315 11.41 -28.26 -12.59
CA ALA A 315 12.82 -28.20 -12.99
C ALA A 315 13.18 -26.75 -13.25
N ILE A 316 13.96 -26.17 -12.34
CA ILE A 316 14.40 -24.78 -12.44
C ILE A 316 15.81 -24.79 -13.00
N PHE A 317 16.00 -24.18 -14.15
CA PHE A 317 17.30 -24.17 -14.81
C PHE A 317 17.90 -22.77 -14.78
N ARG A 318 19.22 -22.70 -14.61
CA ARG A 318 19.93 -21.43 -14.56
C ARG A 318 21.08 -21.48 -15.56
N GLY A 319 21.30 -20.37 -16.25
CA GLY A 319 22.38 -20.25 -17.19
C GLY A 319 21.89 -20.08 -18.62
N ARG A 320 22.83 -19.66 -19.48
CA ARG A 320 22.55 -19.50 -20.90
C ARG A 320 22.35 -20.88 -21.51
N MET A 321 21.08 -21.24 -21.75
CA MET A 321 20.71 -22.59 -22.11
C MET A 321 19.77 -22.57 -23.30
N SER A 322 19.79 -23.66 -24.06
CA SER A 322 18.90 -23.80 -25.20
C SER A 322 17.58 -24.41 -24.77
N MET A 323 16.48 -23.82 -25.24
CA MET A 323 15.16 -24.29 -24.82
C MET A 323 14.84 -25.67 -25.40
N LYS A 324 15.24 -25.92 -26.65
CA LYS A 324 14.96 -27.21 -27.26
C LYS A 324 15.65 -28.36 -26.53
N GLU A 325 16.91 -28.17 -26.16
CA GLU A 325 17.64 -29.23 -25.46
C GLU A 325 17.01 -29.55 -24.12
N VAL A 326 16.60 -28.51 -23.38
CA VAL A 326 15.94 -28.70 -22.11
C VAL A 326 14.62 -29.44 -22.27
N ASP A 327 13.80 -29.01 -23.24
CA ASP A 327 12.50 -29.64 -23.44
C ASP A 327 12.62 -31.08 -23.92
N GLU A 328 13.58 -31.35 -24.81
CA GLU A 328 13.74 -32.72 -25.28
C GLU A 328 14.32 -33.61 -24.18
N GLN A 329 15.14 -33.07 -23.28
CA GLN A 329 15.59 -33.85 -22.14
C GLN A 329 14.45 -34.17 -21.19
N MET A 330 13.56 -33.20 -20.94
CA MET A 330 12.40 -33.46 -20.08
C MET A 330 11.48 -34.51 -20.71
N LEU A 331 11.26 -34.41 -22.02
CA LEU A 331 10.45 -35.38 -22.73
C LEU A 331 11.06 -36.76 -22.72
N ASN A 332 12.39 -36.87 -22.89
CA ASN A 332 13.06 -38.17 -22.81
C ASN A 332 12.96 -38.78 -21.43
N VAL A 333 13.08 -37.94 -20.39
CA VAL A 333 12.94 -38.43 -19.02
C VAL A 333 11.53 -38.98 -18.79
N GLN A 334 10.51 -38.26 -19.26
CA GLN A 334 9.15 -38.76 -19.05
C GLN A 334 8.83 -39.97 -19.92
N ASN A 335 9.42 -40.06 -21.10
CA ASN A 335 9.15 -41.20 -21.98
C ASN A 335 9.85 -42.47 -21.50
N LYS A 336 11.11 -42.36 -21.10
CA LYS A 336 11.86 -43.55 -20.70
C LYS A 336 11.44 -44.08 -19.33
N ASN A 337 10.98 -43.20 -18.45
CA ASN A 337 10.59 -43.57 -17.10
C ASN A 337 9.09 -43.38 -16.89
N SER A 338 8.28 -43.82 -17.86
CA SER A 338 6.85 -43.63 -17.81
C SER A 338 6.18 -44.40 -16.68
N SER A 339 6.81 -45.47 -16.20
CA SER A 339 6.26 -46.20 -15.06
C SER A 339 6.40 -45.44 -13.76
N TYR A 340 7.32 -44.49 -13.68
CA TYR A 340 7.54 -43.70 -12.48
C TYR A 340 6.78 -42.38 -12.50
N PHE A 341 6.03 -42.10 -13.56
CA PHE A 341 5.22 -40.90 -13.66
C PHE A 341 3.75 -41.30 -13.70
N VAL A 342 2.91 -40.49 -13.06
CA VAL A 342 1.49 -40.84 -12.97
C VAL A 342 0.81 -40.55 -14.29
N GLU A 343 -0.18 -41.37 -14.64
CA GLU A 343 -0.67 -41.43 -16.02
C GLU A 343 -1.79 -40.45 -16.32
N TRP A 344 -2.52 -39.96 -15.32
CA TRP A 344 -3.62 -39.04 -15.57
C TRP A 344 -3.19 -37.58 -15.55
N ILE A 345 -1.89 -37.31 -15.40
CA ILE A 345 -1.33 -36.00 -15.65
C ILE A 345 -0.38 -36.10 -16.83
N PRO A 346 -0.78 -35.64 -18.01
CA PRO A 346 0.15 -35.64 -19.14
C PRO A 346 1.19 -34.54 -19.00
N ASN A 347 2.45 -34.93 -19.21
CA ASN A 347 3.63 -34.07 -19.03
C ASN A 347 3.65 -33.48 -17.61
N ASN A 348 3.95 -34.37 -16.67
CA ASN A 348 4.04 -34.07 -15.25
C ASN A 348 5.08 -33.00 -14.91
N VAL A 349 6.05 -32.74 -15.78
CA VAL A 349 7.20 -31.93 -15.46
C VAL A 349 6.97 -30.48 -15.91
N LYS A 350 7.25 -29.54 -15.01
CA LYS A 350 7.29 -28.13 -15.33
C LYS A 350 8.74 -27.68 -15.52
N THR A 351 8.97 -26.84 -16.52
CA THR A 351 10.29 -26.30 -16.82
C THR A 351 10.29 -24.79 -16.61
N ALA A 352 11.36 -24.28 -15.98
CA ALA A 352 11.64 -22.86 -15.94
C ALA A 352 13.13 -22.65 -16.12
N VAL A 353 13.51 -21.65 -16.92
CA VAL A 353 14.90 -21.41 -17.28
C VAL A 353 15.24 -19.96 -16.94
N CYS A 354 16.32 -19.77 -16.20
CA CYS A 354 16.81 -18.45 -15.83
C CYS A 354 18.16 -18.20 -16.50
N ASP A 355 18.42 -16.93 -16.85
CA ASP A 355 19.63 -16.61 -17.58
C ASP A 355 20.87 -16.59 -16.71
N ILE A 356 20.75 -16.25 -15.44
CA ILE A 356 21.90 -16.02 -14.56
C ILE A 356 22.21 -17.31 -13.83
N PRO A 357 23.39 -17.90 -14.03
CA PRO A 357 23.77 -19.10 -13.29
C PRO A 357 24.33 -18.73 -11.93
N PRO A 358 24.50 -19.70 -11.03
CA PRO A 358 25.18 -19.42 -9.76
C PRO A 358 26.64 -19.08 -9.97
N ARG A 359 27.26 -18.58 -8.91
CA ARG A 359 28.63 -18.12 -8.98
C ARG A 359 29.58 -19.31 -9.15
N GLY A 360 30.51 -19.19 -10.10
CA GLY A 360 31.47 -20.25 -10.35
C GLY A 360 30.89 -21.46 -11.07
N LEU A 361 29.74 -21.31 -11.71
CA LEU A 361 29.10 -22.40 -12.44
C LEU A 361 28.55 -21.87 -13.75
N LYS A 362 28.79 -22.61 -14.84
CA LYS A 362 28.24 -22.22 -16.13
C LYS A 362 26.72 -22.40 -16.18
N MET A 363 26.23 -23.49 -15.60
CA MET A 363 24.79 -23.74 -15.57
C MET A 363 24.47 -24.59 -14.36
N SER A 364 23.21 -24.53 -13.93
CA SER A 364 22.78 -25.28 -12.77
C SER A 364 21.30 -25.59 -12.89
N ALA A 365 20.87 -26.62 -12.17
CA ALA A 365 19.48 -27.06 -12.18
C ALA A 365 19.00 -27.31 -10.75
N THR A 366 17.73 -27.03 -10.52
CA THR A 366 17.09 -27.30 -9.24
C THR A 366 15.90 -28.22 -9.46
N PHE A 367 15.90 -29.35 -8.76
CA PHE A 367 14.83 -30.33 -8.84
C PHE A 367 13.86 -30.09 -7.71
N ILE A 368 12.57 -30.04 -8.03
CA ILE A 368 11.51 -30.03 -7.02
C ILE A 368 10.49 -31.06 -7.47
N GLY A 369 10.34 -32.11 -6.69
CA GLY A 369 9.47 -33.21 -7.11
C GLY A 369 8.38 -33.54 -6.13
N ASN A 370 7.16 -33.70 -6.64
CA ASN A 370 6.01 -34.08 -5.82
C ASN A 370 5.74 -35.56 -6.09
N SER A 371 6.38 -36.41 -5.29
CA SER A 371 6.29 -37.85 -5.48
C SER A 371 5.41 -38.47 -4.41
N THR A 372 4.76 -39.58 -4.76
CA THR A 372 4.01 -40.35 -3.79
C THR A 372 4.91 -41.19 -2.90
N ALA A 373 6.21 -41.25 -3.19
CA ALA A 373 7.16 -41.93 -2.34
C ALA A 373 7.46 -41.17 -1.05
N ILE A 374 6.96 -39.93 -0.93
CA ILE A 374 7.14 -39.16 0.30
C ILE A 374 6.33 -39.73 1.46
N GLN A 375 5.40 -40.65 1.20
CA GLN A 375 4.65 -41.29 2.27
C GLN A 375 5.53 -42.20 3.13
N GLU A 376 6.64 -42.70 2.57
CA GLU A 376 7.53 -43.57 3.34
C GLU A 376 8.16 -42.82 4.51
N LEU A 377 8.56 -41.58 4.27
CA LEU A 377 9.06 -40.72 5.35
C LEU A 377 8.01 -40.52 6.42
N PHE A 378 6.74 -40.41 6.03
CA PHE A 378 5.69 -40.28 7.01
C PHE A 378 5.33 -41.60 7.67
N LYS A 379 5.42 -42.72 6.95
CA LYS A 379 5.15 -44.02 7.58
C LYS A 379 6.20 -44.37 8.63
N ARG A 380 7.46 -44.02 8.38
CA ARG A 380 8.50 -44.26 9.38
C ARG A 380 8.26 -43.49 10.66
N ILE A 381 7.91 -42.20 10.53
CA ILE A 381 7.56 -41.39 11.70
C ILE A 381 6.29 -41.92 12.36
N SER A 382 5.35 -42.43 11.56
CA SER A 382 4.10 -42.93 12.11
C SER A 382 4.33 -44.19 12.97
N GLU A 383 5.14 -45.12 12.47
CA GLU A 383 5.39 -46.32 13.26
C GLU A 383 6.26 -46.01 14.49
N GLN A 384 7.20 -45.07 14.36
CA GLN A 384 7.99 -44.66 15.51
C GLN A 384 7.12 -43.96 16.55
N PHE A 385 6.15 -43.17 16.10
CA PHE A 385 5.19 -42.53 17.00
C PHE A 385 4.33 -43.56 17.69
N THR A 386 3.85 -44.56 16.95
CA THR A 386 2.94 -45.55 17.53
C THR A 386 3.65 -46.42 18.56
N ALA A 387 4.93 -46.74 18.32
CA ALA A 387 5.69 -47.49 19.32
C ALA A 387 5.85 -46.70 20.61
N MET A 388 6.09 -45.39 20.52
CA MET A 388 6.26 -44.59 21.72
C MET A 388 4.94 -44.32 22.41
N PHE A 389 3.86 -44.16 21.64
CA PHE A 389 2.57 -43.73 22.17
C PHE A 389 1.74 -44.88 22.70
N ARG A 390 2.00 -46.11 22.24
CA ARG A 390 1.24 -47.26 22.74
C ARG A 390 1.51 -47.49 24.22
N ARG A 391 2.72 -47.21 24.67
CA ARG A 391 3.11 -47.38 26.06
C ARG A 391 3.14 -46.06 26.83
N LYS A 392 2.60 -44.98 26.24
CA LYS A 392 2.45 -43.67 26.88
C LYS A 392 3.80 -43.07 27.30
N ALA A 393 4.84 -43.36 26.54
CA ALA A 393 6.19 -42.94 26.92
C ALA A 393 6.37 -41.44 26.71
N PHE A 394 7.12 -40.82 27.63
CA PHE A 394 7.53 -39.42 27.59
C PHE A 394 6.35 -38.45 27.51
N LEU A 395 5.16 -38.87 27.90
CA LEU A 395 3.99 -38.03 27.73
C LEU A 395 3.79 -37.05 28.87
N HIS A 396 4.37 -37.32 30.04
CA HIS A 396 4.22 -36.41 31.17
C HIS A 396 4.93 -35.10 30.95
N TRP A 397 5.93 -35.06 30.07
CA TRP A 397 6.53 -33.79 29.69
C TRP A 397 5.56 -32.96 28.85
N TYR A 398 4.87 -33.60 27.91
CA TYR A 398 3.91 -32.90 27.07
C TYR A 398 2.62 -32.58 27.82
N THR A 399 2.11 -33.54 28.60
CA THR A 399 0.87 -33.33 29.34
C THR A 399 1.05 -32.29 30.43
N GLY A 400 2.21 -32.27 31.08
CA GLY A 400 2.47 -31.32 32.15
C GLY A 400 2.63 -29.88 31.69
N GLU A 401 2.82 -29.65 30.39
CA GLU A 401 2.94 -28.31 29.85
C GLU A 401 1.64 -27.81 29.23
N GLY A 402 0.55 -28.56 29.36
CA GLY A 402 -0.74 -28.14 28.86
C GLY A 402 -1.38 -29.05 27.85
N MET A 403 -0.69 -30.06 27.34
CA MET A 403 -1.30 -30.87 26.31
C MET A 403 -2.07 -32.05 26.90
N ASP A 404 -2.64 -32.85 26.01
CA ASP A 404 -3.51 -33.97 26.35
C ASP A 404 -3.26 -35.08 25.33
N GLU A 405 -3.71 -36.30 25.67
CA GLU A 405 -3.56 -37.43 24.76
C GLU A 405 -4.39 -37.27 23.48
N MET A 406 -5.44 -36.46 23.54
CA MET A 406 -6.42 -36.42 22.45
C MET A 406 -5.80 -35.87 21.18
N GLU A 407 -5.12 -34.73 21.27
CA GLU A 407 -4.51 -34.15 20.07
C GLU A 407 -3.34 -34.97 19.55
N PHE A 408 -2.70 -35.77 20.40
CA PHE A 408 -1.83 -36.82 19.86
C PHE A 408 -2.62 -37.80 19.00
N THR A 409 -3.81 -38.19 19.46
CA THR A 409 -4.62 -39.12 18.66
C THR A 409 -5.06 -38.50 17.33
N GLU A 410 -5.50 -37.23 17.32
CA GLU A 410 -5.83 -36.62 16.02
C GLU A 410 -4.59 -36.44 15.16
N ALA A 411 -3.44 -36.11 15.75
CA ALA A 411 -2.22 -35.95 14.95
C ALA A 411 -1.83 -37.22 14.23
N GLU A 412 -1.83 -38.36 14.94
CA GLU A 412 -1.60 -39.64 14.30
C GLU A 412 -2.68 -39.95 13.27
N SER A 413 -3.94 -39.63 13.58
CA SER A 413 -5.05 -39.96 12.68
C SER A 413 -4.92 -39.22 11.35
N ASN A 414 -4.70 -37.91 11.39
CA ASN A 414 -4.67 -37.18 10.12
C ASN A 414 -3.33 -37.31 9.42
N MET A 415 -2.25 -37.66 10.13
CA MET A 415 -1.02 -37.94 9.41
C MET A 415 -1.11 -39.29 8.69
N ASN A 416 -1.78 -40.26 9.30
CA ASN A 416 -2.11 -41.49 8.58
C ASN A 416 -3.08 -41.20 7.44
N ASP A 417 -3.97 -40.22 7.60
CA ASP A 417 -4.84 -39.81 6.50
C ASP A 417 -4.06 -39.22 5.33
N LEU A 418 -3.02 -38.43 5.63
CA LEU A 418 -2.14 -37.92 4.58
C LEU A 418 -1.40 -39.05 3.87
N VAL A 419 -0.94 -40.04 4.63
CA VAL A 419 -0.33 -41.23 4.03
C VAL A 419 -1.32 -41.94 3.12
N SER A 420 -2.57 -42.08 3.57
CA SER A 420 -3.59 -42.73 2.75
C SER A 420 -3.94 -41.93 1.51
N GLU A 421 -3.90 -40.60 1.59
CA GLU A 421 -4.14 -39.77 0.40
C GLU A 421 -3.04 -39.95 -0.62
N TYR A 422 -1.78 -39.92 -0.18
CA TYR A 422 -0.68 -40.18 -1.11
C TYR A 422 -0.74 -41.60 -1.67
N GLN A 423 -1.22 -42.56 -0.88
CA GLN A 423 -1.35 -43.92 -1.37
C GLN A 423 -2.46 -44.06 -2.41
N GLN A 424 -3.60 -43.41 -2.20
CA GLN A 424 -4.69 -43.53 -3.16
C GLN A 424 -4.35 -42.80 -4.45
N TYR A 425 -3.55 -41.75 -4.37
CA TYR A 425 -3.14 -41.10 -5.61
C TYR A 425 -1.91 -41.73 -6.22
N GLN A 426 -1.25 -42.66 -5.52
CA GLN A 426 -0.19 -43.44 -6.13
C GLN A 426 -0.77 -44.49 -7.09
N ASP A 427 -1.87 -45.13 -6.70
CA ASP A 427 -2.48 -46.27 -7.40
C ASP A 427 -1.48 -47.39 -7.67
N MET B 1 8.47 39.87 18.33
CA MET B 1 7.75 39.06 17.36
C MET B 1 7.55 37.64 17.85
N ARG B 2 6.38 37.39 18.45
CA ARG B 2 5.95 36.07 18.91
C ARG B 2 6.93 35.46 19.92
N GLU B 3 7.35 36.28 20.88
CA GLU B 3 8.29 35.84 21.88
C GLU B 3 7.66 34.85 22.86
N ILE B 4 8.48 33.96 23.40
CA ILE B 4 8.06 32.97 24.37
C ILE B 4 8.83 33.19 25.66
N VAL B 5 8.10 33.34 26.76
CA VAL B 5 8.70 33.47 28.09
C VAL B 5 8.74 32.09 28.73
N HIS B 6 9.93 31.65 29.12
CA HIS B 6 10.13 30.31 29.66
C HIS B 6 10.31 30.38 31.16
N ILE B 7 9.58 29.52 31.89
CA ILE B 7 9.63 29.50 33.35
C ILE B 7 9.96 28.08 33.78
N GLN B 8 10.76 27.96 34.85
CA GLN B 8 11.28 26.67 35.29
C GLN B 8 11.03 26.55 36.79
N ALA B 9 10.27 25.54 37.20
CA ALA B 9 9.87 25.40 38.59
C ALA B 9 10.30 24.04 39.12
N GLY B 10 10.92 24.04 40.31
CA GLY B 10 11.32 22.81 40.95
C GLY B 10 12.62 22.27 40.40
N GLN B 11 13.12 21.22 41.04
CA GLN B 11 14.37 20.61 40.61
C GLN B 11 14.22 19.94 39.26
N CYS B 12 13.14 19.18 39.07
CA CYS B 12 12.90 18.53 37.79
C CYS B 12 12.70 19.54 36.68
N GLY B 13 11.92 20.59 36.95
CA GLY B 13 11.71 21.63 35.95
C GLY B 13 12.99 22.37 35.62
N ASN B 14 13.83 22.64 36.63
CA ASN B 14 15.10 23.32 36.40
C ASN B 14 16.05 22.48 35.57
N GLN B 15 16.14 21.18 35.85
CA GLN B 15 17.05 20.33 35.08
C GLN B 15 16.57 20.13 33.65
N ILE B 16 15.26 19.89 33.48
CA ILE B 16 14.72 19.74 32.13
C ILE B 16 14.88 21.03 31.34
N GLY B 17 14.63 22.17 31.97
CA GLY B 17 14.80 23.44 31.28
C GLY B 17 16.24 23.77 30.99
N ALA B 18 17.17 23.34 31.85
CA ALA B 18 18.58 23.53 31.55
C ALA B 18 19.00 22.74 30.32
N LYS B 19 18.56 21.48 30.23
CA LYS B 19 18.85 20.69 29.04
C LYS B 19 18.15 21.29 27.80
N PHE B 20 16.96 21.83 27.99
CA PHE B 20 16.23 22.47 26.90
C PHE B 20 16.94 23.71 26.40
N TRP B 21 17.46 24.53 27.31
CA TRP B 21 18.19 25.71 26.88
C TRP B 21 19.51 25.34 26.24
N GLU B 22 20.12 24.24 26.68
CA GLU B 22 21.31 23.74 26.01
C GLU B 22 21.01 23.34 24.57
N VAL B 23 19.89 22.65 24.34
CA VAL B 23 19.61 22.18 22.99
C VAL B 23 19.12 23.34 22.10
N ILE B 24 18.45 24.34 22.66
CA ILE B 24 18.09 25.51 21.86
C ILE B 24 19.33 26.33 21.52
N SER B 25 20.26 26.48 22.47
CA SER B 25 21.50 27.20 22.17
C SER B 25 22.35 26.45 21.16
N ASP B 26 22.28 25.12 21.15
CA ASP B 26 22.93 24.35 20.10
C ASP B 26 22.22 24.56 18.76
N GLU B 27 20.89 24.70 18.79
CA GLU B 27 20.14 24.87 17.55
C GLU B 27 20.37 26.23 16.91
N HIS B 28 20.43 27.28 17.72
CA HIS B 28 20.64 28.64 17.23
C HIS B 28 22.11 29.03 17.17
N GLY B 29 23.01 28.11 17.47
CA GLY B 29 24.43 28.42 17.43
C GLY B 29 24.91 29.38 18.49
N ILE B 30 24.41 29.24 19.72
CA ILE B 30 24.82 30.09 20.83
C ILE B 30 25.83 29.31 21.68
N ASP B 31 26.98 29.92 21.91
CA ASP B 31 28.04 29.31 22.69
C ASP B 31 27.69 29.38 24.18
N PRO B 32 28.40 28.63 25.04
CA PRO B 32 28.16 28.79 26.49
C PRO B 32 28.51 30.15 27.06
N THR B 33 29.14 31.05 26.30
CA THR B 33 29.33 32.42 26.74
C THR B 33 28.23 33.35 26.27
N GLY B 34 27.27 32.85 25.48
CA GLY B 34 26.12 33.62 25.07
C GLY B 34 26.22 34.36 23.76
N SER B 35 27.28 34.17 22.99
CA SER B 35 27.47 34.87 21.73
C SER B 35 27.17 33.95 20.56
N TYR B 36 26.74 34.55 19.44
CA TYR B 36 26.37 33.78 18.27
C TYR B 36 27.61 33.28 17.55
N HIS B 37 27.63 31.98 17.23
CA HIS B 37 28.74 31.37 16.50
C HIS B 37 28.23 30.38 15.47
N GLY B 38 27.02 30.59 14.95
CA GLY B 38 26.45 29.72 13.95
C GLY B 38 26.97 30.02 12.57
N ASP B 39 26.42 29.31 11.60
CA ASP B 39 26.81 29.45 10.20
C ASP B 39 25.69 29.97 9.31
N SER B 40 24.46 29.53 9.53
CA SER B 40 23.35 29.95 8.69
C SER B 40 22.76 31.26 9.19
N ASP B 41 22.19 32.03 8.25
CA ASP B 41 21.53 33.27 8.61
C ASP B 41 20.12 33.02 9.15
N LEU B 42 19.58 31.82 8.97
CA LEU B 42 18.28 31.50 9.53
C LEU B 42 18.34 31.32 11.04
N GLN B 43 19.53 31.14 11.61
CA GLN B 43 19.66 30.97 13.06
C GLN B 43 19.50 32.29 13.80
N LEU B 44 19.57 33.42 13.11
CA LEU B 44 19.48 34.72 13.75
C LEU B 44 18.22 35.49 13.39
N GLU B 45 17.44 35.01 12.42
CA GLU B 45 16.22 35.73 12.04
C GLU B 45 15.19 35.70 13.16
N ARG B 46 15.03 34.57 13.81
CA ARG B 46 14.07 34.40 14.89
C ARG B 46 14.78 34.06 16.20
N ILE B 47 15.90 34.74 16.46
CA ILE B 47 16.61 34.54 17.72
C ILE B 47 15.82 35.16 18.88
N ASN B 48 14.93 36.10 18.59
CA ASN B 48 14.26 36.86 19.64
C ASN B 48 13.12 36.10 20.31
N VAL B 49 12.71 34.96 19.75
CA VAL B 49 11.60 34.20 20.34
C VAL B 49 11.99 33.64 21.70
N TYR B 50 13.26 33.29 21.90
CA TYR B 50 13.72 32.74 23.16
C TYR B 50 14.81 33.57 23.81
N TYR B 51 15.49 34.43 23.07
CA TYR B 51 16.65 35.15 23.56
C TYR B 51 16.41 36.65 23.49
N ASN B 52 16.92 37.36 24.49
CA ASN B 52 16.96 38.81 24.48
C ASN B 52 18.32 39.27 23.98
N GLU B 53 18.36 40.49 23.45
CA GLU B 53 19.58 41.07 22.94
C GLU B 53 20.28 41.83 24.07
N ALA B 54 21.55 41.55 24.28
CA ALA B 54 22.38 42.29 25.21
C ALA B 54 23.50 42.99 24.45
N THR B 55 24.16 43.92 25.13
CA THR B 55 25.24 44.67 24.51
C THR B 55 26.45 43.77 24.29
N GLY B 56 26.98 43.79 23.07
CA GLY B 56 28.12 43.00 22.71
C GLY B 56 27.83 41.74 21.92
N ASN B 57 26.75 41.75 21.11
CA ASN B 57 26.33 40.60 20.31
C ASN B 57 26.12 39.35 21.16
N LYS B 58 25.57 39.54 22.35
CA LYS B 58 25.36 38.48 23.32
C LYS B 58 23.87 38.30 23.57
N TYR B 59 23.42 37.04 23.54
CA TYR B 59 22.01 36.71 23.68
C TYR B 59 21.78 36.00 25.00
N VAL B 60 20.87 36.54 25.79
CA VAL B 60 20.51 35.97 27.09
C VAL B 60 19.13 35.33 26.96
N PRO B 61 18.91 34.15 27.53
CA PRO B 61 17.59 33.52 27.42
C PRO B 61 16.51 34.28 28.16
N ARG B 62 15.28 34.15 27.67
CA ARG B 62 14.12 34.74 28.34
C ARG B 62 13.54 33.74 29.35
N ALA B 63 14.42 33.26 30.23
CA ALA B 63 14.10 32.20 31.17
C ALA B 63 14.02 32.75 32.58
N ILE B 64 13.16 32.15 33.39
CA ILE B 64 13.03 32.50 34.81
C ILE B 64 13.28 31.24 35.62
N LEU B 65 14.25 31.31 36.52
CA LEU B 65 14.69 30.19 37.34
C LEU B 65 14.00 30.27 38.70
N VAL B 66 13.06 29.37 38.96
CA VAL B 66 12.29 29.37 40.19
C VAL B 66 12.54 28.07 40.93
N ASP B 67 12.88 28.18 42.21
CA ASP B 67 12.89 27.04 43.11
C ASP B 67 12.80 27.56 44.54
N LEU B 68 12.48 26.66 45.45
CA LEU B 68 12.51 26.97 46.87
C LEU B 68 13.78 26.48 47.54
N GLU B 69 14.70 25.89 46.78
CA GLU B 69 15.99 25.45 47.27
C GLU B 69 17.09 26.11 46.46
N PRO B 70 18.03 26.81 47.11
CA PRO B 70 19.14 27.44 46.36
C PRO B 70 20.14 26.44 45.81
N GLY B 71 20.11 25.19 46.26
CA GLY B 71 21.04 24.19 45.74
C GLY B 71 20.81 23.91 44.27
N THR B 72 19.54 23.89 43.84
CA THR B 72 19.24 23.74 42.43
C THR B 72 19.72 24.93 41.61
N MET B 73 19.63 26.14 42.17
CA MET B 73 20.17 27.32 41.50
C MET B 73 21.67 27.21 41.33
N ASP B 74 22.38 26.74 42.37
CA ASP B 74 23.82 26.55 42.26
C ASP B 74 24.17 25.47 41.25
N SER B 75 23.39 24.39 41.21
CA SER B 75 23.65 23.32 40.25
C SER B 75 23.41 23.76 38.82
N VAL B 76 22.36 24.57 38.60
CA VAL B 76 22.09 25.08 37.26
C VAL B 76 23.16 26.07 36.83
N ARG B 77 23.56 26.97 37.73
CA ARG B 77 24.56 27.98 37.39
C ARG B 77 25.93 27.36 37.13
N SER B 78 26.31 26.36 37.93
CA SER B 78 27.63 25.75 37.79
C SER B 78 27.71 24.73 36.65
N GLY B 79 26.58 24.35 36.07
CA GLY B 79 26.60 23.40 34.99
C GLY B 79 26.95 24.03 33.67
N PRO B 80 26.96 23.21 32.62
CA PRO B 80 27.16 23.75 31.27
C PRO B 80 25.99 24.61 30.84
N PHE B 81 26.30 25.64 30.06
CA PHE B 81 25.36 26.66 29.61
C PHE B 81 24.68 27.37 30.78
N GLY B 82 25.36 27.45 31.93
CA GLY B 82 24.78 28.06 33.10
C GLY B 82 25.17 29.51 33.24
N GLN B 83 26.16 29.93 32.45
CA GLN B 83 26.64 31.30 32.49
C GLN B 83 25.89 32.21 31.53
N ILE B 84 24.94 31.67 30.76
CA ILE B 84 24.17 32.50 29.85
C ILE B 84 22.91 33.07 30.49
N PHE B 85 22.42 32.47 31.57
CA PHE B 85 21.19 32.93 32.19
C PHE B 85 21.42 34.21 32.96
N ARG B 86 20.41 35.08 32.95
CA ARG B 86 20.50 36.34 33.67
C ARG B 86 20.43 36.09 35.18
N PRO B 87 21.40 36.59 35.95
CA PRO B 87 21.39 36.34 37.40
C PRO B 87 20.20 36.96 38.11
N ASP B 88 19.60 38.00 37.54
CA ASP B 88 18.40 38.57 38.13
C ASP B 88 17.19 37.67 37.94
N ASN B 89 17.27 36.67 37.07
CA ASN B 89 16.16 35.74 36.84
C ASN B 89 16.22 34.53 37.75
N PHE B 90 17.30 34.34 38.49
CA PHE B 90 17.40 33.25 39.46
C PHE B 90 16.65 33.67 40.71
N VAL B 91 15.41 33.21 40.86
CA VAL B 91 14.58 33.55 42.00
C VAL B 91 14.46 32.30 42.86
N PHE B 92 14.97 32.39 44.09
CA PHE B 92 15.03 31.22 44.96
C PHE B 92 14.64 31.59 46.38
N GLY B 93 14.10 30.60 47.09
CA GLY B 93 13.89 30.69 48.52
C GLY B 93 15.06 30.12 49.26
N GLN B 94 14.82 29.73 50.51
CA GLN B 94 15.86 29.15 51.34
C GLN B 94 15.45 27.90 52.11
N SER B 95 14.17 27.60 52.20
CA SER B 95 13.70 26.49 53.03
C SER B 95 13.37 25.24 52.24
N GLY B 96 12.76 25.39 51.07
CA GLY B 96 12.29 24.21 50.36
C GLY B 96 10.87 23.87 50.72
N ALA B 97 10.14 23.32 49.73
CA ALA B 97 8.73 23.04 49.93
C ALA B 97 8.48 21.82 50.79
N GLY B 98 9.45 20.93 50.91
CA GLY B 98 9.29 19.74 51.72
C GLY B 98 8.28 18.75 51.19
N ASN B 99 8.20 18.62 49.86
CA ASN B 99 7.24 17.73 49.18
C ASN B 99 5.79 18.02 49.61
N ASN B 100 5.49 19.28 49.88
CA ASN B 100 4.18 19.68 50.37
C ASN B 100 3.56 20.65 49.37
N TRP B 101 2.39 20.28 48.84
CA TRP B 101 1.68 21.17 47.93
C TRP B 101 1.18 22.40 48.67
N ALA B 102 0.77 22.23 49.94
CA ALA B 102 0.28 23.35 50.73
C ALA B 102 1.39 24.37 50.98
N LYS B 103 2.59 23.92 51.32
CA LYS B 103 3.69 24.85 51.53
C LYS B 103 4.09 25.54 50.24
N GLY B 104 4.10 24.80 49.12
CA GLY B 104 4.47 25.40 47.85
C GLY B 104 3.43 26.35 47.31
N HIS B 105 2.18 26.22 47.75
CA HIS B 105 1.10 27.00 47.19
C HIS B 105 0.62 28.14 48.08
N TYR B 106 0.62 27.97 49.39
CA TYR B 106 -0.07 28.90 50.28
C TYR B 106 0.89 29.68 51.19
N THR B 107 1.71 28.99 51.97
CA THR B 107 2.41 29.64 53.07
C THR B 107 3.87 29.97 52.76
N GLU B 108 4.54 29.17 51.94
CA GLU B 108 5.93 29.46 51.60
C GLU B 108 6.06 30.01 50.19
N GLY B 109 5.18 29.62 49.28
CA GLY B 109 5.22 30.12 47.92
C GLY B 109 4.66 31.51 47.73
N ALA B 110 3.88 32.02 48.69
CA ALA B 110 3.24 33.32 48.52
C ALA B 110 4.26 34.46 48.58
N GLU B 111 5.29 34.30 49.41
CA GLU B 111 6.30 35.35 49.51
C GLU B 111 7.21 35.39 48.30
N LEU B 112 7.42 34.25 47.65
CA LEU B 112 8.34 34.18 46.52
C LEU B 112 7.65 34.43 45.19
N VAL B 113 6.35 34.15 45.11
CA VAL B 113 5.62 34.31 43.86
C VAL B 113 5.52 35.79 43.46
N ASP B 114 5.60 36.72 44.40
CA ASP B 114 5.62 38.13 44.04
C ASP B 114 6.91 38.51 43.32
N SER B 115 8.04 38.00 43.79
CA SER B 115 9.30 38.23 43.08
C SER B 115 9.29 37.57 41.71
N VAL B 116 8.74 36.36 41.61
CA VAL B 116 8.65 35.70 40.31
C VAL B 116 7.75 36.49 39.37
N LEU B 117 6.65 37.04 39.89
CA LEU B 117 5.76 37.85 39.08
C LEU B 117 6.43 39.14 38.61
N ASP B 118 7.25 39.77 39.47
CA ASP B 118 7.99 40.95 39.05
C ASP B 118 8.98 40.61 37.94
N VAL B 119 9.69 39.49 38.06
CA VAL B 119 10.65 39.10 37.03
C VAL B 119 9.94 38.78 35.72
N VAL B 120 8.83 38.04 35.78
CA VAL B 120 8.14 37.69 34.54
C VAL B 120 7.42 38.89 33.94
N ARG B 121 7.08 39.90 34.74
CA ARG B 121 6.57 41.15 34.18
C ARG B 121 7.68 41.91 33.48
N LYS B 122 8.87 41.93 34.07
CA LYS B 122 10.00 42.60 33.42
C LYS B 122 10.34 41.93 32.09
N GLU B 123 10.30 40.60 32.04
CA GLU B 123 10.46 39.91 30.76
C GLU B 123 9.26 40.11 29.84
N SER B 124 8.06 40.33 30.38
CA SER B 124 6.89 40.48 29.53
C SER B 124 6.88 41.81 28.79
N GLU B 125 7.17 42.91 29.47
CA GLU B 125 7.36 44.15 28.73
C GLU B 125 8.79 44.37 28.24
N SER B 126 9.69 43.40 28.43
CA SER B 126 10.97 43.46 27.73
C SER B 126 10.83 43.07 26.27
N CYS B 127 9.80 42.28 25.94
CA CYS B 127 9.64 41.77 24.58
C CYS B 127 8.60 42.59 23.81
N ASP B 128 8.59 42.41 22.50
CA ASP B 128 7.74 43.24 21.65
C ASP B 128 6.31 42.71 21.59
N CYS B 129 6.12 41.50 21.07
CA CYS B 129 4.80 40.90 20.89
C CYS B 129 4.82 39.53 21.55
N LEU B 130 4.49 39.49 22.83
CA LEU B 130 4.42 38.23 23.56
C LEU B 130 3.27 37.39 23.05
N GLN B 131 3.49 36.10 22.87
CA GLN B 131 2.41 35.20 22.49
C GLN B 131 2.02 34.20 23.57
N GLY B 132 2.89 33.94 24.54
CA GLY B 132 2.53 32.99 25.57
C GLY B 132 3.71 32.65 26.47
N PHE B 133 3.51 31.61 27.25
CA PHE B 133 4.44 31.21 28.30
C PHE B 133 4.67 29.71 28.23
N GLN B 134 5.84 29.29 28.72
CA GLN B 134 6.16 27.88 28.88
C GLN B 134 6.63 27.67 30.31
N LEU B 135 6.03 26.70 30.99
CA LEU B 135 6.45 26.35 32.33
C LEU B 135 6.79 24.87 32.39
N THR B 136 7.99 24.56 32.86
CA THR B 136 8.44 23.20 33.03
C THR B 136 8.53 22.88 34.52
N HIS B 137 7.88 21.80 34.93
CA HIS B 137 7.85 21.40 36.33
C HIS B 137 7.40 19.95 36.41
N SER B 138 7.36 19.44 37.64
CA SER B 138 6.86 18.11 37.92
C SER B 138 5.72 18.21 38.93
N LEU B 139 4.82 17.23 38.86
CA LEU B 139 3.63 17.24 39.70
C LEU B 139 3.74 16.33 40.92
N GLY B 140 4.93 15.80 41.20
CA GLY B 140 5.09 14.93 42.34
C GLY B 140 5.64 15.63 43.57
N GLY B 141 6.18 16.83 43.38
CA GLY B 141 6.86 17.54 44.45
C GLY B 141 5.99 18.60 45.10
N GLY B 142 6.66 19.60 45.66
CA GLY B 142 5.98 20.72 46.27
C GLY B 142 6.30 22.04 45.61
N THR B 143 7.52 22.17 45.09
CA THR B 143 7.88 23.40 44.39
C THR B 143 7.42 23.37 42.94
N GLY B 144 7.60 22.24 42.25
CA GLY B 144 7.02 22.11 40.93
C GLY B 144 5.51 22.14 40.97
N SER B 145 4.91 21.52 41.99
CA SER B 145 3.47 21.44 42.11
C SER B 145 2.86 22.71 42.67
N GLY B 146 3.34 23.20 43.81
CA GLY B 146 2.71 24.33 44.47
C GLY B 146 3.05 25.68 43.89
N MET B 147 4.34 25.96 43.71
CA MET B 147 4.76 27.24 43.12
C MET B 147 4.26 27.36 41.69
N GLY B 148 4.37 26.29 40.90
CA GLY B 148 3.98 26.36 39.50
C GLY B 148 2.50 26.59 39.32
N THR B 149 1.68 25.95 40.16
CA THR B 149 0.23 26.16 40.14
C THR B 149 -0.14 27.61 40.43
N LEU B 150 0.38 28.16 41.52
CA LEU B 150 0.06 29.52 41.91
C LEU B 150 0.59 30.51 40.89
N LEU B 151 1.75 30.22 40.32
CA LEU B 151 2.31 31.05 39.26
C LEU B 151 1.43 31.04 38.02
N ILE B 152 0.94 29.87 37.62
CA ILE B 152 0.05 29.77 36.47
C ILE B 152 -1.22 30.57 36.72
N SER B 153 -1.77 30.47 37.93
CA SER B 153 -2.97 31.21 38.28
C SER B 153 -2.77 32.72 38.19
N LYS B 154 -1.68 33.22 38.77
CA LYS B 154 -1.40 34.66 38.70
C LYS B 154 -1.13 35.13 37.27
N ILE B 155 -0.41 34.35 36.47
CA ILE B 155 -0.11 34.76 35.10
C ILE B 155 -1.39 34.78 34.27
N ARG B 156 -2.26 33.79 34.43
CA ARG B 156 -3.51 33.79 33.70
C ARG B 156 -4.45 34.89 34.17
N GLU B 157 -4.34 35.32 35.43
CA GLU B 157 -5.02 36.54 35.83
C GLU B 157 -4.46 37.75 35.12
N GLU B 158 -3.15 37.82 34.94
CA GLU B 158 -2.55 39.00 34.32
C GLU B 158 -2.55 38.94 32.80
N TYR B 159 -2.38 37.77 32.20
CA TYR B 159 -2.31 37.62 30.75
C TYR B 159 -3.29 36.54 30.31
N PRO B 160 -4.58 36.89 30.17
CA PRO B 160 -5.58 35.87 29.83
C PRO B 160 -5.60 35.50 28.36
N ASP B 161 -5.04 36.32 27.48
CA ASP B 161 -5.10 36.08 26.05
C ASP B 161 -3.86 35.41 25.49
N ARG B 162 -2.92 35.01 26.33
CA ARG B 162 -1.69 34.38 25.86
C ARG B 162 -1.77 32.87 26.04
N ILE B 163 -0.94 32.16 25.29
CA ILE B 163 -1.00 30.70 25.23
C ILE B 163 -0.16 30.12 26.35
N MET B 164 -0.79 29.37 27.24
CA MET B 164 -0.12 28.76 28.39
C MET B 164 0.27 27.34 28.02
N ASN B 165 1.57 27.06 28.05
CA ASN B 165 2.10 25.72 27.81
C ASN B 165 2.78 25.20 29.07
N THR B 166 2.46 23.97 29.44
CA THR B 166 3.15 23.30 30.54
C THR B 166 3.66 21.96 30.06
N PHE B 167 4.95 21.73 30.26
CA PHE B 167 5.54 20.42 30.05
C PHE B 167 5.68 19.81 31.45
N SER B 168 4.61 19.19 31.92
CA SER B 168 4.49 18.72 33.29
C SER B 168 4.86 17.24 33.37
N VAL B 169 5.70 16.89 34.32
CA VAL B 169 6.08 15.51 34.56
C VAL B 169 5.10 14.89 35.54
N MET B 170 4.39 13.90 35.09
CA MET B 170 3.39 13.17 35.85
C MET B 170 4.06 12.19 36.81
N PRO B 171 3.46 11.88 37.95
CA PRO B 171 3.96 10.78 38.77
C PRO B 171 3.34 9.46 38.35
N SER B 172 4.15 8.40 38.32
CA SER B 172 3.65 7.08 38.01
C SER B 172 3.89 6.14 39.18
N PRO B 173 2.94 5.24 39.46
CA PRO B 173 3.09 4.36 40.63
C PRO B 173 4.19 3.33 40.50
N LYS B 174 4.62 3.00 39.28
CA LYS B 174 5.67 2.00 39.10
C LYS B 174 7.04 2.56 39.46
N VAL B 175 7.48 3.61 38.78
CA VAL B 175 8.71 4.33 39.18
C VAL B 175 8.29 5.46 40.10
N SER B 176 8.11 5.12 41.37
CA SER B 176 7.63 6.05 42.38
C SER B 176 8.81 6.53 43.22
N ASP B 177 8.95 7.85 43.34
CA ASP B 177 10.05 8.45 44.07
C ASP B 177 9.64 8.83 45.48
N THR B 178 8.54 9.56 45.65
CA THR B 178 8.11 10.02 46.96
C THR B 178 6.75 9.38 47.31
N VAL B 179 6.28 9.66 48.51
CA VAL B 179 5.09 8.99 49.06
C VAL B 179 3.85 9.83 48.76
N VAL B 180 4.02 11.15 48.69
CA VAL B 180 2.89 12.05 48.63
C VAL B 180 2.65 12.53 47.20
N GLU B 181 3.05 11.73 46.21
CA GLU B 181 2.67 11.98 44.82
C GLU B 181 1.17 12.16 44.59
N PRO B 182 0.25 11.31 45.11
CA PRO B 182 -1.17 11.50 44.76
C PRO B 182 -1.77 12.81 45.23
N TYR B 183 -1.42 13.28 46.43
CA TYR B 183 -1.98 14.52 46.94
C TYR B 183 -1.57 15.72 46.10
N ASN B 184 -0.25 15.85 45.87
CA ASN B 184 0.27 16.95 45.08
C ASN B 184 -0.24 16.88 43.64
N ALA B 185 -0.25 15.69 43.06
CA ALA B 185 -0.71 15.52 41.68
C ALA B 185 -2.18 15.89 41.54
N THR B 186 -3.02 15.48 42.50
CA THR B 186 -4.44 15.79 42.41
C THR B 186 -4.69 17.28 42.59
N LEU B 187 -4.07 17.87 43.61
CA LEU B 187 -4.27 19.30 43.87
C LEU B 187 -3.68 20.16 42.75
N SER B 188 -2.76 19.63 41.96
CA SER B 188 -2.25 20.37 40.82
C SER B 188 -3.06 20.17 39.54
N VAL B 189 -3.49 18.94 39.24
CA VAL B 189 -4.32 18.69 38.05
C VAL B 189 -5.63 19.46 38.15
N HIS B 190 -6.16 19.62 39.38
CA HIS B 190 -7.21 20.59 39.65
C HIS B 190 -7.01 21.92 38.95
N GLN B 191 -5.86 22.54 39.12
CA GLN B 191 -5.71 23.89 38.62
C GLN B 191 -5.15 23.93 37.21
N LEU B 192 -4.49 22.85 36.76
CA LEU B 192 -4.15 22.78 35.35
C LEU B 192 -5.33 22.44 34.45
N VAL B 193 -6.48 22.03 34.99
CA VAL B 193 -7.66 21.92 34.14
C VAL B 193 -8.08 23.28 33.59
N GLU B 194 -8.25 24.27 34.46
CA GLU B 194 -8.88 25.51 33.97
C GLU B 194 -7.90 26.65 33.70
N ASN B 195 -6.60 26.44 33.88
CA ASN B 195 -5.67 27.54 33.76
C ASN B 195 -4.54 27.32 32.76
N THR B 196 -4.56 26.24 31.99
CA THR B 196 -3.56 26.01 30.95
C THR B 196 -4.25 25.80 29.62
N ASP B 197 -3.69 26.41 28.57
CA ASP B 197 -4.24 26.24 27.23
C ASP B 197 -3.86 24.91 26.61
N GLU B 198 -2.67 24.40 26.93
CA GLU B 198 -2.30 23.04 26.52
C GLU B 198 -1.28 22.49 27.50
N THR B 199 -1.42 21.21 27.81
CA THR B 199 -0.59 20.54 28.81
C THR B 199 -0.01 19.27 28.20
N TYR B 200 1.30 19.11 28.31
CA TYR B 200 2.01 17.96 27.76
C TYR B 200 2.32 17.00 28.90
N CYS B 201 1.52 15.94 29.02
CA CYS B 201 1.66 14.99 30.11
C CYS B 201 2.84 14.08 29.84
N ILE B 202 3.86 14.18 30.67
CA ILE B 202 5.11 13.43 30.51
C ILE B 202 5.29 12.54 31.72
N ASP B 203 5.69 11.29 31.50
CA ASP B 203 5.88 10.35 32.59
C ASP B 203 7.28 9.78 32.53
N ASN B 204 7.94 9.69 33.69
CA ASN B 204 9.29 9.14 33.75
C ASN B 204 9.33 7.66 33.40
N GLU B 205 8.23 6.94 33.66
CA GLU B 205 8.18 5.53 33.30
C GLU B 205 8.28 5.32 31.80
N ALA B 206 7.57 6.15 31.04
CA ALA B 206 7.64 6.04 29.59
C ALA B 206 9.01 6.45 29.06
N LEU B 207 9.64 7.44 29.70
CA LEU B 207 10.99 7.83 29.31
C LEU B 207 12.00 6.73 29.58
N TYR B 208 11.86 6.06 30.73
CA TYR B 208 12.70 4.91 31.02
C TYR B 208 12.44 3.77 30.05
N ASP B 209 11.18 3.59 29.64
CA ASP B 209 10.86 2.60 28.62
C ASP B 209 11.53 2.92 27.29
N ILE B 210 11.55 4.21 26.90
CA ILE B 210 12.27 4.59 25.69
C ILE B 210 13.75 4.27 25.81
N CYS B 211 14.36 4.68 26.93
CA CYS B 211 15.80 4.51 27.09
C CYS B 211 16.20 3.04 27.21
N PHE B 212 15.29 2.19 27.67
CA PHE B 212 15.61 0.78 27.77
C PHE B 212 15.33 0.04 26.47
N ARG B 213 14.11 0.16 25.95
CA ARG B 213 13.65 -0.64 24.82
C ARG B 213 14.04 -0.03 23.48
N THR B 214 13.81 1.27 23.29
CA THR B 214 14.07 1.88 21.99
C THR B 214 15.54 2.26 21.83
N LEU B 215 16.09 3.01 22.79
CA LEU B 215 17.45 3.48 22.67
C LEU B 215 18.49 2.42 23.03
N LYS B 216 18.07 1.32 23.68
CA LYS B 216 18.96 0.25 24.14
C LYS B 216 20.08 0.79 25.03
N LEU B 217 19.76 1.79 25.83
CA LEU B 217 20.74 2.47 26.67
C LEU B 217 20.86 1.71 27.99
N THR B 218 22.06 1.21 28.27
CA THR B 218 22.21 0.25 29.37
C THR B 218 22.17 0.93 30.73
N THR B 219 22.41 2.24 30.78
CA THR B 219 22.40 2.99 32.04
C THR B 219 21.90 4.42 31.83
N PRO B 220 20.59 4.59 31.64
CA PRO B 220 20.05 5.95 31.52
C PRO B 220 20.11 6.70 32.85
N THR B 221 20.36 7.99 32.75
CA THR B 221 20.34 8.90 33.87
C THR B 221 19.24 9.93 33.66
N TYR B 222 19.18 10.92 34.55
CA TYR B 222 18.20 11.98 34.36
C TYR B 222 18.56 12.88 33.19
N GLY B 223 19.85 12.97 32.84
CA GLY B 223 20.23 13.74 31.67
C GLY B 223 19.71 13.14 30.38
N ASP B 224 19.80 11.81 30.24
CA ASP B 224 19.27 11.14 29.06
C ASP B 224 17.75 11.23 29.02
N LEU B 225 17.11 11.24 30.19
CA LEU B 225 15.66 11.40 30.23
C LEU B 225 15.25 12.82 29.85
N ASN B 226 16.01 13.81 30.30
CA ASN B 226 15.68 15.20 29.98
C ASN B 226 16.01 15.57 28.55
N HIS B 227 16.93 14.85 27.92
CA HIS B 227 17.23 15.12 26.51
C HIS B 227 16.04 14.85 25.62
N LEU B 228 15.26 13.80 25.92
CA LEU B 228 14.06 13.49 25.15
C LEU B 228 13.01 14.60 25.29
N VAL B 229 12.77 15.06 26.52
CA VAL B 229 11.82 16.12 26.75
C VAL B 229 12.28 17.42 26.09
N SER B 230 13.59 17.68 26.12
CA SER B 230 14.14 18.85 25.46
C SER B 230 13.97 18.78 23.95
N ALA B 231 14.15 17.59 23.37
CA ALA B 231 13.91 17.42 21.95
C ALA B 231 12.44 17.68 21.61
N THR B 232 11.52 17.22 22.45
CA THR B 232 10.11 17.50 22.23
C THR B 232 9.80 19.00 22.33
N MET B 233 10.31 19.65 23.37
CA MET B 233 10.05 21.07 23.58
C MET B 233 10.62 21.91 22.45
N SER B 234 11.79 21.52 21.93
CA SER B 234 12.32 22.19 20.75
C SER B 234 11.48 21.89 19.52
N GLY B 235 10.95 20.67 19.41
CA GLY B 235 10.17 20.31 18.23
C GLY B 235 8.82 20.99 18.15
N VAL B 236 8.24 21.35 19.30
CA VAL B 236 6.92 21.98 19.29
C VAL B 236 6.99 23.38 18.69
N THR B 237 7.96 24.18 19.12
CA THR B 237 8.08 25.57 18.70
C THR B 237 9.03 25.76 17.54
N THR B 238 9.16 24.77 16.65
CA THR B 238 10.12 24.88 15.56
C THR B 238 9.66 25.87 14.50
N CYS B 239 8.38 25.83 14.13
CA CYS B 239 7.86 26.69 13.08
C CYS B 239 7.85 28.16 13.49
N LEU B 240 7.88 28.44 14.79
CA LEU B 240 8.07 29.81 15.25
C LEU B 240 9.48 30.30 15.00
N ARG B 241 10.46 29.40 15.07
CA ARG B 241 11.86 29.78 15.01
C ARG B 241 12.47 29.65 13.63
N PHE B 242 11.90 28.85 12.75
CA PHE B 242 12.52 28.56 11.46
C PHE B 242 11.45 28.50 10.38
N PRO B 243 11.79 28.88 9.14
CA PRO B 243 10.81 28.81 8.06
C PRO B 243 10.50 27.38 7.65
N GLY B 244 9.35 27.21 7.01
CA GLY B 244 8.94 25.89 6.56
C GLY B 244 7.90 25.99 5.48
N GLN B 245 7.55 24.82 4.92
CA GLN B 245 6.55 24.77 3.88
C GLN B 245 5.14 24.95 4.43
N LEU B 246 4.89 24.51 5.66
CA LEU B 246 3.58 24.63 6.28
C LEU B 246 3.80 24.93 7.75
N ASN B 247 3.71 26.22 8.11
CA ASN B 247 4.05 26.67 9.44
C ASN B 247 2.89 26.46 10.41
N ALA B 248 3.23 26.25 11.67
CA ALA B 248 2.21 26.09 12.72
C ALA B 248 2.83 26.54 14.04
N ASP B 249 2.31 27.62 14.60
CA ASP B 249 2.78 28.14 15.87
C ASP B 249 2.05 27.44 17.01
N LEU B 250 2.20 27.96 18.24
CA LEU B 250 1.57 27.35 19.40
C LEU B 250 0.05 27.50 19.34
N ARG B 251 -0.43 28.68 18.94
CA ARG B 251 -1.86 28.93 18.91
C ARG B 251 -2.56 28.09 17.86
N LYS B 252 -1.89 27.81 16.74
CA LYS B 252 -2.46 26.95 15.72
C LYS B 252 -2.62 25.52 16.21
N LEU B 253 -1.63 25.01 16.94
CA LEU B 253 -1.74 23.68 17.54
C LEU B 253 -2.86 23.64 18.57
N ALA B 254 -2.99 24.72 19.37
CA ALA B 254 -4.06 24.78 20.35
C ALA B 254 -5.43 24.81 19.69
N VAL B 255 -5.58 25.56 18.59
CA VAL B 255 -6.85 25.59 17.87
C VAL B 255 -7.16 24.22 17.29
N ASN B 256 -6.17 23.57 16.69
CA ASN B 256 -6.44 22.32 16.00
C ASN B 256 -6.50 21.11 16.93
N MET B 257 -6.13 21.24 18.21
CA MET B 257 -6.18 20.04 19.06
C MET B 257 -7.02 20.17 20.31
N VAL B 258 -7.67 21.30 20.57
CA VAL B 258 -8.55 21.45 21.71
C VAL B 258 -9.97 21.65 21.21
N PRO B 259 -10.72 20.56 20.97
CA PRO B 259 -12.09 20.71 20.47
C PRO B 259 -13.04 21.20 21.55
N PHE B 260 -12.73 20.86 22.80
CA PHE B 260 -13.48 21.31 23.96
C PHE B 260 -12.49 21.75 25.03
N PRO B 261 -12.77 22.85 25.73
CA PRO B 261 -11.70 23.57 26.45
C PRO B 261 -11.03 22.78 27.57
N ARG B 262 -11.67 21.73 28.09
CA ARG B 262 -11.04 20.94 29.14
C ARG B 262 -10.14 19.85 28.62
N LEU B 263 -10.12 19.59 27.32
CA LEU B 263 -9.34 18.49 26.74
C LEU B 263 -8.09 19.07 26.09
N HIS B 264 -7.07 19.30 26.91
CA HIS B 264 -5.79 19.81 26.42
C HIS B 264 -4.63 19.08 27.08
N PHE B 265 -4.78 17.80 27.31
CA PHE B 265 -3.73 16.98 27.90
C PHE B 265 -3.22 16.03 26.83
N PHE B 266 -1.95 16.19 26.46
CA PHE B 266 -1.41 15.54 25.27
C PHE B 266 -0.38 14.48 25.65
N MET B 267 -0.09 13.62 24.68
CA MET B 267 0.94 12.60 24.80
C MET B 267 2.07 12.94 23.84
N PRO B 268 3.17 13.52 24.30
CA PRO B 268 4.25 13.88 23.38
C PRO B 268 5.03 12.66 22.92
N GLY B 269 5.69 12.81 21.78
CA GLY B 269 6.52 11.76 21.23
C GLY B 269 7.53 12.34 20.28
N PHE B 270 8.60 11.60 20.04
CA PHE B 270 9.67 12.07 19.17
C PHE B 270 10.08 10.95 18.23
N ALA B 271 10.57 11.34 17.05
CA ALA B 271 11.07 10.40 16.06
C ALA B 271 12.08 11.13 15.20
N PRO B 272 13.18 10.47 14.82
CA PRO B 272 13.56 9.08 15.10
C PRO B 272 14.28 8.92 16.42
N LEU B 273 14.27 7.73 17.00
CA LEU B 273 15.05 7.41 18.19
C LEU B 273 15.85 6.16 17.90
N THR B 274 17.16 6.31 17.75
CA THR B 274 18.01 5.23 17.25
C THR B 274 18.95 4.77 18.35
N SER B 275 19.26 3.47 18.31
CA SER B 275 20.38 2.94 19.07
C SER B 275 21.67 3.14 18.28
N ARG B 276 22.79 3.10 18.99
CA ARG B 276 24.08 3.27 18.32
C ARG B 276 24.39 2.11 17.40
N GLY B 277 24.07 0.89 17.82
CA GLY B 277 24.29 -0.26 16.96
C GLY B 277 23.23 -0.43 15.90
N SER B 278 22.04 0.14 16.11
CA SER B 278 20.92 -0.03 15.21
C SER B 278 20.78 1.11 14.21
N GLN B 279 21.71 2.06 14.20
CA GLN B 279 21.56 3.23 13.34
C GLN B 279 21.89 2.93 11.88
N GLN B 280 22.81 1.99 11.63
CA GLN B 280 23.21 1.69 10.26
C GLN B 280 22.14 0.91 9.49
N TYR B 281 21.18 0.30 10.18
CA TYR B 281 20.22 -0.60 9.57
C TYR B 281 18.88 0.07 9.32
N ARG B 282 18.88 1.40 9.21
CA ARG B 282 17.66 2.18 9.05
C ARG B 282 17.84 3.23 7.96
N ALA B 283 16.82 3.35 7.11
CA ALA B 283 16.80 4.27 5.98
C ALA B 283 15.91 5.45 6.31
N LEU B 284 16.51 6.63 6.49
CA LEU B 284 15.86 7.78 7.09
C LEU B 284 14.86 8.38 6.11
N THR B 285 13.63 7.86 6.16
CA THR B 285 12.54 8.31 5.30
C THR B 285 11.34 8.75 6.13
N VAL B 286 10.43 9.43 5.45
CA VAL B 286 9.20 9.91 6.10
C VAL B 286 8.31 8.78 6.64
N PRO B 287 8.01 7.70 5.88
CA PRO B 287 7.09 6.68 6.43
C PRO B 287 7.55 6.01 7.71
N GLU B 288 8.86 5.85 7.91
CA GLU B 288 9.26 5.24 9.16
C GLU B 288 9.13 6.20 10.33
N LEU B 289 9.29 7.51 10.11
CA LEU B 289 8.97 8.48 11.15
C LEU B 289 7.48 8.42 11.47
N THR B 290 6.65 8.25 10.44
CA THR B 290 5.21 8.17 10.63
C THR B 290 4.84 6.95 11.47
N GLN B 291 5.45 5.79 11.19
CA GLN B 291 5.11 4.60 11.97
C GLN B 291 5.73 4.62 13.35
N GLN B 292 6.91 5.23 13.51
CA GLN B 292 7.52 5.34 14.82
C GLN B 292 6.73 6.26 15.74
N MET B 293 6.21 7.37 15.18
CA MET B 293 5.47 8.33 15.99
C MET B 293 4.20 7.74 16.56
N PHE B 294 3.48 6.96 15.76
CA PHE B 294 2.20 6.40 16.18
C PHE B 294 2.36 5.08 16.91
N ASP B 295 3.58 4.58 17.06
CA ASP B 295 3.82 3.39 17.85
C ASP B 295 3.61 3.70 19.33
N SER B 296 3.01 2.73 20.02
CA SER B 296 2.67 2.93 21.43
C SER B 296 3.90 2.94 22.32
N LYS B 297 4.95 2.21 21.93
CA LYS B 297 6.18 2.17 22.70
C LYS B 297 6.95 3.49 22.63
N ASN B 298 6.60 4.39 21.72
CA ASN B 298 7.31 5.65 21.55
C ASN B 298 6.74 6.77 22.42
N MET B 299 5.62 6.55 23.09
CA MET B 299 4.95 7.63 23.79
C MET B 299 5.71 8.02 25.05
N MET B 300 5.63 9.29 25.41
CA MET B 300 6.29 9.81 26.60
C MET B 300 5.33 9.98 27.77
N ALA B 301 4.14 9.42 27.67
CA ALA B 301 3.26 9.22 28.81
C ALA B 301 3.00 7.74 28.95
N ALA B 302 2.87 7.26 30.18
CA ALA B 302 2.66 5.83 30.43
C ALA B 302 1.18 5.48 30.23
N CYS B 303 0.73 5.70 28.99
CA CYS B 303 -0.60 5.34 28.55
C CYS B 303 -0.50 4.63 27.22
N ASP B 304 -1.36 3.64 27.02
CA ASP B 304 -1.43 2.96 25.73
C ASP B 304 -2.53 3.60 24.91
N PRO B 305 -2.21 4.26 23.80
CA PRO B 305 -3.26 4.93 23.01
C PRO B 305 -4.23 3.98 22.35
N ARG B 306 -3.90 2.69 22.24
CA ARG B 306 -4.83 1.72 21.70
C ARG B 306 -5.98 1.42 22.65
N HIS B 307 -5.87 1.77 23.93
CA HIS B 307 -6.97 1.56 24.86
C HIS B 307 -8.12 2.52 24.62
N GLY B 308 -7.86 3.67 24.00
CA GLY B 308 -8.90 4.65 23.76
C GLY B 308 -8.92 5.14 22.32
N ARG B 309 -9.29 6.40 22.12
CA ARG B 309 -9.40 6.98 20.80
C ARG B 309 -8.58 8.27 20.75
N TYR B 310 -7.86 8.45 19.65
CA TYR B 310 -7.22 9.73 19.36
C TYR B 310 -8.29 10.74 18.99
N LEU B 311 -8.40 11.82 19.76
CA LEU B 311 -9.24 12.93 19.32
C LEU B 311 -8.57 13.68 18.18
N THR B 312 -7.40 14.26 18.45
CA THR B 312 -6.59 14.90 17.44
C THR B 312 -5.13 14.53 17.67
N VAL B 313 -4.37 14.44 16.60
CA VAL B 313 -2.93 14.19 16.68
C VAL B 313 -2.21 15.24 15.85
N ALA B 314 -1.07 15.71 16.35
CA ALA B 314 -0.26 16.70 15.65
C ALA B 314 1.03 16.03 15.17
N ALA B 315 1.60 16.60 14.12
CA ALA B 315 2.83 16.09 13.54
C ALA B 315 3.64 17.26 13.01
N ILE B 316 4.67 17.66 13.76
CA ILE B 316 5.54 18.75 13.37
C ILE B 316 6.80 18.15 12.78
N PHE B 317 6.87 18.10 11.45
CA PHE B 317 8.00 17.53 10.74
C PHE B 317 9.09 18.59 10.55
N ARG B 318 10.34 18.14 10.60
CA ARG B 318 11.49 19.02 10.41
C ARG B 318 12.38 18.44 9.32
N GLY B 319 12.90 19.30 8.47
CA GLY B 319 13.79 18.90 7.40
C GLY B 319 13.13 19.01 6.04
N ARG B 320 13.96 18.80 5.01
CA ARG B 320 13.50 18.87 3.63
C ARG B 320 12.69 17.62 3.33
N MET B 321 11.40 17.79 3.07
CA MET B 321 10.50 16.68 2.85
C MET B 321 9.54 16.98 1.71
N SER B 322 8.93 15.92 1.20
CA SER B 322 7.85 16.05 0.23
C SER B 322 6.53 16.12 0.97
N MET B 323 5.70 17.08 0.59
CA MET B 323 4.40 17.21 1.23
C MET B 323 3.47 16.07 0.85
N LYS B 324 3.60 15.55 -0.38
CA LYS B 324 2.75 14.45 -0.82
C LYS B 324 3.01 13.19 0.00
N GLU B 325 4.29 12.87 0.25
CA GLU B 325 4.63 11.69 1.02
C GLU B 325 4.14 11.80 2.45
N VAL B 326 4.31 12.97 3.08
CA VAL B 326 3.81 13.20 4.43
C VAL B 326 2.30 13.05 4.48
N ASP B 327 1.61 13.66 3.53
CA ASP B 327 0.14 13.62 3.54
C ASP B 327 -0.39 12.22 3.29
N GLU B 328 0.24 11.44 2.40
CA GLU B 328 -0.25 10.09 2.18
C GLU B 328 0.07 9.19 3.36
N GLN B 329 1.18 9.45 4.07
CA GLN B 329 1.46 8.69 5.29
C GLN B 329 0.43 8.97 6.38
N MET B 330 0.06 10.24 6.56
CA MET B 330 -0.91 10.53 7.61
C MET B 330 -2.33 10.19 7.17
N LEU B 331 -2.55 10.01 5.87
CA LEU B 331 -3.78 9.37 5.42
C LEU B 331 -3.77 7.88 5.72
N ASN B 332 -2.62 7.24 5.54
CA ASN B 332 -2.52 5.79 5.73
C ASN B 332 -2.72 5.40 7.19
N VAL B 333 -2.16 6.19 8.12
CA VAL B 333 -2.33 5.82 9.53
C VAL B 333 -3.77 6.04 9.98
N GLN B 334 -4.49 6.97 9.37
CA GLN B 334 -5.90 7.15 9.71
C GLN B 334 -6.75 6.03 9.11
N ASN B 335 -6.44 5.61 7.89
CA ASN B 335 -7.25 4.58 7.24
C ASN B 335 -6.98 3.20 7.82
N LYS B 336 -5.72 2.88 8.13
CA LYS B 336 -5.40 1.55 8.63
C LYS B 336 -5.82 1.37 10.08
N ASN B 337 -5.81 2.46 10.86
CA ASN B 337 -6.14 2.42 12.28
C ASN B 337 -7.39 3.23 12.58
N SER B 338 -8.42 3.07 11.74
CA SER B 338 -9.66 3.82 11.89
C SER B 338 -10.40 3.47 13.18
N SER B 339 -10.13 2.32 13.77
CA SER B 339 -10.72 1.99 15.05
C SER B 339 -10.06 2.72 16.21
N TYR B 340 -8.91 3.37 15.97
CA TYR B 340 -8.21 4.13 16.99
C TYR B 340 -8.41 5.63 16.87
N PHE B 341 -9.22 6.10 15.93
CA PHE B 341 -9.49 7.51 15.76
C PHE B 341 -10.97 7.78 15.96
N VAL B 342 -11.29 8.95 16.52
CA VAL B 342 -12.67 9.30 16.78
C VAL B 342 -13.38 9.58 15.46
N GLU B 343 -14.66 9.22 15.38
CA GLU B 343 -15.35 9.19 14.10
C GLU B 343 -15.98 10.52 13.71
N TRP B 344 -16.31 11.40 14.66
CA TRP B 344 -16.94 12.67 14.32
C TRP B 344 -15.92 13.78 14.11
N ILE B 345 -14.64 13.45 14.02
CA ILE B 345 -13.62 14.39 13.58
C ILE B 345 -12.96 13.81 12.34
N PRO B 346 -13.41 14.19 11.14
CA PRO B 346 -12.66 13.82 9.94
C PRO B 346 -11.34 14.54 9.89
N ASN B 347 -10.30 13.82 9.46
CA ASN B 347 -8.92 14.31 9.42
C ASN B 347 -8.46 14.77 10.81
N ASN B 348 -8.29 13.79 11.69
CA ASN B 348 -7.82 14.06 13.04
C ASN B 348 -6.41 14.61 13.10
N VAL B 349 -5.65 14.54 12.01
CA VAL B 349 -4.23 14.88 11.99
C VAL B 349 -4.05 16.35 11.60
N LYS B 350 -3.24 17.06 12.39
CA LYS B 350 -2.68 18.34 12.00
C LYS B 350 -1.23 18.13 11.57
N THR B 351 -0.88 18.70 10.42
CA THR B 351 0.44 18.52 9.83
C THR B 351 1.17 19.84 9.78
N ALA B 352 2.43 19.85 10.22
CA ALA B 352 3.31 20.99 10.10
C ALA B 352 4.67 20.51 9.63
N VAL B 353 5.28 21.23 8.70
CA VAL B 353 6.58 20.87 8.14
C VAL B 353 7.51 22.07 8.24
N CYS B 354 8.67 21.87 8.84
CA CYS B 354 9.69 22.90 8.93
C CYS B 354 10.90 22.50 8.09
N ASP B 355 11.55 23.49 7.49
CA ASP B 355 12.66 23.21 6.59
C ASP B 355 13.94 22.83 7.31
N ILE B 356 14.12 23.29 8.54
CA ILE B 356 15.38 23.14 9.26
C ILE B 356 15.29 21.93 10.17
N PRO B 357 16.06 20.87 9.93
CA PRO B 357 16.07 19.73 10.83
C PRO B 357 16.90 20.03 12.06
N PRO B 358 16.75 19.26 13.14
CA PRO B 358 17.63 19.44 14.30
C PRO B 358 19.04 18.98 13.99
N ARG B 359 19.95 19.34 14.89
CA ARG B 359 21.37 19.07 14.69
C ARG B 359 21.66 17.58 14.75
N GLY B 360 22.49 17.12 13.82
CA GLY B 360 22.86 15.72 13.75
C GLY B 360 21.90 14.85 12.97
N LEU B 361 20.76 15.38 12.53
CA LEU B 361 19.79 14.63 11.77
C LEU B 361 19.40 15.43 10.54
N LYS B 362 19.06 14.73 9.46
CA LYS B 362 18.63 15.41 8.24
C LYS B 362 17.12 15.50 8.13
N MET B 363 16.38 14.72 8.93
CA MET B 363 14.95 14.88 9.04
C MET B 363 14.50 14.31 10.37
N SER B 364 13.47 14.92 10.94
CA SER B 364 12.94 14.50 12.23
C SER B 364 11.51 15.01 12.36
N ALA B 365 10.81 14.51 13.37
CA ALA B 365 9.44 14.92 13.60
C ALA B 365 9.09 14.78 15.08
N THR B 366 8.12 15.57 15.51
CA THR B 366 7.62 15.54 16.88
C THR B 366 6.13 15.19 16.84
N PHE B 367 5.74 14.22 17.65
CA PHE B 367 4.36 13.79 17.74
C PHE B 367 3.71 14.37 18.99
N ILE B 368 2.51 14.91 18.83
CA ILE B 368 1.71 15.40 19.94
C ILE B 368 0.32 14.82 19.78
N GLY B 369 -0.13 14.04 20.77
CA GLY B 369 -1.37 13.31 20.62
C GLY B 369 -2.40 13.54 21.70
N ASN B 370 -3.55 14.09 21.33
CA ASN B 370 -4.68 14.28 22.25
C ASN B 370 -5.54 13.04 22.18
N SER B 371 -5.30 12.10 23.09
CA SER B 371 -5.99 10.83 23.11
C SER B 371 -6.90 10.72 24.32
N THR B 372 -7.85 9.80 24.25
CA THR B 372 -8.72 9.51 25.37
C THR B 372 -8.11 8.51 26.34
N ALA B 373 -6.90 8.03 26.06
CA ALA B 373 -6.16 7.19 26.99
C ALA B 373 -5.46 7.99 28.08
N ILE B 374 -5.64 9.31 28.09
CA ILE B 374 -5.14 10.15 29.17
C ILE B 374 -5.81 9.78 30.49
N GLN B 375 -7.08 9.37 30.44
CA GLN B 375 -7.82 9.03 31.65
C GLN B 375 -7.21 7.86 32.40
N GLU B 376 -6.49 6.97 31.70
CA GLU B 376 -5.79 5.88 32.39
C GLU B 376 -4.73 6.42 33.32
N LEU B 377 -4.05 7.49 32.91
CA LEU B 377 -3.08 8.13 33.78
C LEU B 377 -3.76 8.78 34.98
N PHE B 378 -5.02 9.19 34.83
CA PHE B 378 -5.72 9.81 35.94
C PHE B 378 -6.49 8.81 36.80
N LYS B 379 -6.87 7.64 36.26
CA LYS B 379 -7.40 6.58 37.11
C LYS B 379 -6.41 6.18 38.20
N ARG B 380 -5.14 6.05 37.83
CA ARG B 380 -4.13 5.62 38.78
C ARG B 380 -3.94 6.63 39.90
N ILE B 381 -3.85 7.92 39.55
CA ILE B 381 -3.72 8.97 40.55
C ILE B 381 -4.98 9.07 41.39
N SER B 382 -6.16 8.86 40.79
CA SER B 382 -7.41 8.92 41.52
C SER B 382 -7.52 7.79 42.55
N GLU B 383 -7.19 6.57 42.15
CA GLU B 383 -7.29 5.46 43.10
C GLU B 383 -6.22 5.55 44.18
N GLN B 384 -5.02 6.02 43.83
CA GLN B 384 -4.00 6.24 44.84
C GLN B 384 -4.39 7.36 45.80
N PHE B 385 -5.06 8.40 45.30
CA PHE B 385 -5.56 9.46 46.16
C PHE B 385 -6.62 8.93 47.10
N THR B 386 -7.54 8.10 46.58
CA THR B 386 -8.63 7.57 47.40
C THR B 386 -8.11 6.65 48.50
N ALA B 387 -7.08 5.86 48.19
CA ALA B 387 -6.51 4.97 49.20
C ALA B 387 -5.91 5.74 50.37
N MET B 388 -5.17 6.81 50.09
CA MET B 388 -4.59 7.60 51.17
C MET B 388 -5.62 8.48 51.86
N PHE B 389 -6.67 8.89 51.15
CA PHE B 389 -7.60 9.86 51.69
C PHE B 389 -8.73 9.22 52.47
N ARG B 390 -9.02 7.93 52.25
CA ARG B 390 -10.07 7.28 53.03
C ARG B 390 -9.66 7.11 54.49
N ARG B 391 -8.36 6.97 54.76
CA ARG B 391 -7.86 6.83 56.12
C ARG B 391 -7.18 8.10 56.63
N LYS B 392 -7.30 9.20 55.89
CA LYS B 392 -6.85 10.53 56.31
C LYS B 392 -5.35 10.56 56.59
N ALA B 393 -4.58 9.85 55.77
CA ALA B 393 -3.14 9.76 55.98
C ALA B 393 -2.44 10.98 55.41
N PHE B 394 -1.45 11.49 56.15
CA PHE B 394 -0.60 12.63 55.78
C PHE B 394 -1.37 13.93 55.61
N LEU B 395 -2.62 14.00 56.11
CA LEU B 395 -3.37 15.25 56.05
C LEU B 395 -2.83 16.30 57.00
N HIS B 396 -2.24 15.88 58.13
CA HIS B 396 -1.80 16.84 59.13
C HIS B 396 -0.65 17.71 58.64
N TRP B 397 0.12 17.24 57.65
CA TRP B 397 1.12 18.10 57.03
C TRP B 397 0.46 19.18 56.18
N TYR B 398 -0.59 18.81 55.44
CA TYR B 398 -1.28 19.79 54.60
C TYR B 398 -2.19 20.67 55.41
N THR B 399 -2.85 20.12 56.44
CA THR B 399 -3.77 20.90 57.25
C THR B 399 -3.02 21.90 58.13
N GLY B 400 -1.79 21.58 58.50
CA GLY B 400 -1.00 22.48 59.34
C GLY B 400 -0.53 23.73 58.64
N GLU B 401 -0.66 23.80 57.32
CA GLU B 401 -0.29 24.99 56.56
C GLU B 401 -1.49 25.86 56.20
N GLY B 402 -2.63 25.61 56.82
CA GLY B 402 -3.82 26.41 56.59
C GLY B 402 -4.82 25.84 55.61
N MET B 403 -4.58 24.64 55.10
CA MET B 403 -5.47 24.01 54.14
C MET B 403 -6.55 23.22 54.85
N ASP B 404 -7.78 23.34 54.36
CA ASP B 404 -8.91 22.62 54.92
C ASP B 404 -9.09 21.28 54.21
N GLU B 405 -10.01 20.47 54.74
CA GLU B 405 -10.26 19.16 54.17
C GLU B 405 -11.01 19.23 52.86
N MET B 406 -11.76 20.32 52.64
CA MET B 406 -12.63 20.40 51.47
C MET B 406 -11.85 20.59 50.17
N GLU B 407 -10.60 21.04 50.24
CA GLU B 407 -9.81 21.21 49.03
C GLU B 407 -9.46 19.87 48.40
N PHE B 408 -9.30 18.82 49.21
CA PHE B 408 -8.99 17.51 48.66
C PHE B 408 -10.20 16.88 48.00
N THR B 409 -11.37 16.95 48.66
CA THR B 409 -12.58 16.33 48.12
C THR B 409 -13.01 17.00 46.82
N GLU B 410 -12.95 18.33 46.80
CA GLU B 410 -13.27 19.10 45.60
C GLU B 410 -12.33 18.80 44.44
N ALA B 411 -11.02 18.67 44.72
CA ALA B 411 -10.06 18.39 43.66
C ALA B 411 -10.23 16.98 43.11
N GLU B 412 -10.45 15.99 43.98
CA GLU B 412 -10.76 14.65 43.53
C GLU B 412 -12.07 14.61 42.73
N SER B 413 -13.05 15.43 43.13
CA SER B 413 -14.32 15.45 42.43
C SER B 413 -14.18 15.99 41.00
N ASN B 414 -13.52 17.14 40.79
CA ASN B 414 -13.48 17.57 39.38
C ASN B 414 -12.36 16.86 38.61
N MET B 415 -11.41 16.19 39.29
CA MET B 415 -10.59 15.23 38.56
C MET B 415 -11.44 14.09 38.01
N ASN B 416 -12.35 13.57 38.82
CA ASN B 416 -13.28 12.56 38.33
C ASN B 416 -14.17 13.12 37.21
N ASP B 417 -14.51 14.40 37.30
CA ASP B 417 -15.27 15.04 36.22
C ASP B 417 -14.48 15.11 34.92
N LEU B 418 -13.20 15.45 34.99
CA LEU B 418 -12.36 15.46 33.79
C LEU B 418 -12.22 14.07 33.20
N VAL B 419 -12.07 13.07 34.07
CA VAL B 419 -12.00 11.67 33.65
C VAL B 419 -13.30 11.26 32.95
N SER B 420 -14.45 11.64 33.52
CA SER B 420 -15.73 11.30 32.91
C SER B 420 -15.94 12.04 31.60
N GLU B 421 -15.39 13.24 31.46
CA GLU B 421 -15.48 13.94 30.18
C GLU B 421 -14.67 13.25 29.10
N TYR B 422 -13.45 12.82 29.43
CA TYR B 422 -12.67 12.04 28.48
C TYR B 422 -13.33 10.71 28.14
N GLN B 423 -13.94 10.05 29.13
CA GLN B 423 -14.67 8.82 28.86
C GLN B 423 -15.89 9.06 27.98
N GLN B 424 -16.57 10.19 28.19
CA GLN B 424 -17.72 10.56 27.38
C GLN B 424 -17.34 10.74 25.92
N TYR B 425 -16.24 11.46 25.67
CA TYR B 425 -15.82 11.64 24.29
C TYR B 425 -15.07 10.43 23.73
N GLN B 426 -14.72 9.45 24.57
CA GLN B 426 -14.17 8.21 24.04
C GLN B 426 -15.27 7.36 23.41
N ASP B 427 -16.45 7.33 24.03
CA ASP B 427 -17.60 6.50 23.63
C ASP B 427 -17.23 5.02 23.53
N MET C 1 -2.44 6.45 -43.29
CA MET C 1 -3.49 5.44 -43.14
C MET C 1 -2.89 4.05 -43.00
N ARG C 2 -3.73 3.05 -43.25
CA ARG C 2 -3.44 1.61 -43.17
C ARG C 2 -2.57 1.25 -41.96
N GLU C 3 -2.95 1.77 -40.80
CA GLU C 3 -2.28 1.45 -39.55
C GLU C 3 -2.79 0.13 -38.98
N CYS C 4 -1.95 -0.49 -38.16
CA CYS C 4 -2.36 -1.60 -37.32
C CYS C 4 -1.66 -1.46 -35.98
N ILE C 5 -2.29 -1.97 -34.93
CA ILE C 5 -1.80 -1.85 -33.56
C ILE C 5 -1.42 -3.24 -33.07
N SER C 6 -0.17 -3.39 -32.66
CA SER C 6 0.34 -4.66 -32.15
C SER C 6 0.14 -4.72 -30.65
N ILE C 7 -0.36 -5.85 -30.17
CA ILE C 7 -0.58 -6.09 -28.75
C ILE C 7 0.20 -7.33 -28.36
N HIS C 8 1.04 -7.22 -27.34
CA HIS C 8 1.87 -8.32 -26.88
C HIS C 8 1.55 -8.60 -25.42
N VAL C 9 1.00 -9.78 -25.16
CA VAL C 9 0.53 -10.17 -23.84
C VAL C 9 1.37 -11.33 -23.35
N GLY C 10 1.90 -11.21 -22.13
CA GLY C 10 2.64 -12.29 -21.52
C GLY C 10 4.08 -12.33 -21.98
N GLN C 11 4.82 -13.28 -21.40
CA GLN C 11 6.23 -13.43 -21.72
C GLN C 11 6.44 -13.84 -23.17
N ALA C 12 5.62 -14.77 -23.66
CA ALA C 12 5.74 -15.21 -25.05
C ALA C 12 5.41 -14.08 -26.01
N GLY C 13 4.35 -13.31 -25.71
CA GLY C 13 4.00 -12.20 -26.58
C GLY C 13 5.05 -11.10 -26.58
N VAL C 14 5.63 -10.79 -25.41
CA VAL C 14 6.64 -9.76 -25.34
C VAL C 14 7.93 -10.20 -26.03
N GLN C 15 8.32 -11.45 -25.85
CA GLN C 15 9.55 -11.93 -26.47
C GLN C 15 9.39 -12.12 -27.97
N ILE C 16 8.18 -12.42 -28.44
CA ILE C 16 7.94 -12.42 -29.89
C ILE C 16 7.97 -10.99 -30.41
N GLY C 17 7.37 -10.06 -29.68
CA GLY C 17 7.34 -8.67 -30.08
C GLY C 17 8.70 -8.00 -30.12
N ASN C 18 9.65 -8.45 -29.30
CA ASN C 18 11.00 -7.92 -29.38
C ASN C 18 11.63 -8.21 -30.74
N ALA C 19 11.52 -9.46 -31.20
CA ALA C 19 12.03 -9.83 -32.52
C ALA C 19 11.23 -9.15 -33.62
N CYS C 20 9.91 -9.04 -33.43
CA CYS C 20 9.06 -8.37 -34.42
C CYS C 20 9.47 -6.92 -34.60
N TRP C 21 9.74 -6.23 -33.51
CA TRP C 21 10.03 -4.81 -33.62
C TRP C 21 11.47 -4.54 -34.04
N GLU C 22 12.43 -5.41 -33.70
CA GLU C 22 13.75 -5.24 -34.30
C GLU C 22 13.70 -5.51 -35.80
N LEU C 23 12.83 -6.44 -36.23
CA LEU C 23 12.69 -6.70 -37.65
C LEU C 23 12.03 -5.52 -38.37
N TYR C 24 11.00 -4.93 -37.77
CA TYR C 24 10.36 -3.76 -38.39
C TYR C 24 11.31 -2.57 -38.44
N CYS C 25 12.11 -2.38 -37.39
CA CYS C 25 13.08 -1.29 -37.39
C CYS C 25 14.15 -1.49 -38.45
N LEU C 26 14.57 -2.74 -38.67
CA LEU C 26 15.53 -3.00 -39.73
C LEU C 26 14.89 -2.86 -41.11
N GLU C 27 13.61 -3.24 -41.25
CA GLU C 27 12.94 -3.15 -42.53
C GLU C 27 12.72 -1.70 -42.95
N HIS C 28 12.35 -0.84 -42.00
CA HIS C 28 12.08 0.56 -42.31
C HIS C 28 13.26 1.47 -42.07
N GLY C 29 14.43 0.91 -41.73
CA GLY C 29 15.62 1.72 -41.54
C GLY C 29 15.62 2.57 -40.29
N ILE C 30 14.83 2.20 -39.30
CA ILE C 30 14.73 2.99 -38.07
C ILE C 30 15.78 2.51 -37.09
N GLN C 31 16.57 3.45 -36.56
CA GLN C 31 17.55 3.13 -35.54
C GLN C 31 16.84 2.77 -34.23
N PRO C 32 17.51 2.01 -33.35
CA PRO C 32 16.86 1.62 -32.09
C PRO C 32 16.48 2.76 -31.17
N ASP C 33 17.06 3.95 -31.34
CA ASP C 33 16.64 5.11 -30.57
C ASP C 33 15.50 5.87 -31.21
N GLY C 34 14.99 5.41 -32.35
CA GLY C 34 13.84 6.01 -33.01
C GLY C 34 14.17 6.86 -34.22
N GLN C 35 15.43 7.26 -34.39
CA GLN C 35 15.79 8.12 -35.49
C GLN C 35 15.84 7.37 -36.81
N MET C 36 15.51 8.06 -37.89
CA MET C 36 15.61 7.54 -39.24
C MET C 36 16.63 8.36 -40.02
N PRO C 37 17.87 7.87 -40.19
CA PRO C 37 18.88 8.60 -40.96
C PRO C 37 18.65 8.51 -42.46
N ASP C 47 5.90 8.26 -44.96
CA ASP C 47 6.27 7.44 -46.10
C ASP C 47 5.57 6.08 -46.02
N SER C 48 6.36 5.03 -45.82
CA SER C 48 5.84 3.67 -45.74
C SER C 48 5.90 3.09 -44.35
N PHE C 49 6.55 3.77 -43.40
CA PHE C 49 6.66 3.31 -42.02
C PHE C 49 5.38 3.54 -41.23
N ASN C 50 4.40 4.24 -41.81
CA ASN C 50 3.23 4.70 -41.07
C ASN C 50 2.32 3.55 -40.63
N THR C 51 2.53 2.34 -41.17
CA THR C 51 1.73 1.20 -40.74
C THR C 51 2.00 0.84 -39.29
N PHE C 52 3.26 0.88 -38.87
CA PHE C 52 3.63 0.45 -37.53
C PHE C 52 4.18 1.57 -36.65
N PHE C 53 4.56 2.71 -37.21
CA PHE C 53 5.25 3.75 -36.45
C PHE C 53 4.48 5.06 -36.53
N SER C 54 4.56 5.84 -35.47
CA SER C 54 4.03 7.20 -35.43
C SER C 54 5.19 8.18 -35.39
N GLU C 55 5.15 9.18 -36.26
CA GLU C 55 6.21 10.17 -36.36
C GLU C 55 5.89 11.33 -35.43
N THR C 56 6.78 11.57 -34.46
CA THR C 56 6.57 12.59 -33.44
C THR C 56 7.66 13.65 -33.53
N GLY C 57 7.25 14.90 -33.66
CA GLY C 57 8.18 16.01 -33.70
C GLY C 57 9.11 15.98 -34.89
N ALA C 58 10.40 15.84 -34.65
CA ALA C 58 11.40 15.80 -35.71
C ALA C 58 12.33 14.62 -35.47
N GLY C 59 12.34 13.68 -36.40
CA GLY C 59 13.25 12.55 -36.34
C GLY C 59 13.00 11.59 -35.19
N LYS C 60 11.74 11.24 -34.94
CA LYS C 60 11.42 10.30 -33.87
C LYS C 60 10.20 9.50 -34.30
N HIS C 61 10.36 8.20 -34.42
CA HIS C 61 9.27 7.30 -34.78
C HIS C 61 9.01 6.36 -33.62
N VAL C 62 7.77 6.39 -33.11
CA VAL C 62 7.42 5.54 -31.98
C VAL C 62 6.55 4.39 -32.49
N PRO C 63 6.80 3.16 -32.05
CA PRO C 63 5.98 2.03 -32.50
C PRO C 63 4.56 2.13 -32.01
N ARG C 64 3.64 1.64 -32.85
CA ARG C 64 2.21 1.58 -32.50
C ARG C 64 1.92 0.25 -31.83
N ALA C 65 2.56 0.05 -30.68
CA ALA C 65 2.48 -1.21 -29.97
C ALA C 65 2.20 -0.94 -28.49
N VAL C 66 1.64 -1.96 -27.85
CA VAL C 66 1.46 -1.98 -26.41
C VAL C 66 1.99 -3.31 -25.88
N PHE C 67 2.84 -3.25 -24.87
CA PHE C 67 3.45 -4.42 -24.25
C PHE C 67 2.82 -4.59 -22.87
N VAL C 68 2.17 -5.71 -22.64
CA VAL C 68 1.46 -5.95 -21.38
C VAL C 68 1.94 -7.27 -20.80
N ASP C 69 2.32 -7.24 -19.53
CA ASP C 69 2.58 -8.45 -18.76
C ASP C 69 2.31 -8.16 -17.29
N LEU C 70 1.76 -9.15 -16.60
CA LEU C 70 1.47 -8.96 -15.18
C LEU C 70 2.72 -9.07 -14.31
N GLU C 71 3.77 -9.72 -14.81
CA GLU C 71 5.06 -9.68 -14.15
C GLU C 71 5.96 -8.68 -14.87
N PRO C 72 6.82 -7.97 -14.15
CA PRO C 72 7.62 -6.92 -14.77
C PRO C 72 8.97 -7.34 -15.34
N THR C 73 9.29 -8.64 -15.35
CA THR C 73 10.66 -9.06 -15.69
C THR C 73 10.99 -8.83 -17.16
N VAL C 74 10.16 -9.37 -18.07
CA VAL C 74 10.45 -9.23 -19.49
C VAL C 74 10.25 -7.79 -19.95
N ILE C 75 9.29 -7.08 -19.35
CA ILE C 75 9.12 -5.67 -19.66
C ILE C 75 10.33 -4.87 -19.17
N ASP C 76 10.92 -5.27 -18.04
CA ASP C 76 12.14 -4.60 -17.60
C ASP C 76 13.33 -4.95 -18.49
N GLU C 77 13.32 -6.13 -19.11
CA GLU C 77 14.31 -6.41 -20.14
C GLU C 77 14.14 -5.46 -21.33
N VAL C 78 12.90 -5.18 -21.72
CA VAL C 78 12.68 -4.21 -22.79
C VAL C 78 13.10 -2.81 -22.35
N ARG C 79 12.82 -2.46 -21.10
CA ARG C 79 13.09 -1.11 -20.61
C ARG C 79 14.58 -0.87 -20.38
N THR C 80 15.34 -1.91 -20.05
CA THR C 80 16.78 -1.76 -19.86
C THR C 80 17.59 -2.29 -21.02
N GLY C 81 16.94 -2.71 -22.10
CA GLY C 81 17.63 -3.28 -23.23
C GLY C 81 18.07 -2.23 -24.22
N THR C 82 18.35 -2.70 -25.45
CA THR C 82 18.79 -1.80 -26.51
C THR C 82 17.68 -0.87 -26.96
N TYR C 83 16.43 -1.30 -26.85
CA TYR C 83 15.28 -0.57 -27.36
C TYR C 83 14.58 0.21 -26.27
N ARG C 84 15.35 0.77 -25.33
CA ARG C 84 14.80 1.66 -24.32
C ARG C 84 14.18 2.91 -24.93
N GLN C 85 14.89 3.54 -25.87
CA GLN C 85 14.44 4.82 -26.40
C GLN C 85 13.34 4.67 -27.45
N LEU C 86 13.11 3.46 -27.95
CA LEU C 86 12.09 3.27 -28.97
C LEU C 86 10.69 3.39 -28.38
N PHE C 87 10.45 2.72 -27.26
CA PHE C 87 9.13 2.69 -26.63
C PHE C 87 9.04 3.74 -25.55
N HIS C 88 7.86 4.35 -25.42
CA HIS C 88 7.75 5.23 -24.26
C HIS C 88 7.05 4.50 -23.10
N PRO C 89 7.44 4.82 -21.86
CA PRO C 89 7.21 3.88 -20.74
C PRO C 89 5.76 3.54 -20.45
N GLU C 90 4.80 4.37 -20.83
CA GLU C 90 3.42 3.99 -20.62
C GLU C 90 2.82 3.19 -21.77
N GLN C 91 3.61 2.85 -22.79
CA GLN C 91 3.24 1.75 -23.67
C GLN C 91 3.66 0.40 -23.13
N LEU C 92 4.51 0.37 -22.12
CA LEU C 92 5.00 -0.88 -21.53
C LEU C 92 4.38 -0.98 -20.14
N ILE C 93 3.31 -1.77 -20.02
CA ILE C 93 2.49 -1.81 -18.83
C ILE C 93 2.80 -3.08 -18.04
N THR C 94 3.07 -2.92 -16.74
CA THR C 94 3.37 -4.03 -15.85
C THR C 94 2.35 -4.12 -14.73
N GLY C 95 2.11 -5.33 -14.27
CA GLY C 95 1.40 -5.56 -13.03
C GLY C 95 2.38 -5.70 -11.88
N LYS C 96 1.94 -6.40 -10.84
CA LYS C 96 2.78 -6.70 -9.69
C LYS C 96 3.10 -8.19 -9.58
N GLU C 97 2.07 -9.03 -9.53
CA GLU C 97 2.24 -10.47 -9.49
C GLU C 97 1.75 -11.08 -10.79
N ASP C 98 2.49 -12.06 -11.31
CA ASP C 98 2.10 -12.71 -12.54
C ASP C 98 0.89 -13.61 -12.31
N ALA C 99 0.27 -14.02 -13.41
CA ALA C 99 -0.90 -14.87 -13.34
C ALA C 99 -0.59 -16.30 -12.92
N ALA C 100 0.69 -16.70 -12.94
CA ALA C 100 1.16 -17.97 -12.40
C ALA C 100 0.49 -19.17 -13.06
N ASN C 101 0.48 -19.19 -14.40
CA ASN C 101 -0.09 -20.26 -15.23
C ASN C 101 -1.57 -20.50 -14.94
N ASN C 102 -2.27 -19.48 -14.45
CA ASN C 102 -3.67 -19.61 -14.07
C ASN C 102 -4.50 -18.72 -14.98
N TYR C 103 -5.49 -19.33 -15.64
CA TYR C 103 -6.44 -18.55 -16.43
C TYR C 103 -7.25 -17.62 -15.54
N ALA C 104 -7.67 -18.12 -14.36
CA ALA C 104 -8.53 -17.34 -13.49
C ALA C 104 -7.83 -16.12 -12.94
N ARG C 105 -6.55 -16.26 -12.57
CA ARG C 105 -5.78 -15.10 -12.10
C ARG C 105 -5.64 -14.05 -13.18
N GLY C 106 -5.33 -14.47 -14.42
CA GLY C 106 -5.15 -13.50 -15.48
C GLY C 106 -6.46 -12.89 -15.96
N HIS C 107 -7.58 -13.58 -15.74
CA HIS C 107 -8.86 -13.14 -16.24
C HIS C 107 -9.66 -12.33 -15.23
N TYR C 108 -9.69 -12.75 -13.97
CA TYR C 108 -10.53 -12.12 -12.97
C TYR C 108 -9.73 -11.42 -11.88
N THR C 109 -8.85 -12.15 -11.19
CA THR C 109 -8.27 -11.64 -9.95
C THR C 109 -7.21 -10.58 -10.18
N ILE C 110 -6.32 -10.77 -11.13
CA ILE C 110 -5.18 -9.88 -11.34
C ILE C 110 -5.37 -9.01 -12.57
N GLY C 111 -5.97 -9.55 -13.63
CA GLY C 111 -6.09 -8.79 -14.87
C GLY C 111 -7.09 -7.67 -14.82
N LYS C 112 -7.96 -7.63 -13.82
CA LYS C 112 -8.99 -6.61 -13.77
C LYS C 112 -8.49 -5.28 -13.20
N GLU C 113 -7.36 -5.27 -12.50
CA GLU C 113 -6.79 -4.03 -12.01
C GLU C 113 -5.88 -3.35 -13.03
N ILE C 114 -5.68 -3.97 -14.19
CA ILE C 114 -4.77 -3.47 -15.19
C ILE C 114 -5.45 -3.28 -16.54
N ILE C 115 -6.60 -3.94 -16.77
CA ILE C 115 -7.31 -3.89 -18.03
C ILE C 115 -7.79 -2.48 -18.36
N ASP C 116 -8.15 -1.69 -17.35
CA ASP C 116 -8.62 -0.33 -17.62
C ASP C 116 -7.51 0.56 -18.15
N LEU C 117 -6.32 0.47 -17.57
CA LEU C 117 -5.20 1.27 -18.04
C LEU C 117 -4.70 0.78 -19.39
N VAL C 118 -4.77 -0.54 -19.62
CA VAL C 118 -4.43 -1.08 -20.95
C VAL C 118 -5.39 -0.55 -22.01
N LEU C 119 -6.69 -0.53 -21.70
CA LEU C 119 -7.67 0.02 -22.62
C LEU C 119 -7.47 1.51 -22.85
N ASP C 120 -7.11 2.25 -21.79
CA ASP C 120 -6.85 3.68 -21.94
C ASP C 120 -5.68 3.92 -22.88
N ARG C 121 -4.61 3.13 -22.74
CA ARG C 121 -3.45 3.31 -23.61
C ARG C 121 -3.76 2.88 -25.04
N ILE C 122 -4.57 1.82 -25.20
CA ILE C 122 -4.97 1.39 -26.54
C ILE C 122 -5.84 2.45 -27.20
N ARG C 123 -6.73 3.08 -26.44
CA ARG C 123 -7.57 4.15 -26.98
C ARG C 123 -6.73 5.37 -27.38
N LYS C 124 -5.75 5.75 -26.55
CA LYS C 124 -4.87 6.85 -26.92
C LYS C 124 -4.02 6.50 -28.14
N LEU C 125 -3.65 5.22 -28.29
CA LEU C 125 -2.84 4.81 -29.42
C LEU C 125 -3.67 4.76 -30.71
N ALA C 126 -4.94 4.41 -30.61
CA ALA C 126 -5.83 4.33 -31.75
C ALA C 126 -6.45 5.66 -32.12
N ASP C 127 -6.39 6.66 -31.23
CA ASP C 127 -6.92 7.97 -31.57
C ASP C 127 -6.02 8.71 -32.55
N GLN C 128 -4.71 8.49 -32.46
CA GLN C 128 -3.78 9.20 -33.32
C GLN C 128 -3.63 8.55 -34.69
N CYS C 129 -4.23 7.38 -34.90
CA CYS C 129 -4.25 6.75 -36.21
C CYS C 129 -5.60 6.97 -36.87
N THR C 130 -5.58 7.09 -38.20
CA THR C 130 -6.77 7.46 -38.94
C THR C 130 -7.26 6.39 -39.91
N GLY C 131 -6.46 5.38 -40.20
CA GLY C 131 -6.83 4.35 -41.15
C GLY C 131 -6.62 2.96 -40.58
N LEU C 132 -6.98 2.78 -39.31
CA LEU C 132 -6.70 1.56 -38.56
C LEU C 132 -7.27 0.30 -39.22
N GLN C 133 -6.38 -0.58 -39.69
CA GLN C 133 -6.83 -1.82 -40.31
C GLN C 133 -7.32 -2.81 -39.27
N GLY C 134 -6.61 -2.92 -38.15
CA GLY C 134 -7.01 -3.84 -37.11
C GLY C 134 -5.93 -3.98 -36.06
N PHE C 135 -6.07 -5.02 -35.24
CA PHE C 135 -5.17 -5.29 -34.13
C PHE C 135 -4.40 -6.57 -34.39
N LEU C 136 -3.14 -6.59 -33.98
CA LEU C 136 -2.33 -7.80 -33.96
C LEU C 136 -2.06 -8.17 -32.52
N VAL C 137 -2.42 -9.39 -32.13
CA VAL C 137 -2.33 -9.83 -30.75
C VAL C 137 -1.35 -10.98 -30.67
N PHE C 138 -0.34 -10.83 -29.82
CA PHE C 138 0.71 -11.84 -29.65
C PHE C 138 0.66 -12.34 -28.21
N HIS C 139 0.50 -13.65 -28.05
CA HIS C 139 0.35 -14.26 -26.74
C HIS C 139 0.54 -15.77 -26.90
N SER C 140 0.50 -16.46 -25.78
CA SER C 140 0.55 -17.92 -25.77
C SER C 140 -0.69 -18.47 -25.09
N PHE C 141 -1.17 -19.60 -25.60
CA PHE C 141 -2.35 -20.23 -24.99
C PHE C 141 -2.02 -20.84 -23.64
N GLY C 142 -0.79 -21.33 -23.45
CA GLY C 142 -0.47 -22.08 -22.25
C GLY C 142 -0.25 -21.23 -21.01
N GLY C 143 0.28 -20.02 -21.17
CA GLY C 143 0.58 -19.19 -20.03
C GLY C 143 -0.67 -18.66 -19.36
N GLY C 144 -0.54 -18.29 -18.09
CA GLY C 144 -1.68 -17.74 -17.37
C GLY C 144 -2.09 -16.37 -17.87
N THR C 145 -1.10 -15.46 -17.99
CA THR C 145 -1.40 -14.12 -18.46
C THR C 145 -1.84 -14.12 -19.92
N GLY C 146 -1.05 -14.77 -20.78
CA GLY C 146 -1.31 -14.80 -22.21
C GLY C 146 -2.56 -15.55 -22.61
N SER C 147 -3.18 -16.29 -21.69
CA SER C 147 -4.50 -16.86 -21.91
C SER C 147 -5.59 -16.00 -21.27
N GLY C 148 -5.52 -15.79 -19.96
CA GLY C 148 -6.62 -15.13 -19.26
C GLY C 148 -6.74 -13.66 -19.60
N PHE C 149 -5.64 -12.92 -19.52
CA PHE C 149 -5.71 -11.50 -19.80
C PHE C 149 -5.96 -11.24 -21.28
N THR C 150 -5.46 -12.12 -22.15
CA THR C 150 -5.77 -12.00 -23.57
C THR C 150 -7.25 -12.22 -23.82
N SER C 151 -7.86 -13.20 -23.14
CA SER C 151 -9.29 -13.42 -23.28
C SER C 151 -10.10 -12.21 -22.81
N LEU C 152 -9.71 -11.66 -21.65
CA LEU C 152 -10.41 -10.49 -21.13
C LEU C 152 -10.24 -9.28 -22.03
N LEU C 153 -9.02 -9.05 -22.51
CA LEU C 153 -8.74 -7.93 -23.40
C LEU C 153 -9.48 -8.07 -24.72
N MET C 154 -9.58 -9.29 -25.25
CA MET C 154 -10.26 -9.47 -26.52
C MET C 154 -11.77 -9.32 -26.37
N GLU C 155 -12.35 -9.86 -25.29
CA GLU C 155 -13.79 -9.70 -25.11
C GLU C 155 -14.16 -8.27 -24.77
N ARG C 156 -13.22 -7.47 -24.24
CA ARG C 156 -13.51 -6.06 -24.05
C ARG C 156 -13.28 -5.24 -25.31
N LEU C 157 -12.26 -5.60 -26.10
CA LEU C 157 -12.00 -4.90 -27.35
C LEU C 157 -13.11 -5.15 -28.36
N SER C 158 -13.75 -6.32 -28.31
CA SER C 158 -14.81 -6.63 -29.26
C SER C 158 -16.02 -5.72 -29.07
N VAL C 159 -16.27 -5.30 -27.83
CA VAL C 159 -17.38 -4.38 -27.61
C VAL C 159 -16.93 -2.92 -27.64
N ASP C 160 -15.64 -2.64 -27.41
CA ASP C 160 -15.19 -1.26 -27.52
C ASP C 160 -15.02 -0.82 -28.97
N TYR C 161 -14.63 -1.72 -29.87
CA TYR C 161 -14.37 -1.37 -31.24
C TYR C 161 -15.30 -2.00 -32.26
N GLY C 162 -15.78 -3.21 -32.00
CA GLY C 162 -16.80 -3.79 -32.84
C GLY C 162 -16.28 -4.55 -34.04
N LYS C 163 -16.27 -3.91 -35.21
CA LYS C 163 -15.98 -4.58 -36.47
C LYS C 163 -14.52 -4.46 -36.89
N LYS C 164 -13.65 -3.95 -36.03
CA LYS C 164 -12.23 -3.94 -36.33
C LYS C 164 -11.70 -5.38 -36.33
N SER C 165 -10.82 -5.68 -37.27
CA SER C 165 -10.30 -7.03 -37.40
C SER C 165 -9.30 -7.31 -36.28
N LYS C 166 -9.48 -8.45 -35.61
CA LYS C 166 -8.62 -8.85 -34.51
C LYS C 166 -7.86 -10.10 -34.94
N LEU C 167 -6.69 -9.91 -35.53
CA LEU C 167 -5.82 -11.01 -35.91
C LEU C 167 -4.89 -11.31 -34.74
N GLU C 168 -4.71 -12.58 -34.43
CA GLU C 168 -3.87 -12.97 -33.32
C GLU C 168 -2.93 -14.09 -33.71
N PHE C 169 -1.76 -14.08 -33.08
CA PHE C 169 -0.70 -15.06 -33.32
C PHE C 169 -0.42 -15.75 -32.00
N SER C 170 -0.81 -17.00 -31.88
CA SER C 170 -0.79 -17.71 -30.62
C SER C 170 0.22 -18.84 -30.64
N ILE C 171 0.86 -19.06 -29.49
CA ILE C 171 1.80 -20.16 -29.30
C ILE C 171 0.99 -21.33 -28.75
N TYR C 172 0.65 -22.24 -29.62
CA TYR C 172 -0.16 -23.40 -29.26
C TYR C 172 0.74 -24.49 -28.68
N PRO C 173 0.35 -25.11 -27.57
CA PRO C 173 1.21 -26.12 -26.93
C PRO C 173 1.32 -27.39 -27.77
N ALA C 174 2.49 -28.02 -27.68
CA ALA C 174 2.82 -29.19 -28.48
C ALA C 174 2.19 -30.44 -27.88
N PRO C 175 2.02 -31.50 -28.69
CA PRO C 175 1.61 -32.79 -28.12
C PRO C 175 2.58 -33.34 -27.09
N GLN C 176 3.88 -33.12 -27.28
CA GLN C 176 4.90 -33.70 -26.42
C GLN C 176 5.67 -32.65 -25.62
N VAL C 177 6.09 -31.57 -26.27
CA VAL C 177 6.91 -30.54 -25.66
C VAL C 177 5.97 -29.54 -24.99
N SER C 178 5.86 -29.59 -23.67
CA SER C 178 5.09 -28.60 -22.95
C SER C 178 5.80 -28.28 -21.65
N THR C 179 6.00 -26.99 -21.41
CA THR C 179 6.82 -26.52 -20.31
C THR C 179 6.06 -26.37 -19.00
N ALA C 180 4.74 -26.50 -19.03
CA ALA C 180 3.92 -26.36 -17.84
C ALA C 180 2.90 -27.48 -17.79
N VAL C 181 2.34 -27.70 -16.61
CA VAL C 181 1.42 -28.80 -16.38
C VAL C 181 -0.01 -28.43 -16.71
N VAL C 182 -0.42 -27.21 -16.39
CA VAL C 182 -1.83 -26.83 -16.48
C VAL C 182 -2.13 -26.16 -17.81
N GLU C 183 -1.25 -26.32 -18.79
CA GLU C 183 -1.49 -25.74 -20.11
C GLU C 183 -2.76 -26.21 -20.83
N PRO C 184 -3.20 -27.48 -20.78
CA PRO C 184 -4.49 -27.80 -21.42
C PRO C 184 -5.67 -27.02 -20.86
N TYR C 185 -5.68 -26.76 -19.55
CA TYR C 185 -6.75 -25.95 -18.96
C TYR C 185 -6.74 -24.55 -19.55
N ASN C 186 -5.56 -23.92 -19.59
CA ASN C 186 -5.46 -22.55 -20.08
C ASN C 186 -5.82 -22.47 -21.55
N SER C 187 -5.36 -23.43 -22.36
CA SER C 187 -5.62 -23.38 -23.79
C SER C 187 -7.11 -23.60 -24.09
N ILE C 188 -7.77 -24.50 -23.35
CA ILE C 188 -9.21 -24.69 -23.56
C ILE C 188 -9.98 -23.45 -23.16
N LEU C 189 -9.64 -22.87 -22.01
CA LEU C 189 -10.40 -21.74 -21.54
C LEU C 189 -10.06 -20.44 -22.26
N THR C 190 -9.01 -20.43 -23.08
CA THR C 190 -8.86 -19.29 -23.97
C THR C 190 -9.41 -19.54 -25.36
N THR C 191 -9.49 -20.81 -25.82
CA THR C 191 -10.10 -21.01 -27.12
C THR C 191 -11.60 -20.85 -27.04
N HIS C 192 -12.18 -21.10 -25.85
CA HIS C 192 -13.61 -20.86 -25.63
C HIS C 192 -14.00 -19.40 -25.87
N THR C 193 -13.06 -18.47 -25.73
CA THR C 193 -13.34 -17.06 -25.98
C THR C 193 -12.76 -16.55 -27.29
N THR C 194 -11.61 -17.07 -27.73
CA THR C 194 -11.08 -16.60 -29.01
C THR C 194 -11.79 -17.23 -30.18
N LEU C 195 -12.71 -18.18 -29.94
CA LEU C 195 -13.60 -18.60 -31.01
C LEU C 195 -14.50 -17.46 -31.47
N GLU C 196 -15.06 -16.70 -30.54
CA GLU C 196 -16.00 -15.65 -30.90
C GLU C 196 -15.43 -14.25 -30.78
N HIS C 197 -14.20 -14.08 -30.29
CA HIS C 197 -13.61 -12.75 -30.20
C HIS C 197 -12.39 -12.55 -31.07
N SER C 198 -12.14 -13.42 -32.04
CA SER C 198 -11.02 -13.27 -32.97
C SER C 198 -11.53 -13.41 -34.40
N ASP C 199 -11.10 -12.48 -35.25
CA ASP C 199 -11.46 -12.58 -36.67
C ASP C 199 -10.63 -13.63 -37.39
N CYS C 200 -9.37 -13.81 -36.98
CA CYS C 200 -8.49 -14.82 -37.56
C CYS C 200 -7.39 -15.12 -36.56
N ALA C 201 -7.19 -16.40 -36.26
CA ALA C 201 -6.20 -16.83 -35.28
C ALA C 201 -5.23 -17.81 -35.92
N PHE C 202 -3.95 -17.48 -35.87
CA PHE C 202 -2.88 -18.34 -36.38
C PHE C 202 -2.25 -19.07 -35.21
N MET C 203 -2.24 -20.40 -35.27
CA MET C 203 -1.58 -21.20 -34.26
C MET C 203 -0.12 -21.42 -34.62
N VAL C 204 0.73 -21.46 -33.61
CA VAL C 204 2.15 -21.73 -33.77
C VAL C 204 2.55 -22.77 -32.75
N ASP C 205 3.21 -23.83 -33.20
CA ASP C 205 3.64 -24.92 -32.34
C ASP C 205 5.15 -24.88 -32.18
N ASN C 206 5.61 -24.81 -30.93
CA ASN C 206 7.04 -24.67 -30.67
C ASN C 206 7.83 -25.90 -31.11
N GLU C 207 7.25 -27.09 -30.98
CA GLU C 207 7.92 -28.31 -31.44
C GLU C 207 8.15 -28.27 -32.94
N ALA C 208 7.17 -27.77 -33.70
CA ALA C 208 7.33 -27.66 -35.14
C ALA C 208 8.42 -26.66 -35.51
N ILE C 209 8.52 -25.55 -34.78
CA ILE C 209 9.58 -24.59 -35.06
C ILE C 209 10.94 -25.20 -34.72
N TYR C 210 10.98 -26.01 -33.66
CA TYR C 210 12.23 -26.70 -33.30
C TYR C 210 12.68 -27.65 -34.40
N ASP C 211 11.75 -28.45 -34.92
CA ASP C 211 12.09 -29.38 -35.99
C ASP C 211 12.49 -28.64 -37.26
N ILE C 212 11.80 -27.54 -37.57
CA ILE C 212 12.14 -26.73 -38.73
C ILE C 212 13.54 -26.16 -38.59
N CYS C 213 13.86 -25.65 -37.39
CA CYS C 213 15.19 -25.08 -37.15
C CYS C 213 16.28 -26.13 -37.30
N ARG C 214 16.09 -27.30 -36.68
CA ARG C 214 17.14 -28.31 -36.69
C ARG C 214 17.34 -28.89 -38.08
N ARG C 215 16.25 -29.11 -38.82
CA ARG C 215 16.38 -29.69 -40.16
C ARG C 215 16.89 -28.67 -41.15
N ASN C 216 16.24 -27.50 -41.23
CA ASN C 216 16.52 -26.55 -42.28
C ASN C 216 17.76 -25.73 -41.96
N LEU C 217 17.80 -25.10 -40.80
CA LEU C 217 18.89 -24.19 -40.47
C LEU C 217 20.12 -24.91 -39.93
N ASP C 218 20.02 -26.23 -39.71
CA ASP C 218 21.08 -27.06 -39.15
C ASP C 218 21.57 -26.52 -37.80
N ILE C 219 20.65 -26.04 -36.99
CA ILE C 219 20.98 -25.55 -35.65
C ILE C 219 20.78 -26.70 -34.67
N GLU C 220 21.87 -27.09 -34.00
CA GLU C 220 21.79 -28.19 -33.04
C GLU C 220 20.99 -27.80 -31.81
N ARG C 221 21.23 -26.60 -31.27
CA ARG C 221 20.62 -26.14 -30.03
C ARG C 221 19.95 -24.79 -30.27
N PRO C 222 18.73 -24.79 -30.82
CA PRO C 222 17.99 -23.53 -30.96
C PRO C 222 17.32 -23.15 -29.65
N THR C 223 16.92 -21.90 -29.56
CA THR C 223 16.29 -21.38 -28.35
C THR C 223 15.07 -20.57 -28.76
N TYR C 224 14.50 -19.84 -27.80
CA TYR C 224 13.29 -19.06 -28.06
C TYR C 224 13.57 -17.89 -29.00
N THR C 225 14.81 -17.41 -29.03
CA THR C 225 15.14 -16.26 -29.87
C THR C 225 14.95 -16.57 -31.34
N ASN C 226 15.45 -17.72 -31.81
CA ASN C 226 15.28 -18.11 -33.20
C ASN C 226 13.81 -18.32 -33.55
N LEU C 227 13.06 -18.90 -32.62
CA LEU C 227 11.62 -19.07 -32.78
C LEU C 227 10.93 -17.73 -33.01
N ASN C 228 11.24 -16.75 -32.17
CA ASN C 228 10.65 -15.43 -32.33
C ASN C 228 11.12 -14.74 -33.60
N ARG C 229 12.34 -15.05 -34.08
CA ARG C 229 12.79 -14.49 -35.35
C ARG C 229 11.94 -15.00 -36.51
N LEU C 230 11.68 -16.31 -36.54
CA LEU C 230 10.81 -16.85 -37.58
C LEU C 230 9.38 -16.33 -37.47
N ILE C 231 8.86 -16.16 -36.24
CA ILE C 231 7.52 -15.62 -36.09
C ILE C 231 7.45 -14.17 -36.56
N GLY C 232 8.48 -13.39 -36.22
CA GLY C 232 8.54 -12.01 -36.71
C GLY C 232 8.62 -11.95 -38.22
N GLN C 233 9.34 -12.88 -38.84
CA GLN C 233 9.38 -12.94 -40.29
C GLN C 233 8.01 -13.25 -40.88
N ILE C 234 7.26 -14.15 -40.23
CA ILE C 234 5.92 -14.48 -40.71
C ILE C 234 5.00 -13.26 -40.63
N VAL C 235 5.03 -12.55 -39.50
CA VAL C 235 4.15 -11.38 -39.37
C VAL C 235 4.59 -10.25 -40.30
N SER C 236 5.89 -10.12 -40.54
CA SER C 236 6.37 -9.17 -41.54
C SER C 236 5.84 -9.51 -42.92
N SER C 237 5.79 -10.81 -43.24
CA SER C 237 5.19 -11.22 -44.50
C SER C 237 3.69 -10.97 -44.54
N ILE C 238 3.03 -11.00 -43.37
CA ILE C 238 1.61 -10.65 -43.32
C ILE C 238 1.42 -9.18 -43.69
N THR C 239 2.17 -8.30 -43.04
CA THR C 239 1.90 -6.87 -43.14
C THR C 239 2.74 -6.17 -44.19
N ALA C 240 3.54 -6.91 -44.98
CA ALA C 240 4.36 -6.28 -46.00
C ALA C 240 3.51 -5.70 -47.12
N SER C 241 2.31 -6.22 -47.35
CA SER C 241 1.43 -5.63 -48.35
C SER C 241 0.91 -4.27 -47.92
N LEU C 242 0.66 -4.09 -46.62
CA LEU C 242 0.35 -2.76 -46.11
C LEU C 242 1.56 -1.85 -46.15
N ARG C 243 2.72 -2.39 -45.80
CA ARG C 243 3.91 -1.55 -45.63
C ARG C 243 4.58 -1.18 -46.94
N PHE C 244 4.44 -1.99 -47.99
CA PHE C 244 5.11 -1.72 -49.26
C PHE C 244 4.10 -1.89 -50.38
N ASP C 245 4.58 -1.88 -51.62
CA ASP C 245 3.72 -2.06 -52.78
C ASP C 245 4.33 -3.09 -53.73
N GLY C 246 3.45 -3.74 -54.48
CA GLY C 246 3.87 -4.77 -55.40
C GLY C 246 2.90 -4.95 -56.55
N ALA C 247 3.03 -6.05 -57.27
CA ALA C 247 2.11 -6.32 -58.38
C ALA C 247 0.70 -6.58 -57.87
N LEU C 248 0.57 -7.44 -56.87
CA LEU C 248 -0.72 -7.80 -56.29
C LEU C 248 -0.65 -7.59 -54.78
N ASN C 249 -1.53 -6.75 -54.26
CA ASN C 249 -1.52 -6.38 -52.86
C ASN C 249 -2.69 -7.03 -52.13
N VAL C 250 -2.44 -7.48 -50.91
CA VAL C 250 -3.43 -8.17 -50.10
C VAL C 250 -3.58 -7.41 -48.79
N ASP C 251 -4.68 -6.68 -48.65
CA ASP C 251 -5.00 -6.04 -47.39
C ASP C 251 -5.52 -7.08 -46.39
N LEU C 252 -5.77 -6.63 -45.16
CA LEU C 252 -6.29 -7.55 -44.15
C LEU C 252 -7.72 -7.97 -44.44
N THR C 253 -8.53 -7.06 -44.99
CA THR C 253 -9.90 -7.40 -45.33
C THR C 253 -9.97 -8.38 -46.50
N GLU C 254 -9.11 -8.18 -47.51
CA GLU C 254 -9.00 -9.13 -48.62
C GLU C 254 -8.56 -10.49 -48.10
N PHE C 255 -7.60 -10.47 -47.18
CA PHE C 255 -7.09 -11.67 -46.55
C PHE C 255 -8.19 -12.45 -45.84
N GLN C 256 -8.98 -11.76 -45.01
CA GLN C 256 -10.02 -12.42 -44.25
C GLN C 256 -11.16 -12.90 -45.16
N THR C 257 -11.45 -12.13 -46.21
CA THR C 257 -12.49 -12.54 -47.15
C THR C 257 -12.08 -13.80 -47.90
N ASN C 258 -10.81 -13.90 -48.27
CA ASN C 258 -10.36 -15.04 -49.06
C ASN C 258 -9.88 -16.22 -48.22
N LEU C 259 -9.79 -16.08 -46.90
CA LEU C 259 -9.32 -17.20 -46.09
C LEU C 259 -10.39 -17.79 -45.18
N VAL C 260 -11.46 -17.05 -44.86
CA VAL C 260 -12.42 -17.46 -43.86
C VAL C 260 -13.73 -17.79 -44.59
N PRO C 261 -14.06 -19.07 -44.80
CA PRO C 261 -15.31 -19.41 -45.51
C PRO C 261 -16.54 -19.35 -44.63
N TYR C 262 -16.38 -19.65 -43.35
CA TYR C 262 -17.46 -19.63 -42.38
C TYR C 262 -16.96 -18.92 -41.13
N PRO C 263 -17.82 -18.18 -40.43
CA PRO C 263 -17.35 -17.31 -39.34
C PRO C 263 -16.68 -18.05 -38.18
N ARG C 264 -17.00 -19.32 -37.97
CA ARG C 264 -16.31 -20.10 -36.96
C ARG C 264 -15.01 -20.72 -37.48
N ILE C 265 -14.83 -20.77 -38.80
CA ILE C 265 -13.65 -21.43 -39.39
C ILE C 265 -12.65 -20.32 -39.70
N HIS C 266 -11.83 -19.98 -38.71
CA HIS C 266 -10.85 -18.92 -38.89
C HIS C 266 -9.54 -19.29 -38.21
N PHE C 267 -9.09 -20.53 -38.37
CA PHE C 267 -7.83 -21.00 -37.78
C PHE C 267 -6.94 -21.57 -38.87
N PRO C 268 -6.27 -20.73 -39.64
CA PRO C 268 -5.39 -21.22 -40.70
C PRO C 268 -4.04 -21.67 -40.14
N LEU C 269 -3.27 -22.30 -41.00
CA LEU C 269 -1.92 -22.77 -40.68
C LEU C 269 -0.91 -21.83 -41.32
N ALA C 270 0.10 -21.44 -40.54
CA ALA C 270 1.18 -20.63 -41.05
C ALA C 270 2.30 -21.51 -41.58
N THR C 271 2.88 -21.09 -42.70
CA THR C 271 4.10 -21.69 -43.25
C THR C 271 4.98 -20.56 -43.77
N TYR C 272 6.27 -20.84 -43.87
CA TYR C 272 7.22 -19.90 -44.45
C TYR C 272 8.24 -20.66 -45.27
N ALA C 273 8.65 -20.07 -46.39
CA ALA C 273 9.64 -20.66 -47.27
C ALA C 273 10.29 -19.54 -48.06
N PRO C 274 11.61 -19.60 -48.28
CA PRO C 274 12.54 -20.64 -47.85
C PRO C 274 13.13 -20.39 -46.47
N VAL C 275 13.13 -21.42 -45.64
CA VAL C 275 13.85 -21.42 -44.37
C VAL C 275 15.12 -22.22 -44.61
N ILE C 276 16.24 -21.53 -44.77
CA ILE C 276 17.52 -22.15 -45.13
C ILE C 276 18.65 -21.46 -44.38
N SER C 277 19.81 -22.10 -44.37
CA SER C 277 21.01 -21.56 -43.77
C SER C 277 21.86 -20.87 -44.82
N ALA C 278 22.93 -20.20 -44.36
CA ALA C 278 23.79 -19.46 -45.26
C ALA C 278 24.60 -20.38 -46.16
N GLU C 279 25.15 -21.45 -45.60
CA GLU C 279 25.99 -22.34 -46.39
C GLU C 279 25.16 -23.23 -47.31
N LYS C 280 23.88 -23.41 -47.01
CA LYS C 280 22.98 -24.15 -47.89
C LYS C 280 22.28 -23.26 -48.90
N ALA C 281 22.49 -21.94 -48.81
CA ALA C 281 21.83 -21.02 -49.72
C ALA C 281 22.47 -21.03 -51.10
N TYR C 282 23.79 -21.22 -51.15
CA TYR C 282 24.53 -21.08 -52.40
C TYR C 282 24.22 -22.21 -53.36
N HIS C 283 23.94 -23.40 -52.84
CA HIS C 283 23.74 -24.55 -53.69
C HIS C 283 22.32 -24.63 -54.26
N GLU C 284 21.36 -24.03 -53.57
CA GLU C 284 19.95 -24.19 -53.95
C GLU C 284 19.53 -23.08 -54.90
N GLN C 285 18.93 -23.48 -56.02
CA GLN C 285 18.27 -22.55 -56.94
C GLN C 285 16.84 -22.35 -56.44
N LEU C 286 16.63 -21.29 -55.67
CA LEU C 286 15.35 -21.06 -55.02
C LEU C 286 14.40 -20.40 -56.01
N SER C 287 13.88 -21.21 -56.92
CA SER C 287 12.86 -20.74 -57.84
C SER C 287 11.54 -20.61 -57.11
N VAL C 288 10.58 -19.95 -57.77
CA VAL C 288 9.26 -19.73 -57.19
C VAL C 288 8.54 -21.06 -56.98
N ALA C 289 8.64 -21.95 -57.96
CA ALA C 289 7.95 -23.25 -57.87
C ALA C 289 8.51 -24.09 -56.73
N GLU C 290 9.83 -24.02 -56.50
CA GLU C 290 10.44 -24.84 -55.46
C GLU C 290 10.00 -24.41 -54.06
N ILE C 291 10.02 -23.11 -53.79
CA ILE C 291 9.57 -22.66 -52.48
C ILE C 291 8.07 -22.79 -52.33
N THR C 292 7.32 -22.69 -53.43
CA THR C 292 5.88 -22.95 -53.36
C THR C 292 5.60 -24.41 -53.01
N ASN C 293 6.37 -25.34 -53.59
CA ASN C 293 6.22 -26.75 -53.23
C ASN C 293 6.65 -26.99 -51.79
N ALA C 294 7.71 -26.32 -51.35
CA ALA C 294 8.18 -26.47 -49.97
C ALA C 294 7.20 -25.88 -48.96
N CYS C 295 6.34 -24.95 -49.37
CA CYS C 295 5.30 -24.46 -48.48
C CYS C 295 4.29 -25.55 -48.14
N PHE C 296 3.93 -26.38 -49.11
CA PHE C 296 2.92 -27.41 -48.93
C PHE C 296 3.48 -28.70 -48.35
N GLU C 297 4.80 -28.78 -48.15
CA GLU C 297 5.39 -30.00 -47.63
C GLU C 297 5.13 -30.07 -46.13
N PRO C 298 4.68 -31.21 -45.60
CA PRO C 298 4.20 -31.25 -44.20
C PRO C 298 5.24 -30.99 -43.14
N ALA C 299 6.52 -31.23 -43.42
CA ALA C 299 7.52 -31.00 -42.39
C ALA C 299 7.90 -29.53 -42.23
N ASN C 300 7.47 -28.66 -43.15
CA ASN C 300 7.67 -27.23 -43.03
C ASN C 300 6.49 -26.53 -42.40
N GLN C 301 5.47 -27.27 -41.96
CA GLN C 301 4.34 -26.67 -41.28
C GLN C 301 4.77 -26.14 -39.91
N MET C 302 4.23 -24.99 -39.53
CA MET C 302 4.58 -24.37 -38.26
C MET C 302 3.79 -24.96 -37.10
N VAL C 303 2.88 -25.90 -37.38
CA VAL C 303 2.12 -26.62 -36.37
C VAL C 303 2.31 -28.11 -36.62
N LYS C 304 2.51 -28.88 -35.55
CA LYS C 304 2.71 -30.31 -35.68
C LYS C 304 1.41 -31.02 -36.04
N CYS C 305 1.12 -31.09 -37.34
CA CYS C 305 -0.07 -31.77 -37.83
C CYS C 305 0.18 -32.18 -39.27
N ASP C 306 -0.57 -33.18 -39.73
CA ASP C 306 -0.38 -33.71 -41.08
C ASP C 306 -1.45 -33.25 -42.05
N PRO C 307 -1.12 -32.40 -43.04
CA PRO C 307 -2.13 -31.97 -44.01
C PRO C 307 -2.59 -33.06 -44.97
N ARG C 308 -1.87 -34.18 -45.06
CA ARG C 308 -2.32 -35.28 -45.91
C ARG C 308 -3.62 -35.88 -45.39
N HIS C 309 -3.76 -36.01 -44.08
CA HIS C 309 -4.97 -36.54 -43.50
C HIS C 309 -6.03 -35.47 -43.25
N GLY C 310 -5.76 -34.22 -43.65
CA GLY C 310 -6.75 -33.19 -43.72
C GLY C 310 -7.04 -32.80 -45.16
N LYS C 311 -7.92 -31.83 -45.31
CA LYS C 311 -8.28 -31.30 -46.62
C LYS C 311 -8.17 -29.79 -46.61
N TYR C 312 -7.59 -29.24 -47.67
CA TYR C 312 -7.45 -27.79 -47.78
C TYR C 312 -8.76 -27.15 -48.16
N MET C 313 -9.06 -26.02 -47.54
CA MET C 313 -10.25 -25.24 -47.85
C MET C 313 -9.93 -23.95 -48.57
N ALA C 314 -8.98 -23.18 -48.04
CA ALA C 314 -8.51 -21.97 -48.71
C ALA C 314 -7.09 -21.71 -48.23
N CYS C 315 -6.21 -21.38 -49.16
CA CYS C 315 -4.83 -21.08 -48.83
C CYS C 315 -4.40 -19.78 -49.50
N CYS C 316 -3.79 -18.90 -48.72
CA CYS C 316 -3.37 -17.59 -49.19
C CYS C 316 -1.86 -17.56 -49.37
N LEU C 317 -1.41 -17.13 -50.53
CA LEU C 317 -0.01 -17.18 -50.92
C LEU C 317 0.54 -15.77 -50.92
N LEU C 318 1.44 -15.46 -50.00
CA LEU C 318 2.03 -14.13 -49.89
C LEU C 318 3.47 -14.18 -50.39
N TYR C 319 3.68 -13.78 -51.63
CA TYR C 319 5.00 -13.73 -52.23
C TYR C 319 5.63 -12.37 -51.99
N ARG C 320 6.96 -12.37 -51.87
CA ARG C 320 7.69 -11.12 -51.76
C ARG C 320 9.08 -11.29 -52.35
N GLY C 321 9.55 -10.26 -53.04
CA GLY C 321 10.87 -10.29 -53.63
C GLY C 321 10.87 -10.26 -55.15
N ASP C 322 11.78 -11.00 -55.77
CA ASP C 322 11.91 -11.05 -57.22
C ASP C 322 10.97 -12.12 -57.78
N VAL C 323 9.67 -11.80 -57.75
CA VAL C 323 8.62 -12.74 -58.09
C VAL C 323 7.79 -12.14 -59.23
N VAL C 324 7.52 -12.96 -60.25
CA VAL C 324 6.66 -12.57 -61.36
C VAL C 324 5.39 -13.40 -61.30
N PRO C 325 4.26 -12.92 -61.83
CA PRO C 325 3.02 -13.72 -61.73
C PRO C 325 2.99 -14.96 -62.61
N LYS C 326 3.82 -15.07 -63.64
CA LYS C 326 3.70 -16.20 -64.57
C LYS C 326 4.14 -17.51 -63.92
N ASP C 327 5.28 -17.53 -63.24
CA ASP C 327 5.72 -18.75 -62.61
C ASP C 327 4.99 -19.00 -61.31
N VAL C 328 4.38 -17.96 -60.73
CA VAL C 328 3.39 -18.17 -59.69
C VAL C 328 2.22 -18.98 -60.20
N ASN C 329 1.64 -18.57 -61.34
CA ASN C 329 0.51 -19.30 -61.90
C ASN C 329 0.92 -20.71 -62.30
N ALA C 330 2.15 -20.88 -62.78
CA ALA C 330 2.67 -22.23 -63.02
C ALA C 330 2.78 -23.03 -61.72
N ALA C 331 3.14 -22.36 -60.62
CA ALA C 331 3.26 -23.06 -59.34
C ALA C 331 1.91 -23.53 -58.81
N ILE C 332 0.88 -22.68 -58.88
CA ILE C 332 -0.47 -23.14 -58.53
C ILE C 332 -0.95 -24.22 -59.49
N ALA C 333 -0.58 -24.16 -60.78
CA ALA C 333 -0.94 -25.25 -61.69
C ALA C 333 -0.30 -26.57 -61.25
N THR C 334 0.98 -26.55 -60.89
CA THR C 334 1.66 -27.76 -60.44
C THR C 334 1.11 -28.26 -59.11
N ILE C 335 0.70 -27.33 -58.24
CA ILE C 335 0.09 -27.75 -56.98
C ILE C 335 -1.26 -28.42 -57.22
N LYS C 336 -2.06 -27.85 -58.14
CA LYS C 336 -3.36 -28.44 -58.45
C LYS C 336 -3.23 -29.79 -59.11
N THR C 337 -2.16 -30.04 -59.87
CA THR C 337 -2.03 -31.37 -60.44
C THR C 337 -1.41 -32.38 -59.49
N LYS C 338 -0.96 -31.97 -58.31
CA LYS C 338 -0.55 -32.93 -57.29
C LYS C 338 -1.78 -33.61 -56.70
N ARG C 339 -1.71 -34.93 -56.53
CA ARG C 339 -2.83 -35.67 -55.98
C ARG C 339 -2.76 -35.82 -54.46
N THR C 340 -1.57 -35.60 -53.87
CA THR C 340 -1.45 -35.67 -52.42
C THR C 340 -1.91 -34.39 -51.73
N ILE C 341 -2.13 -33.31 -52.46
CA ILE C 341 -2.65 -32.06 -51.92
C ILE C 341 -4.07 -31.91 -52.44
N GLN C 342 -5.04 -32.32 -51.64
CA GLN C 342 -6.44 -32.33 -52.05
C GLN C 342 -7.20 -31.19 -51.40
N PHE C 343 -8.08 -30.57 -52.18
CA PHE C 343 -8.92 -29.48 -51.72
C PHE C 343 -10.36 -29.96 -51.58
N VAL C 344 -11.16 -29.16 -50.89
CA VAL C 344 -12.57 -29.49 -50.74
C VAL C 344 -13.28 -29.32 -52.08
N ASP C 345 -14.40 -30.04 -52.22
CA ASP C 345 -15.11 -30.02 -53.50
C ASP C 345 -15.85 -28.71 -53.72
N TRP C 346 -16.13 -27.97 -52.66
CA TRP C 346 -16.90 -26.72 -52.78
C TRP C 346 -16.03 -25.50 -52.99
N CYS C 347 -14.74 -25.68 -53.22
CA CYS C 347 -13.83 -24.57 -53.46
C CYS C 347 -13.00 -24.89 -54.70
N PRO C 348 -13.53 -24.59 -55.90
CA PRO C 348 -12.81 -24.92 -57.14
C PRO C 348 -11.48 -24.21 -57.27
N THR C 349 -11.37 -22.98 -56.77
CA THR C 349 -10.08 -22.30 -56.65
C THR C 349 -9.93 -21.74 -55.24
N GLY C 350 -8.81 -22.03 -54.61
CA GLY C 350 -8.61 -21.65 -53.23
C GLY C 350 -7.28 -20.98 -52.98
N PHE C 351 -6.81 -20.21 -53.95
CA PHE C 351 -5.51 -19.57 -53.89
C PHE C 351 -5.68 -18.07 -53.99
N LYS C 352 -5.33 -17.36 -52.93
CA LYS C 352 -5.26 -15.90 -52.95
C LYS C 352 -3.78 -15.52 -52.94
N VAL C 353 -3.35 -14.85 -54.00
CA VAL C 353 -1.93 -14.61 -54.24
C VAL C 353 -1.65 -13.13 -54.12
N GLY C 354 -0.63 -12.79 -53.34
CA GLY C 354 -0.11 -11.43 -53.29
C GLY C 354 1.37 -11.38 -53.54
N ILE C 355 1.80 -10.59 -54.53
CA ILE C 355 3.22 -10.43 -54.85
C ILE C 355 3.66 -9.06 -54.38
N ASN C 356 4.69 -9.03 -53.56
CA ASN C 356 5.25 -7.79 -53.06
C ASN C 356 6.66 -7.59 -53.60
N TYR C 357 7.03 -6.35 -53.87
CA TYR C 357 8.33 -6.05 -54.45
C TYR C 357 9.45 -6.10 -53.42
N GLN C 358 9.15 -5.87 -52.15
CA GLN C 358 10.18 -5.76 -51.13
C GLN C 358 10.70 -7.14 -50.75
N PRO C 359 11.99 -7.43 -50.94
CA PRO C 359 12.53 -8.70 -50.48
C PRO C 359 12.62 -8.72 -48.97
N PRO C 360 12.59 -9.91 -48.36
CA PRO C 360 12.69 -9.97 -46.89
C PRO C 360 14.08 -9.60 -46.40
N THR C 361 14.13 -8.74 -45.40
CA THR C 361 15.40 -8.35 -44.82
C THR C 361 15.91 -9.44 -43.88
N VAL C 362 17.21 -9.43 -43.64
CA VAL C 362 17.85 -10.36 -42.74
C VAL C 362 18.40 -9.60 -41.54
N VAL C 363 18.09 -10.08 -40.35
CA VAL C 363 18.59 -9.46 -39.12
C VAL C 363 20.04 -9.89 -38.93
N PRO C 364 20.95 -8.97 -38.60
CA PRO C 364 22.31 -9.38 -38.22
C PRO C 364 22.29 -10.27 -36.99
N GLY C 365 23.09 -11.33 -37.03
CA GLY C 365 23.06 -12.34 -36.01
C GLY C 365 21.97 -13.37 -36.15
N GLY C 366 21.13 -13.26 -37.17
CA GLY C 366 20.07 -14.24 -37.39
C GLY C 366 20.58 -15.49 -38.07
N ASP C 367 19.70 -16.49 -38.14
CA ASP C 367 20.04 -17.76 -38.75
C ASP C 367 19.61 -17.87 -40.20
N LEU C 368 18.68 -17.04 -40.65
CA LEU C 368 18.18 -17.11 -42.01
C LEU C 368 19.15 -16.47 -42.98
N ALA C 369 19.33 -17.10 -44.13
CA ALA C 369 20.16 -16.55 -45.19
C ALA C 369 19.39 -15.48 -45.96
N LYS C 370 20.14 -14.68 -46.71
CA LYS C 370 19.53 -13.65 -47.56
C LYS C 370 19.06 -14.29 -48.85
N VAL C 371 17.78 -14.13 -49.16
CA VAL C 371 17.15 -14.77 -50.30
C VAL C 371 16.48 -13.72 -51.16
N GLN C 372 16.37 -14.02 -52.46
CA GLN C 372 15.71 -13.10 -53.38
C GLN C 372 14.20 -13.17 -53.25
N ARG C 373 13.65 -14.35 -53.01
CA ARG C 373 12.20 -14.56 -52.94
C ARG C 373 11.84 -15.24 -51.63
N ALA C 374 10.59 -15.06 -51.20
CA ALA C 374 10.08 -15.70 -50.00
C ALA C 374 8.57 -15.82 -50.10
N VAL C 375 8.03 -16.89 -49.54
CA VAL C 375 6.60 -17.17 -49.52
C VAL C 375 6.15 -17.41 -48.09
N CYS C 376 5.00 -16.85 -47.74
CA CYS C 376 4.30 -17.19 -46.50
C CYS C 376 2.93 -17.72 -46.89
N MET C 377 2.80 -19.05 -47.01
CA MET C 377 1.57 -19.68 -47.44
C MET C 377 0.72 -19.93 -46.20
N LEU C 378 -0.57 -19.61 -46.30
CA LEU C 378 -1.46 -19.55 -45.16
C LEU C 378 -2.73 -20.32 -45.48
N SER C 379 -2.79 -21.58 -45.06
CA SER C 379 -3.84 -22.50 -45.49
C SER C 379 -4.84 -22.73 -44.39
N ASN C 380 -6.12 -22.55 -44.72
CA ASN C 380 -7.21 -22.99 -43.86
C ASN C 380 -7.51 -24.44 -44.21
N THR C 381 -7.16 -25.35 -43.31
CA THR C 381 -7.31 -26.77 -43.58
C THR C 381 -7.97 -27.46 -42.39
N THR C 382 -8.51 -28.65 -42.67
CA THR C 382 -9.17 -29.45 -41.64
C THR C 382 -8.18 -30.28 -40.83
N ALA C 383 -6.90 -30.24 -41.17
CA ALA C 383 -5.89 -31.00 -40.44
C ALA C 383 -5.55 -30.39 -39.08
N ILE C 384 -6.03 -29.17 -38.79
CA ILE C 384 -5.74 -28.54 -37.51
C ILE C 384 -6.54 -29.15 -36.37
N ALA C 385 -7.56 -29.96 -36.66
CA ALA C 385 -8.38 -30.52 -35.61
C ALA C 385 -7.71 -31.66 -34.86
N GLU C 386 -6.65 -32.23 -35.42
CA GLU C 386 -5.95 -33.33 -34.73
C GLU C 386 -5.23 -32.83 -33.48
N ALA C 387 -4.60 -31.67 -33.57
CA ALA C 387 -3.96 -31.06 -32.41
C ALA C 387 -5.00 -30.72 -31.35
N TRP C 388 -6.16 -30.21 -31.79
CA TRP C 388 -7.26 -29.99 -30.87
C TRP C 388 -7.74 -31.29 -30.24
N ALA C 389 -7.79 -32.37 -31.02
CA ALA C 389 -8.24 -33.65 -30.49
C ALA C 389 -7.30 -34.19 -29.43
N ARG C 390 -5.98 -34.08 -29.65
CA ARG C 390 -5.06 -34.60 -28.65
C ARG C 390 -5.00 -33.71 -27.42
N LEU C 391 -5.15 -32.38 -27.59
CA LEU C 391 -5.19 -31.52 -26.41
C LEU C 391 -6.47 -31.73 -25.62
N ASP C 392 -7.58 -32.05 -26.29
CA ASP C 392 -8.80 -32.41 -25.58
C ASP C 392 -8.67 -33.75 -24.88
N HIS C 393 -7.92 -34.69 -25.45
CA HIS C 393 -7.61 -35.93 -24.73
C HIS C 393 -6.84 -35.64 -23.45
N LYS C 394 -5.84 -34.76 -23.52
CA LYS C 394 -5.10 -34.38 -22.32
C LYS C 394 -5.99 -33.68 -21.30
N PHE C 395 -6.87 -32.78 -21.78
CA PHE C 395 -7.78 -32.08 -20.86
C PHE C 395 -8.75 -33.04 -20.19
N ASP C 396 -9.27 -34.01 -20.94
CA ASP C 396 -10.20 -34.98 -20.35
C ASP C 396 -9.50 -35.87 -19.34
N LEU C 397 -8.26 -36.28 -19.64
CA LEU C 397 -7.50 -37.08 -18.68
C LEU C 397 -7.24 -36.31 -17.39
N MET C 398 -6.86 -35.05 -17.50
CA MET C 398 -6.51 -34.28 -16.31
C MET C 398 -7.76 -33.69 -15.63
N TYR C 399 -8.91 -33.74 -16.30
CA TYR C 399 -10.16 -33.29 -15.72
C TYR C 399 -10.96 -34.40 -15.07
N ALA C 400 -10.74 -35.66 -15.47
CA ALA C 400 -11.48 -36.78 -14.88
C ALA C 400 -11.17 -36.92 -13.40
N LYS C 401 -9.91 -36.72 -13.01
CA LYS C 401 -9.51 -36.78 -11.62
C LYS C 401 -9.65 -35.44 -10.90
N ARG C 402 -10.13 -34.40 -11.60
CA ARG C 402 -10.30 -33.05 -11.06
C ARG C 402 -9.00 -32.48 -10.51
N ALA C 403 -7.89 -32.83 -11.15
CA ALA C 403 -6.59 -32.32 -10.73
C ALA C 403 -6.46 -30.85 -11.11
N PHE C 404 -5.83 -30.07 -10.23
CA PHE C 404 -5.52 -28.65 -10.38
C PHE C 404 -6.77 -27.77 -10.48
N VAL C 405 -7.96 -28.33 -10.31
CA VAL C 405 -9.18 -27.54 -10.45
C VAL C 405 -9.34 -26.58 -9.28
N HIS C 406 -8.82 -26.94 -8.11
CA HIS C 406 -9.02 -26.11 -6.92
C HIS C 406 -8.31 -24.77 -7.02
N TRP C 407 -7.21 -24.70 -7.78
CA TRP C 407 -6.54 -23.42 -8.01
C TRP C 407 -7.44 -22.49 -8.81
N TYR C 408 -8.13 -23.03 -9.82
CA TYR C 408 -9.00 -22.22 -10.66
C TYR C 408 -10.28 -21.84 -9.93
N VAL C 409 -10.81 -22.76 -9.14
CA VAL C 409 -12.03 -22.49 -8.38
C VAL C 409 -11.76 -21.48 -7.29
N GLY C 410 -10.60 -21.54 -6.65
CA GLY C 410 -10.26 -20.61 -5.60
C GLY C 410 -9.95 -19.19 -6.06
N GLU C 411 -9.82 -18.96 -7.37
CA GLU C 411 -9.52 -17.63 -7.89
C GLU C 411 -10.71 -16.98 -8.59
N GLY C 412 -11.94 -17.42 -8.29
CA GLY C 412 -13.12 -16.71 -8.73
C GLY C 412 -13.88 -17.35 -9.88
N MET C 413 -13.34 -18.38 -10.49
CA MET C 413 -14.00 -19.02 -11.63
C MET C 413 -14.58 -20.37 -11.18
N GLU C 414 -15.61 -20.82 -11.89
CA GLU C 414 -16.38 -21.97 -11.44
C GLU C 414 -16.36 -23.09 -12.48
N GLU C 415 -16.67 -24.30 -12.00
CA GLU C 415 -16.49 -25.54 -12.76
C GLU C 415 -17.35 -25.59 -14.03
N GLY C 416 -18.49 -24.89 -14.02
CA GLY C 416 -19.32 -24.79 -15.20
C GLY C 416 -18.61 -24.19 -16.39
N GLU C 417 -17.65 -23.29 -16.15
CA GLU C 417 -16.87 -22.74 -17.25
C GLU C 417 -15.98 -23.80 -17.87
N PHE C 418 -15.38 -24.66 -17.04
CA PHE C 418 -14.62 -25.81 -17.56
C PHE C 418 -15.49 -26.69 -18.45
N SER C 419 -16.69 -27.01 -17.96
CA SER C 419 -17.59 -27.86 -18.74
C SER C 419 -17.96 -27.19 -20.06
N GLU C 420 -18.52 -25.97 -20.01
CA GLU C 420 -19.02 -25.33 -21.22
C GLU C 420 -17.91 -25.04 -22.21
N ALA C 421 -16.68 -24.80 -21.73
CA ALA C 421 -15.55 -24.70 -22.64
C ALA C 421 -15.28 -26.02 -23.33
N ARG C 422 -15.45 -27.14 -22.60
CA ARG C 422 -15.22 -28.44 -23.26
C ARG C 422 -16.26 -28.74 -24.33
N GLU C 423 -17.57 -28.52 -24.04
CA GLU C 423 -18.55 -28.76 -25.12
C GLU C 423 -18.41 -27.73 -26.25
N ASP C 424 -17.98 -26.50 -25.94
CA ASP C 424 -17.74 -25.52 -26.98
C ASP C 424 -16.64 -25.99 -27.92
N MET C 425 -15.56 -26.52 -27.34
CA MET C 425 -14.41 -26.93 -28.13
C MET C 425 -14.74 -28.18 -28.95
N ALA C 426 -15.52 -29.08 -28.38
CA ALA C 426 -16.00 -30.25 -29.11
C ALA C 426 -16.92 -29.85 -30.26
N ALA C 427 -17.77 -28.85 -30.04
CA ALA C 427 -18.63 -28.35 -31.11
C ALA C 427 -17.82 -27.73 -32.23
N LEU C 428 -16.73 -27.04 -31.88
CA LEU C 428 -15.84 -26.51 -32.91
C LEU C 428 -15.21 -27.63 -33.74
N GLU C 429 -14.76 -28.70 -33.08
CA GLU C 429 -14.23 -29.84 -33.84
C GLU C 429 -15.29 -30.44 -34.75
N LYS C 430 -16.50 -30.62 -34.23
CA LYS C 430 -17.61 -31.18 -35.00
C LYS C 430 -17.92 -30.32 -36.23
N ASP C 431 -17.88 -29.01 -36.07
CA ASP C 431 -18.01 -28.12 -37.22
C ASP C 431 -16.89 -28.34 -38.23
N TYR C 432 -15.68 -28.63 -37.75
CA TYR C 432 -14.58 -28.87 -38.68
C TYR C 432 -14.76 -30.16 -39.48
N GLU C 433 -15.19 -31.27 -38.87
CA GLU C 433 -15.39 -32.44 -39.73
C GLU C 433 -16.69 -32.30 -40.52
N GLU C 434 -17.59 -31.42 -40.10
CA GLU C 434 -18.79 -31.18 -40.90
C GLU C 434 -18.44 -30.43 -42.18
N VAL C 435 -17.53 -29.45 -42.10
CA VAL C 435 -17.12 -28.73 -43.30
C VAL C 435 -16.02 -29.45 -44.08
N GLY C 436 -15.43 -30.50 -43.50
CA GLY C 436 -14.39 -31.22 -44.24
C GLY C 436 -14.94 -32.27 -45.18
N VAL C 437 -16.17 -32.72 -44.95
CA VAL C 437 -16.72 -33.86 -45.69
C VAL C 437 -17.25 -33.39 -47.03
N ASP C 438 -17.15 -34.25 -48.04
CA ASP C 438 -17.67 -33.98 -49.37
C ASP C 438 -19.18 -34.08 -49.39
N SER C 439 -19.78 -33.66 -50.51
CA SER C 439 -21.22 -33.74 -50.68
C SER C 439 -21.59 -34.59 -51.90
N MET D 1 -2.18 50.22 -20.40
CA MET D 1 -3.44 49.83 -19.77
C MET D 1 -3.48 48.33 -19.54
N ARG D 2 -4.69 47.77 -19.60
CA ARG D 2 -5.01 46.34 -19.43
C ARG D 2 -4.27 45.72 -18.24
N GLU D 3 -4.23 46.45 -17.13
CA GLU D 3 -3.46 46.06 -15.96
C GLU D 3 -4.30 45.19 -15.03
N CYS D 4 -3.60 44.30 -14.31
CA CYS D 4 -4.21 43.47 -13.29
C CYS D 4 -3.39 43.55 -12.02
N ILE D 5 -4.06 43.52 -10.87
CA ILE D 5 -3.41 43.59 -9.57
C ILE D 5 -3.59 42.25 -8.88
N SER D 6 -2.47 41.60 -8.54
CA SER D 6 -2.50 40.31 -7.88
C SER D 6 -2.50 40.50 -6.37
N ILE D 7 -3.32 39.72 -5.69
CA ILE D 7 -3.38 39.73 -4.23
C ILE D 7 -3.10 38.32 -3.74
N HIS D 8 -2.13 38.19 -2.84
CA HIS D 8 -1.72 36.90 -2.31
C HIS D 8 -1.89 36.93 -0.80
N VAL D 9 -2.79 36.09 -0.30
CA VAL D 9 -3.19 36.09 1.11
C VAL D 9 -2.84 34.74 1.71
N GLY D 10 -2.18 34.75 2.86
CA GLY D 10 -1.84 33.52 3.54
C GLY D 10 -0.58 32.89 2.99
N GLN D 11 -0.19 31.79 3.62
CA GLN D 11 1.01 31.07 3.20
C GLN D 11 0.85 30.49 1.80
N ALA D 12 -0.30 29.87 1.53
CA ALA D 12 -0.56 29.30 0.22
C ALA D 12 -0.56 30.38 -0.86
N GLY D 13 -1.23 31.50 -0.58
CA GLY D 13 -1.25 32.60 -1.53
C GLY D 13 0.12 33.18 -1.79
N VAL D 14 0.92 33.33 -0.74
CA VAL D 14 2.24 33.94 -0.89
C VAL D 14 3.18 33.00 -1.65
N GLN D 15 3.12 31.70 -1.38
CA GLN D 15 4.00 30.77 -2.09
C GLN D 15 3.58 30.60 -3.56
N ILE D 16 2.26 30.56 -3.81
CA ILE D 16 1.77 30.55 -5.18
C ILE D 16 2.17 31.83 -5.89
N GLY D 17 2.16 32.96 -5.19
CA GLY D 17 2.61 34.20 -5.76
C GLY D 17 4.10 34.23 -6.05
N ASN D 18 4.90 33.56 -5.22
CA ASN D 18 6.32 33.42 -5.50
C ASN D 18 6.55 32.68 -6.82
N ALA D 19 5.86 31.54 -6.98
CA ALA D 19 5.99 30.80 -8.24
C ALA D 19 5.44 31.60 -9.43
N CYS D 20 4.31 32.29 -9.23
CA CYS D 20 3.70 33.08 -10.28
C CYS D 20 4.62 34.18 -10.75
N TRP D 21 5.18 34.95 -9.82
CA TRP D 21 6.00 36.09 -10.19
C TRP D 21 7.36 35.65 -10.72
N GLU D 22 7.86 34.49 -10.30
CA GLU D 22 9.00 33.90 -11.00
C GLU D 22 8.66 33.62 -12.46
N LEU D 23 7.48 33.05 -12.70
CA LEU D 23 7.07 32.76 -14.08
C LEU D 23 6.91 34.02 -14.90
N TYR D 24 6.34 35.08 -14.31
CA TYR D 24 6.18 36.33 -15.07
C TYR D 24 7.52 36.99 -15.35
N CYS D 25 8.45 36.91 -14.40
CA CYS D 25 9.78 37.46 -14.62
C CYS D 25 10.50 36.77 -15.77
N LEU D 26 10.39 35.44 -15.85
CA LEU D 26 10.98 34.76 -17.00
C LEU D 26 10.19 34.99 -18.29
N GLU D 27 8.87 35.17 -18.20
CA GLU D 27 8.09 35.36 -19.41
C GLU D 27 8.36 36.72 -20.04
N HIS D 28 8.56 37.75 -19.23
CA HIS D 28 8.82 39.07 -19.75
C HIS D 28 10.30 39.43 -19.76
N GLY D 29 11.18 38.49 -19.48
CA GLY D 29 12.61 38.75 -19.54
C GLY D 29 13.11 39.69 -18.46
N ILE D 30 12.43 39.74 -17.32
CA ILE D 30 12.80 40.64 -16.24
C ILE D 30 13.66 39.88 -15.25
N GLN D 31 14.85 40.41 -14.98
CA GLN D 31 15.75 39.82 -14.01
C GLN D 31 15.18 39.99 -12.60
N PRO D 32 15.59 39.14 -11.65
CA PRO D 32 15.02 39.22 -10.30
C PRO D 32 15.34 40.50 -9.53
N ASP D 33 16.17 41.40 -10.05
CA ASP D 33 16.38 42.70 -9.43
C ASP D 33 15.57 43.81 -10.08
N GLY D 34 14.61 43.47 -10.94
CA GLY D 34 13.78 44.44 -11.61
C GLY D 34 14.32 44.94 -12.93
N GLN D 35 15.55 44.58 -13.28
CA GLN D 35 16.16 45.02 -14.53
C GLN D 35 15.75 44.10 -15.67
N MET D 36 15.78 44.64 -16.88
CA MET D 36 15.66 43.83 -18.10
C MET D 36 16.72 44.30 -19.09
N PRO D 37 17.49 43.38 -19.69
CA PRO D 37 18.53 43.74 -20.66
C PRO D 37 18.00 43.86 -22.08
N ASP D 47 5.94 48.31 -23.09
CA ASP D 47 5.65 47.24 -24.02
C ASP D 47 4.53 46.34 -23.49
N SER D 48 4.77 45.03 -23.54
CA SER D 48 3.78 44.04 -23.16
C SER D 48 3.87 43.63 -21.71
N PHE D 49 4.83 44.16 -20.96
CA PHE D 49 4.99 43.85 -19.54
C PHE D 49 4.07 44.67 -18.66
N ASN D 50 3.39 45.68 -19.21
CA ASN D 50 2.67 46.66 -18.43
C ASN D 50 1.45 46.07 -17.70
N THR D 51 0.99 44.89 -18.13
CA THR D 51 -0.13 44.23 -17.47
C THR D 51 0.19 43.89 -16.02
N PHE D 52 1.39 43.37 -15.76
CA PHE D 52 1.75 42.95 -14.41
C PHE D 52 2.84 43.79 -13.78
N PHE D 53 3.56 44.59 -14.55
CA PHE D 53 4.72 45.32 -14.04
C PHE D 53 4.55 46.81 -14.29
N SER D 54 5.05 47.62 -13.37
CA SER D 54 5.07 49.06 -13.51
C SER D 54 6.51 49.53 -13.75
N GLU D 55 6.65 50.53 -14.61
CA GLU D 55 7.95 51.11 -14.92
C GLU D 55 8.28 52.21 -13.92
N THR D 56 9.48 52.16 -13.35
CA THR D 56 9.92 53.13 -12.36
C THR D 56 11.26 53.69 -12.77
N GLY D 57 11.30 54.99 -13.07
CA GLY D 57 12.55 55.66 -13.41
C GLY D 57 13.17 55.15 -14.69
N ALA D 58 14.28 54.43 -14.56
CA ALA D 58 15.01 53.91 -15.71
C ALA D 58 15.32 52.44 -15.47
N GLY D 59 14.66 51.57 -16.22
CA GLY D 59 14.95 50.14 -16.19
C GLY D 59 14.63 49.44 -14.89
N LYS D 60 13.56 49.83 -14.21
CA LYS D 60 13.10 49.16 -13.01
C LYS D 60 11.65 48.78 -13.18
N HIS D 61 11.37 47.49 -13.08
CA HIS D 61 10.01 46.97 -13.21
C HIS D 61 9.58 46.41 -11.87
N VAL D 62 8.52 46.97 -11.31
CA VAL D 62 7.99 46.55 -10.02
C VAL D 62 6.67 45.84 -10.25
N PRO D 63 6.44 44.70 -9.62
CA PRO D 63 5.16 44.00 -9.80
C PRO D 63 3.99 44.76 -9.22
N ARG D 64 2.83 44.61 -9.86
CA ARG D 64 1.60 45.19 -9.35
C ARG D 64 0.88 44.16 -8.48
N ALA D 65 1.54 43.85 -7.36
CA ALA D 65 1.06 42.79 -6.48
C ALA D 65 1.14 43.25 -5.03
N VAL D 66 0.33 42.62 -4.20
CA VAL D 66 0.38 42.81 -2.76
C VAL D 66 0.47 41.44 -2.10
N PHE D 67 1.37 41.31 -1.13
CA PHE D 67 1.58 40.07 -0.40
C PHE D 67 1.16 40.30 1.04
N VAL D 68 0.10 39.63 1.48
CA VAL D 68 -0.45 39.83 2.81
C VAL D 68 -0.40 38.52 3.57
N ASP D 69 0.16 38.57 4.78
CA ASP D 69 0.07 37.47 5.72
C ASP D 69 0.17 38.02 7.12
N LEU D 70 -0.56 37.39 8.04
CA LEU D 70 -0.53 37.80 9.43
C LEU D 70 0.66 37.26 10.20
N GLU D 71 1.38 36.28 9.65
CA GLU D 71 2.62 35.84 10.24
C GLU D 71 3.81 36.32 9.42
N PRO D 72 4.95 36.60 10.05
CA PRO D 72 6.10 37.13 9.31
C PRO D 72 7.01 36.10 8.66
N THR D 73 6.65 34.83 8.61
CA THR D 73 7.61 33.82 8.19
C THR D 73 7.82 33.83 6.67
N VAL D 74 6.75 33.58 5.90
CA VAL D 74 6.89 33.47 4.46
C VAL D 74 7.20 34.83 3.83
N ILE D 75 6.71 35.92 4.42
CA ILE D 75 7.02 37.24 3.89
C ILE D 75 8.49 37.57 4.08
N ASP D 76 9.07 37.20 5.23
CA ASP D 76 10.51 37.37 5.37
C ASP D 76 11.31 36.40 4.51
N GLU D 77 10.74 35.25 4.17
CA GLU D 77 11.37 34.40 3.16
C GLU D 77 11.45 35.11 1.81
N VAL D 78 10.39 35.84 1.45
CA VAL D 78 10.45 36.65 0.24
C VAL D 78 11.43 37.81 0.40
N ARG D 79 11.45 38.43 1.58
CA ARG D 79 12.28 39.62 1.80
C ARG D 79 13.76 39.29 1.86
N THR D 80 14.12 38.05 2.16
CA THR D 80 15.51 37.64 2.14
C THR D 80 15.84 36.67 1.01
N GLY D 81 14.90 36.43 0.10
CA GLY D 81 15.10 35.47 -0.97
C GLY D 81 15.77 36.07 -2.18
N THR D 82 15.65 35.37 -3.30
CA THR D 82 16.26 35.83 -4.54
C THR D 82 15.57 37.08 -5.07
N TYR D 83 14.26 37.18 -4.87
CA TYR D 83 13.46 38.27 -5.41
C TYR D 83 13.27 39.40 -4.42
N ARG D 84 14.27 39.65 -3.56
CA ARG D 84 14.13 40.69 -2.54
C ARG D 84 14.19 42.09 -3.13
N GLN D 85 14.81 42.26 -4.30
CA GLN D 85 14.89 43.56 -4.94
C GLN D 85 13.71 43.84 -5.86
N LEU D 86 12.92 42.81 -6.18
CA LEU D 86 11.80 42.98 -7.09
C LEU D 86 10.65 43.73 -6.44
N PHE D 87 10.32 43.36 -5.21
CA PHE D 87 9.19 43.95 -4.50
C PHE D 87 9.68 45.07 -3.58
N HIS D 88 8.88 46.08 -3.44
CA HIS D 88 9.27 47.08 -2.45
C HIS D 88 8.48 46.88 -1.15
N PRO D 89 9.13 47.14 -0.01
CA PRO D 89 8.71 46.49 1.25
C PRO D 89 7.30 46.80 1.71
N GLU D 90 6.69 47.89 1.29
CA GLU D 90 5.32 48.16 1.68
C GLU D 90 4.29 47.57 0.71
N GLN D 91 4.73 46.80 -0.30
CA GLN D 91 3.81 45.87 -0.94
C GLN D 91 3.66 44.59 -0.14
N LEU D 92 4.65 44.26 0.67
CA LEU D 92 4.65 43.03 1.47
C LEU D 92 4.24 43.42 2.88
N ILE D 93 2.94 43.38 3.15
CA ILE D 93 2.38 43.77 4.44
C ILE D 93 2.38 42.56 5.36
N THR D 94 2.86 42.77 6.59
CA THR D 94 3.15 41.69 7.53
C THR D 94 2.46 41.98 8.86
N GLY D 95 1.79 40.97 9.40
CA GLY D 95 1.24 41.04 10.74
C GLY D 95 2.24 40.57 11.79
N LYS D 96 1.73 40.32 12.99
CA LYS D 96 2.55 39.81 14.08
C LYS D 96 2.12 38.42 14.52
N GLU D 97 0.84 38.22 14.81
CA GLU D 97 0.29 36.92 15.16
C GLU D 97 -0.55 36.43 14.00
N ASP D 98 -0.37 35.17 13.62
CA ASP D 98 -1.16 34.61 12.52
C ASP D 98 -2.57 34.29 13.00
N ALA D 99 -3.44 33.95 12.05
CA ALA D 99 -4.82 33.65 12.38
C ALA D 99 -4.99 32.25 12.97
N ALA D 100 -3.98 31.40 12.86
CA ALA D 100 -3.91 30.10 13.57
C ALA D 100 -5.07 29.17 13.20
N ASN D 101 -5.36 29.09 11.90
CA ASN D 101 -6.48 28.31 11.35
C ASN D 101 -7.81 28.66 12.02
N ASN D 102 -8.02 29.95 12.25
CA ASN D 102 -9.27 30.44 12.81
C ASN D 102 -9.83 31.48 11.85
N TYR D 103 -11.03 31.21 11.32
CA TYR D 103 -11.70 32.18 10.47
C TYR D 103 -12.04 33.43 11.24
N ALA D 104 -12.46 33.28 12.50
CA ALA D 104 -12.83 34.42 13.32
C ALA D 104 -11.63 35.34 13.60
N ARG D 105 -10.46 34.75 13.85
CA ARG D 105 -9.26 35.55 14.08
C ARG D 105 -8.87 36.32 12.83
N GLY D 106 -8.93 35.68 11.66
CA GLY D 106 -8.56 36.37 10.44
C GLY D 106 -9.59 37.37 9.98
N HIS D 107 -10.83 37.24 10.45
CA HIS D 107 -11.88 38.14 10.00
C HIS D 107 -12.11 39.32 10.94
N TYR D 108 -12.13 39.08 12.26
CA TYR D 108 -12.51 40.10 13.22
C TYR D 108 -11.36 40.50 14.15
N THR D 109 -10.69 39.53 14.76
CA THR D 109 -9.74 39.86 15.82
C THR D 109 -8.44 40.40 15.26
N ILE D 110 -7.79 39.66 14.36
CA ILE D 110 -6.48 40.02 13.87
C ILE D 110 -6.54 40.75 12.54
N GLY D 111 -7.50 40.43 11.67
CA GLY D 111 -7.57 41.03 10.36
C GLY D 111 -7.91 42.50 10.35
N LYS D 112 -8.55 43.01 11.40
CA LYS D 112 -8.96 44.41 11.41
C LYS D 112 -7.77 45.36 11.58
N GLU D 113 -6.68 44.88 12.16
CA GLU D 113 -5.51 45.74 12.36
C GLU D 113 -4.64 45.83 11.11
N ILE D 114 -4.93 45.06 10.07
CA ILE D 114 -4.13 45.03 8.86
C ILE D 114 -4.92 45.48 7.63
N ILE D 115 -6.26 45.36 7.66
CA ILE D 115 -7.08 45.52 6.46
C ILE D 115 -7.03 46.96 5.97
N ASP D 116 -6.96 47.93 6.87
CA ASP D 116 -6.87 49.33 6.45
C ASP D 116 -5.55 49.60 5.75
N LEU D 117 -4.46 49.02 6.25
CA LEU D 117 -3.16 49.20 5.61
C LEU D 117 -3.11 48.54 4.23
N VAL D 118 -3.67 47.34 4.10
CA VAL D 118 -3.62 46.70 2.79
C VAL D 118 -4.59 47.36 1.82
N LEU D 119 -5.68 47.96 2.31
CA LEU D 119 -6.56 48.69 1.42
C LEU D 119 -5.91 49.99 0.97
N ASP D 120 -5.15 50.64 1.85
CA ASP D 120 -4.40 51.82 1.47
C ASP D 120 -3.36 51.49 0.40
N ARG D 121 -2.65 50.38 0.58
CA ARG D 121 -1.67 49.96 -0.41
C ARG D 121 -2.31 49.58 -1.73
N ILE D 122 -3.47 48.90 -1.68
CA ILE D 122 -4.18 48.53 -2.90
C ILE D 122 -4.70 49.77 -3.61
N ARG D 123 -5.15 50.78 -2.86
CA ARG D 123 -5.59 52.03 -3.46
C ARG D 123 -4.46 52.75 -4.16
N LYS D 124 -3.28 52.82 -3.52
CA LYS D 124 -2.12 53.41 -4.19
C LYS D 124 -1.68 52.61 -5.41
N LEU D 125 -1.78 51.28 -5.35
CA LEU D 125 -1.42 50.46 -6.49
C LEU D 125 -2.40 50.61 -7.64
N ALA D 126 -3.70 50.78 -7.34
CA ALA D 126 -4.71 50.96 -8.36
C ALA D 126 -4.65 52.36 -8.96
N ASP D 127 -4.16 53.35 -8.21
CA ASP D 127 -3.97 54.67 -8.77
C ASP D 127 -2.83 54.71 -9.78
N GLN D 128 -1.93 53.73 -9.75
CA GLN D 128 -0.82 53.71 -10.69
C GLN D 128 -1.28 53.35 -12.10
N CYS D 129 -2.32 52.54 -12.21
CA CYS D 129 -2.77 52.01 -13.49
C CYS D 129 -4.00 52.76 -13.98
N THR D 130 -4.09 52.94 -15.30
CA THR D 130 -5.22 53.61 -15.92
C THR D 130 -6.19 52.65 -16.60
N GLY D 131 -5.83 51.37 -16.72
CA GLY D 131 -6.64 50.42 -17.44
C GLY D 131 -6.90 49.14 -16.67
N LEU D 132 -7.18 49.27 -15.37
CA LEU D 132 -7.33 48.13 -14.46
C LEU D 132 -8.42 47.16 -14.91
N GLN D 133 -8.00 45.96 -15.32
CA GLN D 133 -8.98 44.93 -15.71
C GLN D 133 -9.66 44.32 -14.50
N GLY D 134 -8.91 44.03 -13.44
CA GLY D 134 -9.50 43.44 -12.26
C GLY D 134 -8.43 43.02 -11.27
N PHE D 135 -8.86 42.23 -10.30
CA PHE D 135 -7.99 41.74 -9.24
C PHE D 135 -7.84 40.24 -9.34
N LEU D 136 -6.65 39.73 -9.04
CA LEU D 136 -6.38 38.31 -8.93
C LEU D 136 -6.08 37.99 -7.48
N VAL D 137 -6.89 37.13 -6.88
CA VAL D 137 -6.79 36.80 -5.46
C VAL D 137 -6.27 35.38 -5.34
N PHE D 138 -5.25 35.19 -4.50
CA PHE D 138 -4.65 33.89 -4.26
C PHE D 138 -4.65 33.60 -2.77
N HIS D 139 -5.29 32.50 -2.38
CA HIS D 139 -5.44 32.16 -0.98
C HIS D 139 -5.84 30.70 -0.89
N SER D 140 -5.93 30.20 0.33
CA SER D 140 -6.42 28.86 0.61
C SER D 140 -7.67 28.94 1.46
N PHE D 141 -8.48 27.88 1.39
CA PHE D 141 -9.72 27.88 2.13
C PHE D 141 -9.55 27.37 3.56
N GLY D 142 -8.68 26.39 3.76
CA GLY D 142 -8.49 25.82 5.08
C GLY D 142 -7.73 26.71 6.04
N GLY D 143 -6.94 27.63 5.53
CA GLY D 143 -6.16 28.50 6.40
C GLY D 143 -7.03 29.54 7.07
N GLY D 144 -6.59 29.97 8.25
CA GLY D 144 -7.30 31.02 8.95
C GLY D 144 -7.18 32.37 8.27
N THR D 145 -5.96 32.75 7.90
CA THR D 145 -5.75 34.01 7.19
C THR D 145 -6.38 33.97 5.81
N GLY D 146 -6.08 32.92 5.04
CA GLY D 146 -6.55 32.79 3.68
C GLY D 146 -8.05 32.64 3.53
N SER D 147 -8.77 32.37 4.62
CA SER D 147 -10.22 32.40 4.58
C SER D 147 -10.77 33.69 5.19
N GLY D 148 -10.40 33.97 6.43
CA GLY D 148 -10.99 35.12 7.12
C GLY D 148 -10.54 36.45 6.56
N PHE D 149 -9.24 36.65 6.40
CA PHE D 149 -8.76 37.92 5.89
C PHE D 149 -9.10 38.08 4.42
N THR D 150 -9.14 36.99 3.67
CA THR D 150 -9.57 37.09 2.27
C THR D 150 -11.05 37.47 2.18
N SER D 151 -11.88 36.92 3.07
CA SER D 151 -13.29 37.31 3.10
C SER D 151 -13.45 38.78 3.43
N LEU D 152 -12.72 39.25 4.46
CA LEU D 152 -12.78 40.66 4.83
C LEU D 152 -12.28 41.56 3.71
N LEU D 153 -11.17 41.16 3.07
CA LEU D 153 -10.57 41.96 2.02
C LEU D 153 -11.46 42.02 0.79
N MET D 154 -12.11 40.92 0.43
CA MET D 154 -12.98 40.95 -0.74
C MET D 154 -14.27 41.68 -0.45
N GLU D 155 -14.76 41.65 0.80
CA GLU D 155 -15.87 42.51 1.19
C GLU D 155 -15.50 43.98 1.01
N ARG D 156 -14.33 44.37 1.50
CA ARG D 156 -13.89 45.76 1.41
C ARG D 156 -13.63 46.16 -0.03
N LEU D 157 -13.08 45.24 -0.84
CA LEU D 157 -12.83 45.52 -2.25
C LEU D 157 -14.13 45.69 -3.00
N SER D 158 -15.14 44.87 -2.68
CA SER D 158 -16.44 44.99 -3.35
C SER D 158 -17.13 46.30 -2.99
N VAL D 159 -17.00 46.74 -1.74
CA VAL D 159 -17.70 47.97 -1.36
C VAL D 159 -16.92 49.19 -1.84
N ASP D 160 -15.60 49.07 -2.01
CA ASP D 160 -14.82 50.22 -2.43
C ASP D 160 -14.80 50.39 -3.95
N TYR D 161 -14.65 49.30 -4.70
CA TYR D 161 -14.50 49.37 -6.14
C TYR D 161 -15.76 49.04 -6.91
N GLY D 162 -16.50 48.02 -6.48
CA GLY D 162 -17.79 47.74 -7.08
C GLY D 162 -17.75 46.85 -8.29
N LYS D 163 -17.80 47.44 -9.47
CA LYS D 163 -17.95 46.71 -10.72
C LYS D 163 -16.64 46.15 -11.25
N LYS D 164 -15.53 46.37 -10.56
CA LYS D 164 -14.27 45.75 -10.96
C LYS D 164 -14.33 44.25 -10.75
N SER D 165 -13.82 43.49 -11.72
CA SER D 165 -13.87 42.05 -11.65
C SER D 165 -12.88 41.53 -10.60
N LYS D 166 -13.28 40.49 -9.89
CA LYS D 166 -12.45 39.88 -8.85
C LYS D 166 -12.36 38.39 -9.13
N LEU D 167 -11.25 37.97 -9.72
CA LEU D 167 -10.97 36.56 -9.97
C LEU D 167 -10.13 36.03 -8.83
N GLU D 168 -10.53 34.89 -8.29
CA GLU D 168 -9.79 34.30 -7.18
C GLU D 168 -9.36 32.87 -7.54
N PHE D 169 -8.18 32.50 -7.05
CA PHE D 169 -7.62 31.17 -7.22
C PHE D 169 -7.44 30.60 -5.83
N SER D 170 -8.23 29.59 -5.48
CA SER D 170 -8.30 29.09 -4.13
C SER D 170 -7.84 27.64 -4.07
N ILE D 171 -7.15 27.29 -2.99
CA ILE D 171 -6.72 25.93 -2.74
C ILE D 171 -7.81 25.26 -1.92
N TYR D 172 -8.61 24.44 -2.57
CA TYR D 172 -9.70 23.75 -1.92
C TYR D 172 -9.18 22.57 -1.11
N PRO D 173 -9.81 22.25 0.02
CA PRO D 173 -9.45 21.03 0.74
C PRO D 173 -9.86 19.79 -0.04
N ALA D 174 -9.07 18.74 0.11
CA ALA D 174 -9.30 17.49 -0.61
C ALA D 174 -10.27 16.59 0.16
N PRO D 175 -10.86 15.61 -0.51
CA PRO D 175 -11.67 14.61 0.22
C PRO D 175 -10.92 13.87 1.31
N GLN D 176 -9.66 13.51 1.06
CA GLN D 176 -8.88 12.70 1.98
C GLN D 176 -7.59 13.37 2.44
N VAL D 177 -6.89 14.05 1.53
CA VAL D 177 -5.61 14.68 1.84
C VAL D 177 -5.91 16.03 2.47
N SER D 178 -5.89 16.08 3.80
CA SER D 178 -6.13 17.31 4.53
C SER D 178 -5.06 17.49 5.59
N THR D 179 -4.57 18.72 5.74
CA THR D 179 -3.47 18.99 6.65
C THR D 179 -3.90 19.62 7.97
N ALA D 180 -5.13 20.12 8.06
CA ALA D 180 -5.63 20.74 9.26
C ALA D 180 -6.96 20.11 9.66
N VAL D 181 -7.31 20.26 10.92
CA VAL D 181 -8.53 19.66 11.45
C VAL D 181 -9.74 20.56 11.19
N VAL D 182 -9.59 21.87 11.34
CA VAL D 182 -10.73 22.78 11.27
C VAL D 182 -10.89 23.33 9.85
N GLU D 183 -10.32 22.63 8.89
CA GLU D 183 -10.50 22.98 7.47
C GLU D 183 -11.96 23.07 7.01
N PRO D 184 -12.87 22.14 7.35
CA PRO D 184 -14.27 22.32 6.89
C PRO D 184 -14.94 23.58 7.40
N TYR D 185 -14.66 23.97 8.65
CA TYR D 185 -15.24 25.20 9.21
C TYR D 185 -14.79 26.41 8.41
N ASN D 186 -13.48 26.56 8.23
CA ASN D 186 -12.92 27.71 7.53
C ASN D 186 -13.38 27.74 6.08
N SER D 187 -13.43 26.57 5.44
CA SER D 187 -13.82 26.51 4.04
C SER D 187 -15.28 26.88 3.85
N ILE D 188 -16.17 26.40 4.72
CA ILE D 188 -17.58 26.76 4.62
C ILE D 188 -17.77 28.26 4.84
N LEU D 189 -17.07 28.80 5.84
CA LEU D 189 -17.23 30.22 6.16
C LEU D 189 -16.67 31.12 5.06
N THR D 190 -15.66 30.67 4.32
CA THR D 190 -15.21 31.54 3.24
C THR D 190 -16.03 31.34 1.96
N THR D 191 -16.63 30.17 1.75
CA THR D 191 -17.59 30.04 0.64
C THR D 191 -18.78 30.94 0.84
N HIS D 192 -19.22 31.09 2.09
CA HIS D 192 -20.39 31.92 2.40
C HIS D 192 -20.23 33.36 1.90
N THR D 193 -19.01 33.86 1.82
CA THR D 193 -18.79 35.22 1.34
C THR D 193 -18.24 35.27 -0.07
N THR D 194 -17.54 34.22 -0.54
CA THR D 194 -17.07 34.27 -1.92
C THR D 194 -18.17 33.93 -2.91
N LEU D 195 -19.35 33.51 -2.45
CA LEU D 195 -20.50 33.49 -3.34
C LEU D 195 -20.83 34.90 -3.83
N GLU D 196 -20.92 35.86 -2.91
CA GLU D 196 -21.42 37.18 -3.25
C GLU D 196 -20.32 38.21 -3.53
N HIS D 197 -19.08 37.93 -3.15
CA HIS D 197 -18.04 38.94 -3.32
C HIS D 197 -16.98 38.53 -4.34
N SER D 198 -17.25 37.52 -5.15
CA SER D 198 -16.33 37.09 -6.19
C SER D 198 -17.08 37.01 -7.52
N ASP D 199 -16.34 37.21 -8.62
CA ASP D 199 -16.92 37.13 -9.95
C ASP D 199 -16.56 35.85 -10.69
N CYS D 200 -15.44 35.23 -10.34
CA CYS D 200 -15.06 33.95 -10.91
C CYS D 200 -14.07 33.29 -9.96
N ALA D 201 -14.41 32.11 -9.46
CA ALA D 201 -13.59 31.40 -8.49
C ALA D 201 -13.10 30.10 -9.10
N PHE D 202 -11.78 29.96 -9.23
CA PHE D 202 -11.17 28.74 -9.74
C PHE D 202 -10.75 27.89 -8.56
N MET D 203 -11.18 26.64 -8.56
CA MET D 203 -10.93 25.75 -7.44
C MET D 203 -9.74 24.86 -7.79
N VAL D 204 -8.83 24.72 -6.85
CA VAL D 204 -7.65 23.87 -7.02
C VAL D 204 -7.56 22.93 -5.83
N ASP D 205 -7.39 21.65 -6.10
CA ASP D 205 -7.35 20.63 -5.05
C ASP D 205 -5.96 20.00 -5.04
N ASN D 206 -5.33 20.00 -3.86
CA ASN D 206 -3.93 19.58 -3.76
C ASN D 206 -3.75 18.09 -4.09
N GLU D 207 -4.72 17.26 -3.72
CA GLU D 207 -4.62 15.84 -4.03
C GLU D 207 -4.65 15.59 -5.52
N ALA D 208 -5.45 16.37 -6.25
CA ALA D 208 -5.48 16.25 -7.71
C ALA D 208 -4.15 16.66 -8.33
N ILE D 209 -3.51 17.70 -7.80
CA ILE D 209 -2.21 18.09 -8.33
C ILE D 209 -1.17 17.03 -8.00
N TYR D 210 -1.27 16.40 -6.82
CA TYR D 210 -0.38 15.30 -6.48
C TYR D 210 -0.51 14.15 -7.46
N ASP D 211 -1.76 13.77 -7.77
CA ASP D 211 -2.00 12.69 -8.72
C ASP D 211 -1.48 13.06 -10.11
N ILE D 212 -1.71 14.30 -10.53
CA ILE D 212 -1.26 14.76 -11.84
C ILE D 212 0.26 14.73 -11.93
N CYS D 213 0.94 15.22 -10.88
CA CYS D 213 2.40 15.23 -10.88
C CYS D 213 2.94 13.81 -10.90
N ARG D 214 2.42 12.94 -10.04
CA ARG D 214 2.93 11.57 -9.93
C ARG D 214 2.73 10.80 -11.23
N ARG D 215 1.56 10.92 -11.84
CA ARG D 215 1.28 10.13 -13.03
C ARG D 215 1.89 10.75 -14.27
N ASN D 216 1.56 12.01 -14.57
CA ASN D 216 2.02 12.64 -15.80
C ASN D 216 3.51 12.97 -15.77
N LEU D 217 3.99 13.57 -14.67
CA LEU D 217 5.33 14.12 -14.64
C LEU D 217 6.37 13.14 -14.12
N ASP D 218 5.94 11.94 -13.71
CA ASP D 218 6.83 10.88 -13.20
C ASP D 218 7.67 11.36 -12.02
N ILE D 219 7.05 12.15 -11.14
CA ILE D 219 7.69 12.57 -9.90
C ILE D 219 7.21 11.67 -8.77
N GLU D 220 8.15 10.98 -8.14
CA GLU D 220 7.80 10.10 -7.03
C GLU D 220 7.32 10.90 -5.83
N ARG D 221 8.00 11.99 -5.51
CA ARG D 221 7.74 12.75 -4.29
C ARG D 221 7.61 14.24 -4.61
N PRO D 222 6.45 14.66 -5.09
CA PRO D 222 6.22 16.09 -5.33
C PRO D 222 6.01 16.84 -4.03
N THR D 223 6.25 18.15 -4.10
CA THR D 223 6.11 19.03 -2.94
C THR D 223 5.23 20.20 -3.35
N TYR D 224 5.14 21.20 -2.46
CA TYR D 224 4.31 22.36 -2.73
C TYR D 224 4.87 23.21 -3.87
N THR D 225 6.18 23.15 -4.11
CA THR D 225 6.79 23.97 -5.15
C THR D 225 6.26 23.61 -6.53
N ASN D 226 6.18 22.31 -6.84
CA ASN D 226 5.66 21.88 -8.13
C ASN D 226 4.19 22.24 -8.29
N LEU D 227 3.43 22.13 -7.19
CA LEU D 227 2.02 22.51 -7.19
C LEU D 227 1.86 23.98 -7.55
N ASN D 228 2.67 24.83 -6.92
CA ASN D 228 2.58 26.26 -7.21
C ASN D 228 3.08 26.58 -8.61
N ARG D 229 4.03 25.80 -9.15
CA ARG D 229 4.47 26.03 -10.52
C ARG D 229 3.35 25.73 -11.51
N LEU D 230 2.62 24.63 -11.28
CA LEU D 230 1.47 24.32 -12.15
C LEU D 230 0.39 25.38 -12.04
N ILE D 231 0.11 25.86 -10.82
CA ILE D 231 -0.90 26.91 -10.66
C ILE D 231 -0.46 28.19 -11.34
N GLY D 232 0.84 28.52 -11.25
CA GLY D 232 1.35 29.69 -11.94
C GLY D 232 1.26 29.57 -13.44
N GLN D 233 1.45 28.36 -13.97
CA GLN D 233 1.26 28.15 -15.40
C GLN D 233 -0.20 28.35 -15.79
N ILE D 234 -1.13 27.92 -14.93
CA ILE D 234 -2.55 28.12 -15.21
C ILE D 234 -2.88 29.61 -15.26
N VAL D 235 -2.40 30.38 -14.28
CA VAL D 235 -2.68 31.81 -14.26
C VAL D 235 -1.99 32.54 -15.42
N SER D 236 -0.80 32.07 -15.82
CA SER D 236 -0.15 32.64 -16.99
C SER D 236 -0.96 32.38 -18.24
N SER D 237 -1.57 31.20 -18.36
CA SER D 237 -2.47 30.94 -19.48
C SER D 237 -3.72 31.79 -19.41
N ILE D 238 -4.17 32.15 -18.20
CA ILE D 238 -5.30 33.07 -18.07
C ILE D 238 -4.94 34.44 -18.65
N THR D 239 -3.80 34.98 -18.23
CA THR D 239 -3.49 36.37 -18.51
C THR D 239 -2.60 36.57 -19.74
N ALA D 240 -2.25 35.50 -20.45
CA ALA D 240 -1.43 35.67 -21.65
C ALA D 240 -2.21 36.36 -22.76
N SER D 241 -3.54 36.33 -22.71
CA SER D 241 -4.33 37.03 -23.72
C SER D 241 -4.20 38.53 -23.58
N LEU D 242 -4.11 39.02 -22.34
CA LEU D 242 -3.79 40.43 -22.14
C LEU D 242 -2.33 40.71 -22.43
N ARG D 243 -1.44 39.83 -21.96
CA ARG D 243 -0.02 40.13 -22.03
C ARG D 243 0.52 40.06 -23.46
N PHE D 244 0.04 39.11 -24.26
CA PHE D 244 0.54 38.94 -25.62
C PHE D 244 -0.64 38.87 -26.57
N ASP D 245 -0.35 38.92 -27.87
CA ASP D 245 -1.38 39.00 -28.89
C ASP D 245 -1.40 37.71 -29.71
N GLY D 246 -2.60 37.25 -30.03
CA GLY D 246 -2.76 36.05 -30.83
C GLY D 246 -3.85 36.19 -31.87
N ALA D 247 -4.27 35.06 -32.46
CA ALA D 247 -5.33 35.09 -33.45
C ALA D 247 -6.67 35.46 -32.81
N LEU D 248 -6.95 34.91 -31.64
CA LEU D 248 -8.17 35.21 -30.89
C LEU D 248 -7.77 35.59 -29.47
N ASN D 249 -8.25 36.75 -29.01
CA ASN D 249 -7.89 37.27 -27.70
C ASN D 249 -9.10 37.23 -26.77
N VAL D 250 -8.86 36.90 -25.51
CA VAL D 250 -9.92 36.73 -24.52
C VAL D 250 -9.62 37.68 -23.36
N ASP D 251 -10.37 38.76 -23.27
CA ASP D 251 -10.30 39.62 -22.10
C ASP D 251 -10.99 38.93 -20.93
N LEU D 252 -10.72 39.44 -19.71
CA LEU D 252 -11.33 38.86 -18.51
C LEU D 252 -12.84 39.10 -18.48
N THR D 253 -13.30 40.27 -18.93
CA THR D 253 -14.73 40.49 -19.06
C THR D 253 -15.33 39.57 -20.11
N GLU D 254 -14.62 39.37 -21.23
CA GLU D 254 -15.04 38.43 -22.26
C GLU D 254 -15.07 37.01 -21.72
N PHE D 255 -14.05 36.66 -20.92
CA PHE D 255 -13.99 35.37 -20.25
C PHE D 255 -15.19 35.13 -19.36
N GLN D 256 -15.53 36.11 -18.52
CA GLN D 256 -16.66 35.96 -17.61
C GLN D 256 -17.98 35.92 -18.37
N THR D 257 -18.10 36.70 -19.45
CA THR D 257 -19.31 36.71 -20.25
C THR D 257 -19.54 35.37 -20.91
N ASN D 258 -18.47 34.74 -21.38
CA ASN D 258 -18.62 33.45 -22.06
C ASN D 258 -18.57 32.25 -21.12
N LEU D 259 -18.27 32.44 -19.84
CA LEU D 259 -18.18 31.29 -18.95
C LEU D 259 -19.23 31.26 -17.84
N VAL D 260 -19.78 32.41 -17.46
CA VAL D 260 -20.67 32.50 -16.30
C VAL D 260 -22.11 32.64 -16.82
N PRO D 261 -22.94 31.59 -16.72
CA PRO D 261 -24.32 31.70 -17.23
C PRO D 261 -25.28 32.35 -16.26
N TYR D 262 -25.03 32.20 -14.96
CA TYR D 262 -25.86 32.76 -13.91
C TYR D 262 -24.95 33.33 -12.83
N PRO D 263 -25.36 34.41 -12.17
CA PRO D 263 -24.45 35.11 -11.25
C PRO D 263 -23.95 34.27 -10.08
N ARG D 264 -24.75 33.31 -9.60
CA ARG D 264 -24.28 32.44 -8.53
C ARG D 264 -23.43 31.29 -9.05
N ILE D 265 -23.41 31.06 -10.37
CA ILE D 265 -22.65 29.96 -10.95
C ILE D 265 -21.38 30.57 -11.54
N HIS D 266 -20.33 30.65 -10.73
CA HIS D 266 -19.05 31.19 -11.18
C HIS D 266 -17.91 30.38 -10.61
N PHE D 267 -18.03 29.05 -10.66
CA PHE D 267 -16.99 28.15 -10.16
C PHE D 267 -16.56 27.19 -11.25
N PRO D 268 -15.75 27.65 -12.19
CA PRO D 268 -15.26 26.75 -13.24
C PRO D 268 -14.14 25.86 -12.72
N LEU D 269 -13.74 24.92 -13.55
CA LEU D 269 -12.73 23.93 -13.21
C LEU D 269 -11.56 24.08 -14.16
N ALA D 270 -10.39 24.36 -13.60
CA ALA D 270 -9.18 24.52 -14.39
C ALA D 270 -8.61 23.16 -14.72
N THR D 271 -7.90 23.10 -15.85
CA THR D 271 -7.02 21.98 -16.20
C THR D 271 -6.01 22.49 -17.20
N TYR D 272 -4.86 21.84 -17.25
CA TYR D 272 -3.78 22.25 -18.12
C TYR D 272 -3.28 21.07 -18.91
N ALA D 273 -3.03 21.28 -20.20
CA ALA D 273 -2.50 20.25 -21.06
C ALA D 273 -1.55 20.89 -22.05
N PRO D 274 -0.41 20.26 -22.32
CA PRO D 274 0.07 18.99 -21.75
C PRO D 274 0.93 19.18 -20.49
N VAL D 275 0.74 18.35 -19.49
CA VAL D 275 1.68 18.21 -18.38
C VAL D 275 2.43 16.91 -18.59
N ILE D 276 3.73 17.04 -18.88
CA ILE D 276 4.59 15.94 -19.31
C ILE D 276 5.98 16.17 -18.76
N SER D 277 6.82 15.14 -18.84
CA SER D 277 8.23 15.24 -18.49
C SER D 277 9.07 15.38 -19.76
N ALA D 278 10.36 15.63 -19.56
CA ALA D 278 11.25 15.83 -20.69
C ALA D 278 11.46 14.54 -21.48
N GLU D 279 11.63 13.41 -20.78
CA GLU D 279 11.86 12.15 -21.47
C GLU D 279 10.58 11.61 -22.10
N LYS D 280 9.42 12.02 -21.59
CA LYS D 280 8.15 11.63 -22.20
C LYS D 280 7.72 12.59 -23.29
N ALA D 281 8.42 13.72 -23.43
CA ALA D 281 8.07 14.70 -24.46
C ALA D 281 8.41 14.20 -25.86
N TYR D 282 9.53 13.49 -25.99
CA TYR D 282 10.05 13.16 -27.31
C TYR D 282 9.22 12.12 -28.04
N HIS D 283 8.42 11.34 -27.32
CA HIS D 283 7.67 10.25 -27.91
C HIS D 283 6.22 10.61 -28.24
N GLU D 284 5.79 11.83 -27.96
CA GLU D 284 4.41 12.23 -28.18
C GLU D 284 4.36 13.37 -29.17
N GLN D 285 3.55 13.21 -30.23
CA GLN D 285 3.28 14.29 -31.18
C GLN D 285 2.08 15.08 -30.66
N LEU D 286 2.39 16.01 -29.76
CA LEU D 286 1.37 16.70 -28.97
C LEU D 286 0.63 17.69 -29.84
N SER D 287 -0.33 17.19 -30.61
CA SER D 287 -1.13 18.01 -31.49
C SER D 287 -2.24 18.71 -30.70
N VAL D 288 -2.97 19.58 -31.39
CA VAL D 288 -4.07 20.30 -30.76
C VAL D 288 -5.18 19.35 -30.33
N ALA D 289 -5.48 18.35 -31.17
CA ALA D 289 -6.55 17.41 -30.88
C ALA D 289 -6.23 16.57 -29.64
N GLU D 290 -4.96 16.14 -29.52
CA GLU D 290 -4.59 15.28 -28.38
C GLU D 290 -4.68 16.03 -27.06
N ILE D 291 -4.16 17.25 -27.00
CA ILE D 291 -4.21 18.00 -25.75
C ILE D 291 -5.64 18.44 -25.44
N THR D 292 -6.45 18.72 -26.48
CA THR D 292 -7.85 19.04 -26.25
C THR D 292 -8.62 17.85 -25.69
N ASN D 293 -8.32 16.65 -26.18
CA ASN D 293 -8.92 15.45 -25.62
C ASN D 293 -8.41 15.20 -24.20
N ALA D 294 -7.14 15.51 -23.96
CA ALA D 294 -6.55 15.30 -22.64
C ALA D 294 -7.09 16.27 -21.59
N CYS D 295 -7.57 17.44 -22.00
CA CYS D 295 -8.21 18.34 -21.05
C CYS D 295 -9.49 17.75 -20.48
N PHE D 296 -10.26 17.04 -21.30
CA PHE D 296 -11.54 16.49 -20.86
C PHE D 296 -11.41 15.16 -20.16
N GLU D 297 -10.20 14.63 -20.04
CA GLU D 297 -9.98 13.42 -19.27
C GLU D 297 -10.11 13.73 -17.78
N PRO D 298 -10.89 12.94 -17.02
CA PRO D 298 -11.04 13.20 -15.58
C PRO D 298 -9.75 13.08 -14.79
N ALA D 299 -8.79 12.30 -15.26
CA ALA D 299 -7.54 12.12 -14.54
C ALA D 299 -6.69 13.38 -14.52
N ASN D 300 -6.88 14.29 -15.47
CA ASN D 300 -6.09 15.50 -15.57
C ASN D 300 -6.79 16.71 -14.95
N GLN D 301 -7.91 16.50 -14.28
CA GLN D 301 -8.63 17.60 -13.66
C GLN D 301 -7.88 18.10 -12.42
N MET D 302 -7.94 19.41 -12.20
CA MET D 302 -7.25 20.02 -11.07
C MET D 302 -8.02 19.90 -9.78
N VAL D 303 -9.25 19.38 -9.82
CA VAL D 303 -10.06 19.10 -8.63
C VAL D 303 -10.43 17.62 -8.66
N LYS D 304 -10.41 16.99 -7.49
CA LYS D 304 -10.79 15.58 -7.40
C LYS D 304 -12.30 15.46 -7.57
N CYS D 305 -12.74 15.24 -8.80
CA CYS D 305 -14.14 15.05 -9.13
C CYS D 305 -14.24 14.36 -10.47
N ASP D 306 -15.41 13.78 -10.75
CA ASP D 306 -15.62 13.05 -11.99
C ASP D 306 -16.59 13.82 -12.88
N PRO D 307 -16.13 14.37 -14.00
CA PRO D 307 -17.05 15.13 -14.88
C PRO D 307 -18.10 14.29 -15.57
N ARG D 308 -17.95 12.96 -15.61
CA ARG D 308 -18.98 12.11 -16.20
C ARG D 308 -20.26 12.17 -15.40
N HIS D 309 -20.15 12.28 -14.08
CA HIS D 309 -21.33 12.39 -13.22
C HIS D 309 -21.96 13.78 -13.28
N GLY D 310 -21.31 14.75 -13.91
CA GLY D 310 -21.85 16.07 -14.10
C GLY D 310 -22.10 16.36 -15.57
N LYS D 311 -22.58 17.58 -15.81
CA LYS D 311 -22.85 18.05 -17.17
C LYS D 311 -22.18 19.40 -17.37
N TYR D 312 -21.47 19.54 -18.49
CA TYR D 312 -20.77 20.77 -18.79
C TYR D 312 -21.76 21.85 -19.21
N MET D 313 -21.71 23.00 -18.54
CA MET D 313 -22.51 24.13 -18.98
C MET D 313 -21.79 24.95 -20.04
N ALA D 314 -20.61 25.48 -19.70
CA ALA D 314 -19.80 26.20 -20.65
C ALA D 314 -18.34 25.96 -20.29
N CYS D 315 -17.49 25.89 -21.31
CA CYS D 315 -16.06 25.68 -21.11
C CYS D 315 -15.28 26.62 -22.01
N CYS D 316 -14.16 27.12 -21.51
CA CYS D 316 -13.33 28.08 -22.22
C CYS D 316 -11.99 27.45 -22.55
N LEU D 317 -11.62 27.46 -23.83
CA LEU D 317 -10.38 26.87 -24.31
C LEU D 317 -9.40 28.00 -24.59
N LEU D 318 -8.23 27.94 -23.98
CA LEU D 318 -7.22 28.99 -24.12
C LEU D 318 -5.93 28.35 -24.63
N TYR D 319 -5.78 28.31 -25.95
CA TYR D 319 -4.59 27.75 -26.57
C TYR D 319 -3.48 28.79 -26.63
N ARG D 320 -2.24 28.32 -26.51
CA ARG D 320 -1.08 29.17 -26.71
C ARG D 320 0.00 28.39 -27.45
N GLY D 321 0.72 29.06 -28.34
CA GLY D 321 1.81 28.47 -29.08
C GLY D 321 1.51 28.38 -30.56
N ASP D 322 2.05 27.34 -31.19
CA ASP D 322 1.87 27.11 -32.63
C ASP D 322 0.53 26.42 -32.85
N VAL D 323 -0.54 27.21 -32.73
CA VAL D 323 -1.91 26.72 -32.80
C VAL D 323 -2.63 27.46 -33.92
N VAL D 324 -3.33 26.71 -34.76
CA VAL D 324 -4.13 27.28 -35.85
C VAL D 324 -5.60 27.07 -35.53
N PRO D 325 -6.52 27.91 -36.03
CA PRO D 325 -7.94 27.70 -35.70
C PRO D 325 -8.56 26.46 -36.33
N LYS D 326 -8.01 25.92 -37.42
CA LYS D 326 -8.70 24.84 -38.12
C LYS D 326 -8.71 23.54 -37.31
N ASP D 327 -7.57 23.15 -36.75
CA ASP D 327 -7.54 21.91 -35.97
C ASP D 327 -8.10 22.12 -34.58
N VAL D 328 -8.14 23.36 -34.11
CA VAL D 328 -8.94 23.69 -32.93
C VAL D 328 -10.40 23.36 -33.20
N ASN D 329 -10.94 23.85 -34.32
CA ASN D 329 -12.33 23.60 -34.67
C ASN D 329 -12.59 22.12 -34.88
N ALA D 330 -11.61 21.41 -35.44
CA ALA D 330 -11.71 19.95 -35.53
C ALA D 330 -11.75 19.30 -34.15
N ALA D 331 -11.02 19.88 -33.18
CA ALA D 331 -11.02 19.33 -31.83
C ALA D 331 -12.37 19.52 -31.13
N ILE D 332 -12.95 20.72 -31.23
CA ILE D 332 -14.32 20.90 -30.74
C ILE D 332 -15.30 19.99 -31.48
N ALA D 333 -15.10 19.77 -32.78
CA ALA D 333 -15.97 18.85 -33.51
C ALA D 333 -15.90 17.43 -32.94
N THR D 334 -14.67 16.95 -32.67
CA THR D 334 -14.51 15.60 -32.13
C THR D 334 -15.04 15.51 -30.70
N ILE D 335 -14.92 16.59 -29.92
CA ILE D 335 -15.47 16.59 -28.56
C ILE D 335 -17.00 16.55 -28.62
N LYS D 336 -17.59 17.28 -29.56
CA LYS D 336 -19.04 17.27 -29.73
C LYS D 336 -19.55 15.90 -30.17
N THR D 337 -18.80 15.22 -31.03
CA THR D 337 -19.22 13.88 -31.44
C THR D 337 -19.03 12.85 -30.32
N LYS D 338 -18.16 13.12 -29.36
CA LYS D 338 -17.88 12.14 -28.32
C LYS D 338 -18.97 12.15 -27.27
N ARG D 339 -19.50 10.96 -26.97
CA ARG D 339 -20.71 10.85 -26.16
C ARG D 339 -20.45 11.07 -24.67
N THR D 340 -19.29 10.63 -24.16
CA THR D 340 -19.05 10.63 -22.72
C THR D 340 -18.91 12.04 -22.14
N ILE D 341 -18.63 13.04 -22.95
CA ILE D 341 -18.75 14.45 -22.55
C ILE D 341 -20.12 14.93 -23.01
N GLN D 342 -21.00 15.21 -22.06
CA GLN D 342 -22.33 15.69 -22.36
C GLN D 342 -22.49 17.12 -21.87
N PHE D 343 -23.15 17.94 -22.68
CA PHE D 343 -23.42 19.33 -22.36
C PHE D 343 -24.87 19.49 -21.97
N VAL D 344 -25.15 20.56 -21.22
CA VAL D 344 -26.51 20.85 -20.83
C VAL D 344 -27.28 21.35 -22.04
N ASP D 345 -28.58 21.00 -22.10
CA ASP D 345 -29.38 21.22 -23.30
C ASP D 345 -29.61 22.69 -23.62
N TRP D 346 -29.44 23.59 -22.66
CA TRP D 346 -29.68 25.01 -22.94
C TRP D 346 -28.44 25.73 -23.46
N CYS D 347 -27.35 25.00 -23.70
CA CYS D 347 -26.12 25.60 -24.22
C CYS D 347 -25.71 24.80 -25.45
N PRO D 348 -26.31 25.07 -26.61
CA PRO D 348 -25.97 24.32 -27.82
C PRO D 348 -24.52 24.45 -28.24
N THR D 349 -23.92 25.62 -28.03
CA THR D 349 -22.48 25.79 -28.15
C THR D 349 -21.95 26.34 -26.84
N GLY D 350 -20.97 25.67 -26.26
CA GLY D 350 -20.46 26.07 -24.97
C GLY D 350 -18.95 26.18 -24.97
N PHE D 351 -18.39 26.57 -26.11
CA PHE D 351 -16.94 26.63 -26.30
C PHE D 351 -16.54 28.07 -26.56
N LYS D 352 -15.71 28.62 -25.68
CA LYS D 352 -15.06 29.90 -25.88
C LYS D 352 -13.59 29.64 -26.16
N VAL D 353 -13.12 30.09 -27.32
CA VAL D 353 -11.79 29.74 -27.82
C VAL D 353 -10.95 30.99 -27.95
N GLY D 354 -9.74 30.95 -27.41
CA GLY D 354 -8.76 31.98 -27.64
C GLY D 354 -7.39 31.41 -27.90
N ILE D 355 -6.75 31.83 -29.00
CA ILE D 355 -5.44 31.35 -29.38
C ILE D 355 -4.43 32.48 -29.17
N ASN D 356 -3.39 32.20 -28.41
CA ASN D 356 -2.28 33.12 -28.23
C ASN D 356 -1.06 32.61 -28.98
N TYR D 357 -0.27 33.54 -29.53
CA TYR D 357 0.83 33.14 -30.39
C TYR D 357 2.03 32.60 -29.61
N GLN D 358 2.29 33.12 -28.42
CA GLN D 358 3.52 32.77 -27.74
C GLN D 358 3.38 31.45 -27.01
N PRO D 359 4.29 30.50 -27.20
CA PRO D 359 4.28 29.26 -26.42
C PRO D 359 4.64 29.53 -24.97
N PRO D 360 4.22 28.68 -24.05
CA PRO D 360 4.54 28.91 -22.64
C PRO D 360 6.02 28.70 -22.36
N THR D 361 6.58 29.57 -21.54
CA THR D 361 7.98 29.47 -21.17
C THR D 361 8.15 28.47 -20.03
N VAL D 362 9.33 27.87 -19.96
CA VAL D 362 9.64 26.90 -18.94
C VAL D 362 10.66 27.51 -17.98
N VAL D 363 10.66 27.01 -16.75
CA VAL D 363 11.52 27.53 -15.70
C VAL D 363 12.66 26.53 -15.45
N PRO D 364 13.89 27.00 -15.25
CA PRO D 364 14.97 26.08 -14.88
C PRO D 364 14.70 25.45 -13.52
N GLY D 365 14.93 24.14 -13.44
CA GLY D 365 14.55 23.39 -12.27
C GLY D 365 13.11 22.96 -12.24
N GLY D 366 12.30 23.37 -13.22
CA GLY D 366 10.94 22.91 -13.29
C GLY D 366 10.83 21.55 -13.93
N ASP D 367 9.70 20.89 -13.68
CA ASP D 367 9.48 19.54 -14.16
C ASP D 367 8.67 19.48 -15.45
N LEU D 368 8.14 20.61 -15.92
CA LEU D 368 7.42 20.63 -17.18
C LEU D 368 8.38 20.72 -18.35
N ALA D 369 8.15 19.90 -19.36
CA ALA D 369 8.97 19.94 -20.56
C ALA D 369 8.56 21.12 -21.45
N LYS D 370 9.48 21.55 -22.30
CA LYS D 370 9.20 22.61 -23.24
C LYS D 370 8.33 22.06 -24.38
N VAL D 371 7.22 22.72 -24.65
CA VAL D 371 6.24 22.25 -25.63
C VAL D 371 5.96 23.35 -26.63
N GLN D 372 5.56 22.93 -27.83
CA GLN D 372 5.16 23.89 -28.86
C GLN D 372 3.79 24.47 -28.59
N ARG D 373 2.87 23.65 -28.08
CA ARG D 373 1.49 24.05 -27.85
C ARG D 373 1.09 23.70 -26.42
N ALA D 374 0.19 24.51 -25.87
CA ALA D 374 -0.39 24.23 -24.56
C ALA D 374 -1.78 24.85 -24.53
N VAL D 375 -2.60 24.37 -23.60
CA VAL D 375 -3.98 24.80 -23.51
C VAL D 375 -4.44 24.68 -22.06
N CYS D 376 -5.21 25.67 -21.62
CA CYS D 376 -5.85 25.66 -20.31
C CYS D 376 -7.36 25.70 -20.54
N MET D 377 -8.03 24.58 -20.29
CA MET D 377 -9.47 24.49 -20.48
C MET D 377 -10.15 24.75 -19.15
N LEU D 378 -11.18 25.59 -19.16
CA LEU D 378 -11.82 26.09 -17.94
C LEU D 378 -13.32 25.82 -18.07
N SER D 379 -13.79 24.75 -17.45
CA SER D 379 -15.13 24.25 -17.66
C SER D 379 -16.00 24.55 -16.44
N ASN D 380 -17.17 25.15 -16.70
CA ASN D 380 -18.19 25.32 -15.68
C ASN D 380 -19.11 24.10 -15.77
N THR D 381 -18.96 23.17 -14.84
CA THR D 381 -19.72 21.93 -14.86
C THR D 381 -20.38 21.70 -13.51
N THR D 382 -21.37 20.82 -13.51
CA THR D 382 -22.10 20.47 -12.30
C THR D 382 -21.37 19.42 -11.47
N ALA D 383 -20.23 18.93 -11.93
CA ALA D 383 -19.47 17.93 -11.20
C ALA D 383 -18.67 18.51 -10.05
N ILE D 384 -18.63 19.83 -9.89
CA ILE D 384 -17.93 20.43 -8.77
C ILE D 384 -18.74 20.27 -7.48
N ALA D 385 -20.05 20.03 -7.59
CA ALA D 385 -20.90 20.01 -6.42
C ALA D 385 -20.69 18.80 -5.53
N GLU D 386 -20.02 17.74 -6.02
CA GLU D 386 -19.81 16.58 -5.17
C GLU D 386 -18.69 16.80 -4.15
N ALA D 387 -17.65 17.56 -4.52
CA ALA D 387 -16.66 18.00 -3.54
C ALA D 387 -17.30 18.90 -2.50
N TRP D 388 -18.23 19.75 -2.95
CA TRP D 388 -19.03 20.57 -2.05
C TRP D 388 -19.85 19.69 -1.12
N ALA D 389 -20.43 18.61 -1.65
CA ALA D 389 -21.27 17.72 -0.86
C ALA D 389 -20.46 17.01 0.22
N ARG D 390 -19.27 16.51 -0.12
CA ARG D 390 -18.48 15.82 0.89
C ARG D 390 -17.88 16.79 1.91
N LEU D 391 -17.60 18.03 1.49
CA LEU D 391 -17.21 19.04 2.47
C LEU D 391 -18.35 19.33 3.44
N ASP D 392 -19.59 19.42 2.92
CA ASP D 392 -20.74 19.62 3.81
C ASP D 392 -20.94 18.43 4.73
N HIS D 393 -20.66 17.22 4.24
CA HIS D 393 -20.76 16.05 5.10
C HIS D 393 -19.76 16.10 6.25
N LYS D 394 -18.51 16.48 5.95
CA LYS D 394 -17.50 16.62 7.00
C LYS D 394 -17.86 17.74 7.98
N PHE D 395 -18.38 18.85 7.46
CA PHE D 395 -18.80 19.96 8.30
C PHE D 395 -19.95 19.54 9.23
N ASP D 396 -20.91 18.80 8.71
CA ASP D 396 -22.04 18.37 9.53
C ASP D 396 -21.60 17.37 10.59
N LEU D 397 -20.68 16.47 10.24
CA LEU D 397 -20.15 15.54 11.22
C LEU D 397 -19.42 16.27 12.35
N MET D 398 -18.65 17.30 12.01
CA MET D 398 -17.88 17.97 13.02
C MET D 398 -18.70 19.00 13.80
N TYR D 399 -19.79 19.50 13.22
CA TYR D 399 -20.64 20.49 13.87
C TYR D 399 -21.78 19.87 14.66
N ALA D 400 -22.08 18.58 14.43
CA ALA D 400 -23.10 17.91 15.23
C ALA D 400 -22.69 17.82 16.68
N LYS D 401 -21.40 17.62 16.95
CA LYS D 401 -20.88 17.54 18.30
C LYS D 401 -20.38 18.89 18.82
N ARG D 402 -20.54 19.95 18.03
CA ARG D 402 -20.07 21.31 18.36
C ARG D 402 -18.57 21.33 18.65
N ALA D 403 -17.82 20.57 17.88
CA ALA D 403 -16.38 20.52 18.06
C ALA D 403 -15.72 21.79 17.51
N PHE D 404 -14.74 22.30 18.25
CA PHE D 404 -13.90 23.44 17.91
C PHE D 404 -14.67 24.74 17.76
N VAL D 405 -15.94 24.80 18.17
CA VAL D 405 -16.71 26.02 17.99
C VAL D 405 -16.32 27.09 19.00
N HIS D 406 -15.83 26.70 20.18
CA HIS D 406 -15.50 27.66 21.21
C HIS D 406 -14.34 28.55 20.80
N TRP D 407 -13.43 28.06 19.95
CA TRP D 407 -12.36 28.89 19.43
C TRP D 407 -12.92 30.02 18.57
N TYR D 408 -13.92 29.72 17.75
CA TYR D 408 -14.52 30.75 16.91
C TYR D 408 -15.36 31.72 17.74
N VAL D 409 -16.12 31.19 18.70
CA VAL D 409 -17.00 32.02 19.51
C VAL D 409 -16.20 32.97 20.39
N GLY D 410 -15.05 32.50 20.90
CA GLY D 410 -14.24 33.34 21.75
C GLY D 410 -13.58 34.51 21.03
N GLU D 411 -13.55 34.46 19.70
CA GLU D 411 -12.92 35.50 18.90
C GLU D 411 -13.95 36.37 18.16
N GLY D 412 -15.11 36.59 18.74
CA GLY D 412 -16.08 37.51 18.18
C GLY D 412 -16.97 36.94 17.09
N MET D 413 -17.50 35.74 17.26
CA MET D 413 -18.32 35.09 16.25
C MET D 413 -19.48 34.35 16.92
N GLU D 414 -20.62 34.32 16.23
CA GLU D 414 -21.81 33.64 16.71
C GLU D 414 -22.03 32.34 15.96
N GLU D 415 -22.80 31.43 16.57
CA GLU D 415 -23.14 30.17 15.92
C GLU D 415 -24.10 30.37 14.76
N GLY D 416 -24.84 31.48 14.78
CA GLY D 416 -25.74 31.78 13.68
C GLY D 416 -25.00 31.98 12.37
N GLU D 417 -23.75 32.45 12.43
CA GLU D 417 -22.95 32.56 11.23
C GLU D 417 -22.62 31.18 10.65
N PHE D 418 -22.33 30.21 11.52
CA PHE D 418 -22.14 28.83 11.08
C PHE D 418 -23.42 28.30 10.42
N SER D 419 -24.56 28.56 11.06
CA SER D 419 -25.83 28.06 10.54
C SER D 419 -26.16 28.67 9.19
N GLU D 420 -25.99 30.00 9.05
CA GLU D 420 -26.33 30.63 7.78
C GLU D 420 -25.33 30.29 6.70
N ALA D 421 -24.06 30.07 7.05
CA ALA D 421 -23.09 29.61 6.06
C ALA D 421 -23.45 28.25 5.52
N ARG D 422 -23.86 27.33 6.41
CA ARG D 422 -24.29 26.01 5.95
C ARG D 422 -25.56 26.10 5.10
N GLU D 423 -26.52 26.95 5.49
CA GLU D 423 -27.76 27.08 4.72
C GLU D 423 -27.50 27.68 3.35
N ASP D 424 -26.66 28.71 3.25
CA ASP D 424 -26.36 29.28 1.94
C ASP D 424 -25.53 28.32 1.09
N MET D 425 -24.71 27.48 1.72
CA MET D 425 -23.94 26.50 0.98
C MET D 425 -24.87 25.45 0.37
N ALA D 426 -25.86 25.01 1.16
CA ALA D 426 -26.87 24.09 0.66
C ALA D 426 -27.72 24.74 -0.44
N ALA D 427 -27.98 26.04 -0.31
CA ALA D 427 -28.71 26.75 -1.36
C ALA D 427 -27.92 26.79 -2.65
N LEU D 428 -26.61 26.98 -2.56
CA LEU D 428 -25.74 26.94 -3.74
C LEU D 428 -25.78 25.56 -4.39
N GLU D 429 -25.74 24.50 -3.58
CA GLU D 429 -25.83 23.15 -4.14
C GLU D 429 -27.19 22.91 -4.80
N LYS D 430 -28.26 23.43 -4.19
CA LYS D 430 -29.58 23.30 -4.79
C LYS D 430 -29.66 24.04 -6.13
N ASP D 431 -29.03 25.21 -6.22
CA ASP D 431 -28.99 25.92 -7.49
C ASP D 431 -28.21 25.14 -8.54
N TYR D 432 -27.10 24.53 -8.15
CA TYR D 432 -26.32 23.74 -9.12
C TYR D 432 -27.09 22.52 -9.61
N GLU D 433 -27.77 21.81 -8.71
CA GLU D 433 -28.54 20.66 -9.18
C GLU D 433 -29.80 21.09 -9.91
N GLU D 434 -30.29 22.31 -9.67
CA GLU D 434 -31.44 22.81 -10.43
C GLU D 434 -31.06 23.16 -11.85
N VAL D 435 -29.89 23.79 -12.04
CA VAL D 435 -29.46 24.08 -13.42
C VAL D 435 -28.86 22.86 -14.09
N GLY D 436 -28.56 21.80 -13.33
CA GLY D 436 -28.03 20.60 -13.94
C GLY D 436 -29.05 19.86 -14.80
N VAL D 437 -30.31 19.85 -14.38
CA VAL D 437 -31.32 19.04 -15.05
C VAL D 437 -31.73 19.68 -16.36
N ASP D 438 -32.35 18.87 -17.23
CA ASP D 438 -32.80 19.32 -18.53
C ASP D 438 -34.24 19.84 -18.44
N SER D 439 -34.85 20.05 -19.60
CA SER D 439 -36.22 20.52 -19.66
C SER D 439 -37.04 19.70 -20.64
N GLY E 2 -21.74 -28.20 50.61
CA GLY E 2 -22.94 -27.41 50.41
C GLY E 2 -23.09 -26.91 48.99
N PRO E 3 -24.11 -26.09 48.75
CA PRO E 3 -24.24 -25.45 47.42
C PRO E 3 -23.04 -24.57 47.11
N ILE E 4 -22.58 -24.63 45.87
CA ILE E 4 -21.41 -23.86 45.50
C ILE E 4 -21.72 -22.38 45.32
N TYR E 5 -22.98 -22.04 45.07
CA TYR E 5 -23.38 -20.65 44.81
C TYR E 5 -23.88 -20.03 46.11
N ILE E 6 -23.90 -18.69 46.13
CA ILE E 6 -24.64 -17.93 47.14
C ILE E 6 -25.49 -16.93 46.35
N ILE E 7 -26.81 -17.06 46.44
CA ILE E 7 -27.69 -16.09 45.81
C ILE E 7 -27.68 -14.81 46.63
N VAL E 8 -27.17 -13.73 46.04
CA VAL E 8 -27.20 -12.41 46.63
C VAL E 8 -28.51 -11.75 46.25
N PRO E 9 -29.37 -11.38 47.21
CA PRO E 9 -30.59 -10.64 46.88
C PRO E 9 -30.26 -9.28 46.26
N ASN E 10 -30.74 -9.06 45.03
CA ASN E 10 -30.43 -7.86 44.24
C ASN E 10 -28.92 -7.71 44.09
N GLY E 11 -28.29 -8.73 43.51
CA GLY E 11 -26.86 -8.72 43.28
C GLY E 11 -26.47 -8.38 41.87
N LYS E 12 -27.13 -9.03 40.90
CA LYS E 12 -26.85 -8.76 39.50
C LYS E 12 -27.21 -7.34 39.12
N GLU E 13 -28.37 -6.86 39.57
CA GLU E 13 -28.77 -5.50 39.26
C GLU E 13 -27.91 -4.49 40.01
N GLN E 14 -27.39 -4.86 41.18
CA GLN E 14 -26.42 -4.02 41.87
C GLN E 14 -25.14 -3.90 41.06
N ARG E 15 -24.67 -5.02 40.49
CA ARG E 15 -23.51 -4.98 39.61
C ARG E 15 -23.79 -4.13 38.37
N VAL E 16 -25.01 -4.21 37.85
CA VAL E 16 -25.39 -3.46 36.66
C VAL E 16 -25.44 -1.96 36.94
N LYS E 17 -25.98 -1.55 38.09
CA LYS E 17 -25.98 -0.12 38.42
C LYS E 17 -24.60 0.34 38.85
N ASP E 18 -23.74 -0.59 39.28
CA ASP E 18 -22.34 -0.24 39.51
C ASP E 18 -21.61 0.02 38.19
N GLU E 19 -21.92 -0.75 37.15
CA GLU E 19 -21.17 -0.60 35.91
C GLU E 19 -21.74 0.51 35.03
N LYS E 20 -23.04 0.82 35.14
CA LYS E 20 -23.54 1.93 34.33
C LYS E 20 -23.14 3.28 34.89
N ALA E 21 -22.92 3.39 36.20
CA ALA E 21 -22.60 4.66 36.85
C ALA E 21 -21.09 4.87 36.95
N LEU E 22 -20.30 3.99 36.34
CA LEU E 22 -18.84 4.06 36.31
C LEU E 22 -18.26 4.03 37.72
N LYS E 23 -18.54 2.92 38.41
CA LYS E 23 -17.85 2.59 39.66
C LYS E 23 -16.99 1.35 39.53
N VAL E 24 -17.27 0.50 38.53
CA VAL E 24 -16.40 -0.61 38.17
C VAL E 24 -16.12 -0.51 36.68
N LEU E 25 -15.00 -1.08 36.27
CA LEU E 25 -14.52 -0.90 34.91
C LEU E 25 -15.30 -1.77 33.93
N LYS E 26 -15.77 -1.14 32.85
CA LYS E 26 -16.62 -1.81 31.87
C LYS E 26 -15.83 -2.85 31.08
N TRP E 27 -16.50 -3.93 30.71
CA TRP E 27 -15.90 -4.96 29.86
C TRP E 27 -15.70 -4.50 28.43
N ASN E 28 -14.56 -3.92 28.13
CA ASN E 28 -14.20 -3.58 26.76
C ASN E 28 -12.67 -3.53 26.72
N PHE E 29 -12.05 -4.61 26.24
CA PHE E 29 -10.60 -4.66 26.13
C PHE E 29 -10.19 -5.66 25.04
N THR E 30 -8.89 -5.69 24.76
CA THR E 30 -8.35 -6.56 23.74
C THR E 30 -7.44 -7.65 24.31
N THR E 31 -6.67 -7.34 25.36
CA THR E 31 -5.71 -8.26 25.96
C THR E 31 -6.05 -8.32 27.45
N PRO E 32 -5.81 -9.44 28.14
CA PRO E 32 -6.12 -9.52 29.57
C PRO E 32 -5.17 -8.70 30.43
N ARG E 33 -5.67 -8.05 31.48
CA ARG E 33 -4.84 -7.26 32.39
C ARG E 33 -5.08 -7.70 33.82
N ASP E 34 -4.41 -7.04 34.76
CA ASP E 34 -4.60 -7.36 36.17
C ASP E 34 -5.92 -6.79 36.69
N GLU E 35 -6.10 -5.47 36.60
CA GLU E 35 -7.15 -4.76 37.34
C GLU E 35 -8.53 -5.36 37.05
N TYR E 36 -8.72 -5.88 35.84
CA TYR E 36 -9.94 -6.58 35.48
C TYR E 36 -10.10 -7.86 36.31
N ILE E 37 -9.01 -8.62 36.52
CA ILE E 37 -9.19 -9.91 37.16
C ILE E 37 -9.31 -9.75 38.68
N GLU E 38 -8.63 -8.77 39.29
CA GLU E 38 -8.97 -8.60 40.72
C GLU E 38 -10.29 -7.88 40.91
N GLN E 39 -10.80 -7.17 39.88
CA GLN E 39 -12.20 -6.78 39.93
C GLN E 39 -13.10 -8.00 40.05
N LEU E 40 -12.90 -8.99 39.17
CA LEU E 40 -13.66 -10.23 39.30
C LEU E 40 -13.43 -10.94 40.63
N LYS E 41 -12.25 -10.83 41.24
CA LYS E 41 -12.10 -11.35 42.60
C LYS E 41 -12.95 -10.57 43.60
N THR E 42 -13.18 -9.28 43.36
CA THR E 42 -14.03 -8.52 44.27
C THR E 42 -15.52 -8.83 44.09
N GLN E 43 -16.12 -8.52 42.94
CA GLN E 43 -17.55 -8.80 42.87
C GLN E 43 -17.90 -10.26 42.54
N MET E 44 -16.92 -11.13 42.40
CA MET E 44 -17.18 -12.56 42.29
C MET E 44 -17.28 -13.22 43.67
N SER E 45 -16.72 -12.59 44.70
CA SER E 45 -16.62 -13.21 46.01
C SER E 45 -17.95 -13.54 46.69
N PRO E 46 -18.97 -12.67 46.76
CA PRO E 46 -20.15 -13.06 47.54
C PRO E 46 -21.11 -13.98 46.82
N CYS E 47 -20.74 -14.50 45.64
CA CYS E 47 -21.65 -15.28 44.81
C CYS E 47 -21.35 -16.77 44.82
N ILE E 48 -20.09 -17.18 44.77
CA ILE E 48 -19.71 -18.60 44.76
C ILE E 48 -18.62 -18.84 45.80
N ALA E 49 -18.73 -19.98 46.49
CA ALA E 49 -17.94 -20.28 47.68
C ALA E 49 -16.45 -20.38 47.38
N ARG E 50 -15.64 -20.33 48.45
CA ARG E 50 -14.23 -20.00 48.30
C ARG E 50 -13.43 -21.16 47.72
N TRP E 51 -13.84 -22.40 48.01
CA TRP E 51 -13.05 -23.55 47.57
C TRP E 51 -13.18 -23.78 46.08
N LEU E 52 -14.13 -23.10 45.43
CA LEU E 52 -14.18 -23.10 43.98
C LEU E 52 -13.54 -21.82 43.41
N GLN E 53 -13.57 -20.73 44.20
CA GLN E 53 -12.88 -19.49 43.85
C GLN E 53 -11.38 -19.65 43.75
N ASP E 54 -10.75 -20.28 44.74
CA ASP E 54 -9.30 -20.39 44.72
C ASP E 54 -8.81 -21.44 43.73
N GLU E 55 -9.72 -22.08 43.02
CA GLU E 55 -9.31 -23.05 42.01
C GLU E 55 -9.72 -22.63 40.61
N LEU E 56 -10.69 -21.73 40.47
CA LEU E 56 -10.99 -21.20 39.13
C LEU E 56 -10.05 -20.05 38.75
N PHE E 57 -9.33 -19.48 39.72
CA PHE E 57 -8.30 -18.48 39.47
C PHE E 57 -6.92 -18.93 39.93
N HIS E 58 -6.60 -20.19 39.67
CA HIS E 58 -5.30 -20.76 39.96
C HIS E 58 -4.51 -20.91 38.68
N ALA E 59 -3.17 -20.82 38.80
CA ALA E 59 -2.32 -20.78 37.62
C ALA E 59 -2.33 -22.11 36.86
N ASP E 60 -2.42 -23.23 37.58
CA ASP E 60 -2.39 -24.52 36.93
C ASP E 60 -3.74 -24.85 36.29
N PHE E 61 -3.70 -25.54 35.16
CA PHE E 61 -4.89 -25.81 34.38
C PHE E 61 -5.65 -27.05 34.83
N GLN E 62 -4.97 -28.00 35.49
CA GLN E 62 -5.68 -29.17 36.02
C GLN E 62 -6.66 -28.77 37.12
N ARG E 63 -6.26 -27.80 37.94
CA ARG E 63 -7.16 -27.28 38.96
C ARG E 63 -8.33 -26.55 38.31
N GLN E 64 -8.07 -25.83 37.22
CA GLN E 64 -9.11 -25.19 36.42
C GLN E 64 -10.12 -26.20 35.90
N ILE E 65 -9.63 -27.28 35.28
CA ILE E 65 -10.55 -28.22 34.63
C ILE E 65 -11.33 -29.02 35.66
N LYS E 66 -10.73 -29.32 36.83
CA LYS E 66 -11.52 -30.04 37.83
C LYS E 66 -12.55 -29.11 38.48
N GLY E 67 -12.22 -27.82 38.63
CA GLY E 67 -13.22 -26.88 39.10
C GLY E 67 -14.40 -26.72 38.16
N LEU E 68 -14.12 -26.62 36.85
CA LEU E 68 -15.23 -26.50 35.90
C LEU E 68 -16.01 -27.79 35.80
N ALA E 69 -15.37 -28.95 36.03
CA ALA E 69 -16.11 -30.20 36.15
C ALA E 69 -17.03 -30.17 37.36
N VAL E 70 -16.54 -29.67 38.50
CA VAL E 70 -17.37 -29.55 39.70
C VAL E 70 -18.58 -28.66 39.42
N MET E 71 -18.41 -27.58 38.66
CA MET E 71 -19.59 -26.84 38.21
C MET E 71 -20.46 -27.68 37.26
N THR E 72 -19.86 -28.62 36.52
CA THR E 72 -20.65 -29.40 35.57
C THR E 72 -21.58 -30.40 36.24
N GLU E 73 -21.13 -31.10 37.31
CA GLU E 73 -22.13 -31.91 38.01
C GLU E 73 -23.19 -31.07 38.71
N HIS E 74 -22.89 -29.80 39.01
CA HIS E 74 -23.81 -28.94 39.73
C HIS E 74 -24.56 -27.98 38.81
N LEU E 75 -24.62 -28.30 37.52
CA LEU E 75 -25.31 -27.40 36.59
C LEU E 75 -26.83 -27.61 36.65
N GLU E 76 -27.28 -28.86 36.59
CA GLU E 76 -28.70 -29.16 36.61
C GLU E 76 -29.33 -28.91 37.98
N SER E 77 -28.67 -29.32 39.06
CA SER E 77 -29.26 -29.24 40.39
C SER E 77 -29.26 -27.84 40.96
N GLU E 78 -28.46 -26.92 40.41
CA GLU E 78 -28.20 -25.62 41.02
C GLU E 78 -28.35 -24.51 39.98
N LYS E 79 -29.48 -24.58 39.25
CA LYS E 79 -29.67 -23.68 38.10
C LYS E 79 -30.02 -22.26 38.54
N GLU E 80 -30.63 -22.10 39.71
CA GLU E 80 -31.00 -20.77 40.16
C GLU E 80 -29.78 -19.94 40.52
N GLY E 81 -28.77 -20.57 41.12
CA GLY E 81 -27.52 -19.88 41.36
C GLY E 81 -26.77 -19.58 40.08
N VAL E 82 -26.95 -20.42 39.05
CA VAL E 82 -26.39 -20.13 37.74
C VAL E 82 -27.03 -18.89 37.14
N ILE E 83 -28.37 -18.80 37.25
CA ILE E 83 -29.09 -17.64 36.71
C ILE E 83 -28.75 -16.38 37.50
N SER E 84 -28.57 -16.50 38.82
CA SER E 84 -28.35 -15.34 39.68
C SER E 84 -27.02 -14.65 39.37
N CYS E 85 -26.00 -15.43 39.01
CA CYS E 85 -24.70 -14.86 38.67
C CYS E 85 -24.24 -15.33 37.30
N LEU E 86 -25.16 -15.32 36.34
CA LEU E 86 -24.83 -15.72 34.97
C LEU E 86 -23.81 -14.80 34.33
N ASP E 87 -23.90 -13.50 34.62
CA ASP E 87 -22.96 -12.54 34.07
C ASP E 87 -21.54 -12.82 34.52
N LEU E 88 -21.34 -13.23 35.78
CA LEU E 88 -19.99 -13.49 36.25
C LEU E 88 -19.41 -14.79 35.70
N VAL E 89 -20.23 -15.82 35.49
CA VAL E 89 -19.66 -17.06 34.96
C VAL E 89 -19.35 -16.90 33.47
N LEU E 90 -20.21 -16.22 32.70
CA LEU E 90 -19.81 -15.91 31.33
C LEU E 90 -18.63 -14.93 31.30
N LYS E 91 -18.52 -14.09 32.34
CA LYS E 91 -17.43 -13.15 32.45
C LYS E 91 -16.11 -13.88 32.61
N TRP E 92 -16.07 -14.92 33.45
CA TRP E 92 -14.87 -15.74 33.58
C TRP E 92 -14.67 -16.65 32.37
N PHE E 93 -15.75 -17.02 31.66
CA PHE E 93 -15.60 -17.68 30.37
C PHE E 93 -14.82 -16.84 29.38
N THR E 94 -15.04 -15.52 29.38
CA THR E 94 -14.28 -14.65 28.49
C THR E 94 -12.79 -14.65 28.84
N LEU E 95 -12.43 -14.86 30.11
CA LEU E 95 -11.02 -14.94 30.50
C LEU E 95 -10.32 -16.19 29.99
N ARG E 96 -10.99 -17.35 30.03
CA ARG E 96 -10.36 -18.58 29.57
C ARG E 96 -10.39 -18.74 28.07
N PHE E 97 -10.64 -17.67 27.34
CA PHE E 97 -10.57 -17.69 25.89
C PHE E 97 -9.17 -17.32 25.39
N PHE E 98 -8.51 -16.38 26.06
CA PHE E 98 -7.29 -15.78 25.54
C PHE E 98 -6.04 -16.59 25.81
N ASP E 99 -6.12 -17.68 26.56
CA ASP E 99 -4.95 -18.51 26.80
C ASP E 99 -4.83 -19.59 25.72
N THR E 100 -3.62 -20.13 25.58
CA THR E 100 -3.29 -21.02 24.48
C THR E 100 -3.60 -22.49 24.77
N ASN E 101 -3.94 -22.85 26.01
CA ASN E 101 -4.26 -24.23 26.33
C ASN E 101 -5.59 -24.59 25.69
N THR E 102 -5.64 -25.75 25.02
CA THR E 102 -6.84 -26.12 24.27
C THR E 102 -7.73 -27.08 25.04
N SER E 103 -7.17 -27.77 26.04
CA SER E 103 -7.99 -28.65 26.88
C SER E 103 -9.00 -27.86 27.67
N VAL E 104 -8.56 -26.73 28.25
CA VAL E 104 -9.48 -25.85 28.96
C VAL E 104 -10.51 -25.27 27.99
N LEU E 105 -10.11 -24.97 26.75
CA LEU E 105 -11.05 -24.45 25.76
C LEU E 105 -12.16 -25.46 25.48
N MET E 106 -11.78 -26.72 25.22
CA MET E 106 -12.79 -27.71 24.83
C MET E 106 -13.69 -28.07 26.01
N LYS E 107 -13.12 -28.18 27.22
CA LYS E 107 -13.96 -28.40 28.39
C LYS E 107 -14.92 -27.25 28.64
N CYS E 108 -14.44 -26.00 28.54
CA CYS E 108 -15.33 -24.87 28.72
C CYS E 108 -16.44 -24.84 27.69
N LEU E 109 -16.12 -25.09 26.41
CA LEU E 109 -17.16 -24.98 25.39
C LEU E 109 -18.16 -26.14 25.47
N GLU E 110 -17.74 -27.30 25.99
CA GLU E 110 -18.73 -28.32 26.36
C GLU E 110 -19.68 -27.80 27.45
N TYR E 111 -19.12 -27.13 28.46
CA TYR E 111 -19.97 -26.60 29.53
C TYR E 111 -20.86 -25.47 29.02
N LEU E 112 -20.38 -24.74 28.02
CA LEU E 112 -21.15 -23.68 27.41
C LEU E 112 -22.35 -24.32 26.70
N LYS E 113 -22.10 -25.42 25.98
CA LYS E 113 -23.17 -26.13 25.29
C LYS E 113 -24.26 -26.54 26.27
N LEU E 114 -23.87 -27.18 27.37
CA LEU E 114 -24.84 -27.57 28.39
C LEU E 114 -25.54 -26.36 29.00
N LEU E 115 -24.81 -25.26 29.17
CA LEU E 115 -25.37 -24.05 29.78
C LEU E 115 -26.43 -23.41 28.91
N PHE E 116 -26.16 -23.21 27.63
CA PHE E 116 -27.21 -22.65 26.77
C PHE E 116 -28.35 -23.62 26.51
N ILE E 117 -28.12 -24.93 26.62
CA ILE E 117 -29.28 -25.83 26.64
C ILE E 117 -30.16 -25.55 27.85
N MET E 118 -29.56 -25.44 29.04
CA MET E 118 -30.36 -25.22 30.24
C MET E 118 -31.01 -23.85 30.26
N LEU E 119 -30.32 -22.82 29.75
CA LEU E 119 -30.94 -21.50 29.64
C LEU E 119 -32.01 -21.46 28.56
N SER E 120 -31.91 -22.34 27.56
CA SER E 120 -32.99 -22.45 26.58
C SER E 120 -34.25 -23.04 27.21
N GLN E 121 -34.11 -24.12 27.98
CA GLN E 121 -35.29 -24.81 28.49
C GLN E 121 -35.98 -24.03 29.62
N GLU E 122 -35.29 -23.07 30.22
CA GLU E 122 -35.87 -22.29 31.32
C GLU E 122 -36.41 -20.93 30.87
N GLU E 123 -36.33 -20.63 29.57
CA GLU E 123 -36.92 -19.43 28.94
C GLU E 123 -36.41 -18.13 29.58
N TYR E 124 -35.13 -18.12 29.90
CA TYR E 124 -34.46 -16.93 30.39
C TYR E 124 -33.96 -16.12 29.19
N HIS E 125 -34.24 -14.82 29.20
CA HIS E 125 -33.76 -13.92 28.18
C HIS E 125 -32.47 -13.26 28.67
N LEU E 126 -31.38 -13.53 27.96
CA LEU E 126 -30.08 -12.97 28.32
C LEU E 126 -30.09 -11.46 28.12
N THR E 127 -29.47 -10.75 29.05
CA THR E 127 -29.61 -9.30 29.11
C THR E 127 -28.56 -8.61 28.23
N GLU E 128 -28.64 -7.28 28.20
CA GLU E 128 -27.82 -6.50 27.29
C GLU E 128 -26.35 -6.51 27.70
N MET E 129 -26.08 -6.28 28.99
CA MET E 129 -24.70 -6.20 29.44
C MET E 129 -24.01 -7.56 29.41
N GLU E 130 -24.77 -8.64 29.63
CA GLU E 130 -24.24 -9.99 29.47
C GLU E 130 -23.81 -10.24 28.03
N GLY E 131 -24.65 -9.82 27.07
CA GLY E 131 -24.30 -9.95 25.67
C GLY E 131 -23.11 -9.12 25.26
N THR E 132 -23.07 -7.85 25.67
CA THR E 132 -21.95 -6.99 25.32
C THR E 132 -20.64 -7.42 25.99
N SER E 133 -20.72 -8.14 27.11
CA SER E 133 -19.52 -8.62 27.76
C SER E 133 -19.08 -10.00 27.28
N PHE E 134 -19.97 -10.80 26.69
CA PHE E 134 -19.59 -12.16 26.31
C PHE E 134 -19.49 -12.36 24.81
N LEU E 135 -20.44 -11.84 24.02
CA LEU E 135 -20.49 -12.15 22.60
C LEU E 135 -19.29 -11.66 21.79
N PRO E 136 -18.82 -10.36 21.90
CA PRO E 136 -17.66 -9.97 21.10
C PRO E 136 -16.38 -10.68 21.50
N TYR E 137 -16.36 -11.22 22.72
CA TYR E 137 -15.21 -12.00 23.15
C TYR E 137 -15.33 -13.44 22.70
N LEU E 138 -16.57 -13.90 22.44
CA LEU E 138 -16.79 -15.19 21.82
C LEU E 138 -16.46 -15.16 20.33
N MET E 139 -16.56 -14.00 19.68
CA MET E 139 -16.36 -13.92 18.23
C MET E 139 -14.91 -14.04 17.80
N LEU E 140 -13.98 -14.32 18.73
CA LEU E 140 -12.64 -14.72 18.33
C LEU E 140 -12.33 -16.16 18.71
N LYS E 141 -13.23 -16.82 19.42
CA LYS E 141 -13.19 -18.28 19.57
C LYS E 141 -13.91 -18.99 18.45
N VAL E 142 -14.38 -18.26 17.46
CA VAL E 142 -15.08 -18.87 16.35
C VAL E 142 -14.20 -18.86 15.10
N GLY E 143 -12.90 -18.56 15.27
CA GLY E 143 -11.96 -18.56 14.16
C GLY E 143 -10.67 -19.34 14.38
N GLU E 144 -10.74 -20.47 15.08
CA GLU E 144 -9.57 -21.32 15.32
C GLU E 144 -9.31 -22.27 14.16
N PRO E 145 -8.06 -22.72 13.99
CA PRO E 145 -7.77 -23.64 12.89
C PRO E 145 -8.25 -25.07 13.12
N LYS E 146 -8.65 -25.38 14.35
CA LYS E 146 -9.16 -26.70 14.72
C LYS E 146 -10.53 -27.02 14.09
N ASP E 147 -10.91 -28.29 14.13
CA ASP E 147 -12.18 -28.71 13.51
C ASP E 147 -13.38 -29.01 14.42
N ILE E 148 -13.15 -29.27 15.71
CA ILE E 148 -14.29 -29.58 16.58
C ILE E 148 -14.68 -28.36 17.40
N VAL E 149 -13.71 -27.50 17.73
CA VAL E 149 -14.04 -26.27 18.44
C VAL E 149 -14.81 -25.34 17.51
N ARG E 150 -14.48 -25.36 16.20
CA ARG E 150 -15.22 -24.60 15.20
C ARG E 150 -16.70 -25.00 15.20
N LYS E 151 -16.96 -26.29 15.04
CA LYS E 151 -18.35 -26.74 14.91
C LYS E 151 -19.10 -26.57 16.23
N ASP E 152 -18.42 -26.68 17.37
CA ASP E 152 -19.17 -26.61 18.61
C ASP E 152 -19.40 -25.15 19.01
N VAL E 153 -18.51 -24.22 18.64
CA VAL E 153 -18.83 -22.81 18.90
C VAL E 153 -19.88 -22.34 17.90
N ARG E 154 -19.93 -22.96 16.71
CA ARG E 154 -21.07 -22.78 15.82
C ARG E 154 -22.36 -23.24 16.49
N ALA E 155 -22.31 -24.37 17.21
CA ALA E 155 -23.47 -24.83 17.96
C ALA E 155 -23.82 -23.88 19.10
N ILE E 156 -22.81 -23.27 19.73
CA ILE E 156 -23.06 -22.28 20.78
C ILE E 156 -23.81 -21.09 20.22
N LEU E 157 -23.32 -20.54 19.10
CA LEU E 157 -23.95 -19.37 18.52
C LEU E 157 -25.28 -19.73 17.87
N THR E 158 -25.49 -21.01 17.55
CA THR E 158 -26.80 -21.47 17.09
C THR E 158 -27.80 -21.54 18.23
N LYS E 159 -27.41 -22.12 19.36
CA LYS E 159 -28.34 -22.41 20.45
C LYS E 159 -28.47 -21.22 21.39
N MET E 160 -27.77 -20.13 21.11
CA MET E 160 -27.93 -18.86 21.81
C MET E 160 -29.06 -18.03 21.21
N CYS E 161 -29.48 -18.33 19.98
CA CYS E 161 -30.41 -17.52 19.20
C CYS E 161 -31.78 -17.35 19.86
N GLN E 162 -32.20 -18.27 20.70
CA GLN E 162 -33.53 -18.21 21.31
C GLN E 162 -33.54 -17.57 22.69
N VAL E 163 -32.39 -17.25 23.27
CA VAL E 163 -32.34 -16.57 24.56
C VAL E 163 -31.87 -15.13 24.45
N TYR E 164 -31.50 -14.67 23.26
CA TYR E 164 -31.14 -13.30 22.99
C TYR E 164 -31.80 -12.95 21.66
N PRO E 165 -32.25 -11.71 21.46
CA PRO E 165 -32.79 -11.33 20.16
C PRO E 165 -31.73 -11.40 19.07
N ALA E 166 -32.15 -11.76 17.87
CA ALA E 166 -31.19 -11.99 16.78
C ALA E 166 -30.65 -10.67 16.24
N SER E 167 -31.41 -9.58 16.39
CA SER E 167 -31.00 -8.29 15.84
C SER E 167 -29.74 -7.78 16.53
N LYS E 168 -29.63 -7.96 17.85
CA LYS E 168 -28.43 -7.51 18.54
C LYS E 168 -27.24 -8.44 18.28
N MET E 169 -27.45 -9.75 18.17
CA MET E 169 -26.30 -10.64 17.94
C MET E 169 -25.78 -10.51 16.52
N PHE E 170 -26.64 -10.03 15.61
CA PHE E 170 -26.22 -9.76 14.23
C PHE E 170 -25.08 -8.76 14.20
N ASN E 171 -25.14 -7.75 15.07
CA ASN E 171 -24.11 -6.73 15.10
C ASN E 171 -22.79 -7.28 15.61
N PHE E 172 -22.84 -8.11 16.65
CA PHE E 172 -21.62 -8.66 17.22
C PHE E 172 -20.96 -9.68 16.30
N VAL E 173 -21.74 -10.50 15.61
CA VAL E 173 -21.13 -11.39 14.62
C VAL E 173 -20.70 -10.60 13.38
N MET E 174 -21.36 -9.47 13.10
CA MET E 174 -20.90 -8.57 12.06
C MET E 174 -19.65 -7.81 12.48
N GLU E 175 -19.52 -7.46 13.76
CA GLU E 175 -18.37 -6.73 14.27
C GLU E 175 -17.07 -7.51 14.12
N GLY E 176 -17.11 -8.84 14.23
CA GLY E 176 -15.93 -9.66 14.06
C GLY E 176 -15.36 -9.70 12.67
N THR E 177 -16.11 -9.24 11.67
CA THR E 177 -15.68 -9.29 10.28
C THR E 177 -14.68 -8.20 9.92
N LYS E 178 -14.10 -7.50 10.90
CA LYS E 178 -13.12 -6.45 10.64
C LYS E 178 -11.76 -6.75 11.23
N SER E 179 -11.56 -7.90 11.85
CA SER E 179 -10.26 -8.20 12.42
C SER E 179 -9.32 -8.79 11.38
N LYS E 180 -8.15 -9.23 11.84
CA LYS E 180 -7.11 -9.69 10.92
C LYS E 180 -7.20 -11.18 10.64
N ASN E 181 -7.87 -11.94 11.51
CA ASN E 181 -7.97 -13.38 11.31
C ASN E 181 -8.93 -13.63 10.16
N SER E 182 -8.40 -14.17 9.06
CA SER E 182 -9.19 -14.27 7.82
C SER E 182 -10.31 -15.29 7.94
N LYS E 183 -10.02 -16.43 8.58
CA LYS E 183 -10.98 -17.52 8.67
C LYS E 183 -12.25 -17.06 9.38
N GLN E 184 -12.08 -16.22 10.40
CA GLN E 184 -13.26 -15.84 11.18
C GLN E 184 -14.09 -14.82 10.42
N ARG E 185 -13.48 -14.00 9.54
CA ARG E 185 -14.31 -13.24 8.60
C ARG E 185 -15.13 -14.16 7.73
N ALA E 186 -14.50 -15.21 7.17
CA ALA E 186 -15.22 -16.12 6.28
C ALA E 186 -16.41 -16.79 6.98
N GLU E 187 -16.15 -17.34 8.17
CA GLU E 187 -17.21 -18.06 8.86
C GLU E 187 -18.26 -17.12 9.45
N CYS E 188 -17.87 -15.88 9.79
CA CYS E 188 -18.91 -14.93 10.19
C CYS E 188 -19.78 -14.50 9.02
N LEU E 189 -19.22 -14.40 7.81
CA LEU E 189 -20.10 -14.12 6.66
C LEU E 189 -21.06 -15.28 6.38
N GLU E 190 -20.59 -16.53 6.50
CA GLU E 190 -21.57 -17.61 6.31
C GLU E 190 -22.56 -17.68 7.48
N GLU E 191 -22.13 -17.20 8.65
CA GLU E 191 -23.05 -17.07 9.79
C GLU E 191 -24.11 -16.02 9.50
N LEU E 192 -23.71 -14.89 8.90
CA LEU E 192 -24.67 -13.87 8.49
C LEU E 192 -25.64 -14.44 7.48
N GLY E 193 -25.13 -15.27 6.57
CA GLY E 193 -26.00 -15.93 5.60
C GLY E 193 -27.03 -16.85 6.25
N CYS E 194 -26.61 -17.63 7.25
CA CYS E 194 -27.58 -18.56 7.85
C CYS E 194 -28.53 -17.84 8.80
N LEU E 195 -28.13 -16.70 9.38
CA LEU E 195 -29.08 -15.92 10.16
C LEU E 195 -30.06 -15.15 9.29
N VAL E 196 -29.66 -14.74 8.08
CA VAL E 196 -30.60 -14.13 7.15
C VAL E 196 -31.69 -15.10 6.71
N GLU E 197 -31.34 -16.32 6.32
CA GLU E 197 -32.32 -17.30 5.85
C GLU E 197 -33.17 -17.89 6.97
N SER E 198 -32.76 -17.71 8.23
CA SER E 198 -33.51 -18.27 9.36
C SER E 198 -34.47 -17.28 10.00
N TYR E 199 -34.20 -15.98 9.91
CA TYR E 199 -35.09 -14.97 10.49
C TYR E 199 -35.54 -13.91 9.49
N GLY E 200 -35.23 -14.05 8.20
CA GLY E 200 -35.69 -13.10 7.22
C GLY E 200 -34.76 -11.92 7.06
N MET E 201 -35.35 -10.79 6.67
CA MET E 201 -34.62 -9.56 6.39
C MET E 201 -34.63 -8.60 7.57
N ASN E 202 -35.60 -8.72 8.48
CA ASN E 202 -35.70 -7.83 9.62
C ASN E 202 -34.56 -7.99 10.63
N VAL E 203 -33.78 -9.08 10.54
CA VAL E 203 -32.69 -9.32 11.48
C VAL E 203 -31.53 -8.33 11.32
N CYS E 204 -31.24 -7.89 10.10
CA CYS E 204 -30.07 -7.04 9.88
C CYS E 204 -30.30 -5.65 10.46
N GLN E 205 -29.25 -5.11 11.08
CA GLN E 205 -29.20 -3.86 11.81
C GLN E 205 -28.02 -3.00 11.35
N PRO E 206 -28.13 -1.68 11.38
CA PRO E 206 -29.30 -0.88 11.76
C PRO E 206 -30.26 -0.69 10.58
N THR E 207 -29.74 -0.66 9.35
CA THR E 207 -30.56 -0.60 8.15
C THR E 207 -30.08 -1.69 7.20
N PRO E 208 -30.98 -2.21 6.35
CA PRO E 208 -30.55 -3.24 5.37
C PRO E 208 -29.47 -2.77 4.40
N ALA E 209 -29.55 -1.51 3.94
CA ALA E 209 -28.66 -1.03 2.89
C ALA E 209 -27.20 -1.04 3.35
N LYS E 210 -26.94 -0.50 4.54
CA LYS E 210 -25.57 -0.47 5.04
C LYS E 210 -25.03 -1.88 5.25
N ALA E 211 -25.80 -2.75 5.91
CA ALA E 211 -25.35 -4.10 6.22
C ALA E 211 -25.03 -4.89 4.95
N LEU E 212 -25.89 -4.77 3.93
CA LEU E 212 -25.53 -5.32 2.62
C LEU E 212 -24.31 -4.65 2.01
N LYS E 213 -24.00 -3.41 2.39
CA LYS E 213 -22.73 -2.86 1.90
C LYS E 213 -21.51 -3.45 2.61
N GLU E 214 -21.53 -3.59 3.96
CA GLU E 214 -20.29 -4.13 4.54
C GLU E 214 -20.19 -5.63 4.39
N ILE E 215 -21.25 -6.32 3.96
CA ILE E 215 -21.02 -7.72 3.60
C ILE E 215 -20.67 -7.86 2.13
N ALA E 216 -20.41 -6.75 1.44
CA ALA E 216 -20.03 -6.77 0.04
C ALA E 216 -18.57 -6.42 -0.19
N ILE E 217 -17.93 -5.70 0.73
CA ILE E 217 -16.51 -5.36 0.59
C ILE E 217 -15.61 -6.58 0.76
N HIS E 218 -16.08 -7.63 1.41
CA HIS E 218 -15.31 -8.86 1.58
C HIS E 218 -15.29 -9.71 0.33
N ILE E 219 -16.07 -9.35 -0.69
CA ILE E 219 -15.92 -10.00 -1.99
C ILE E 219 -14.60 -9.56 -2.63
N GLY E 220 -14.13 -8.36 -2.31
CA GLY E 220 -12.85 -7.89 -2.80
C GLY E 220 -11.69 -8.25 -1.89
N ASP E 221 -11.90 -9.21 -0.99
CA ASP E 221 -10.85 -9.63 -0.07
C ASP E 221 -9.78 -10.44 -0.80
N ARG E 222 -8.56 -10.35 -0.28
CA ARG E 222 -7.45 -11.12 -0.84
C ARG E 222 -7.61 -12.61 -0.57
N ASP E 223 -8.30 -12.97 0.51
CA ASP E 223 -8.61 -14.35 0.85
C ASP E 223 -9.56 -14.96 -0.16
N THR E 224 -9.57 -16.29 -0.24
CA THR E 224 -10.45 -16.98 -1.19
C THR E 224 -11.71 -17.50 -0.51
N THR E 225 -11.61 -18.02 0.72
CA THR E 225 -12.80 -18.57 1.36
C THR E 225 -13.63 -17.46 2.00
N VAL E 226 -12.99 -16.33 2.33
CA VAL E 226 -13.74 -15.15 2.76
C VAL E 226 -14.62 -14.65 1.62
N ARG E 227 -14.04 -14.55 0.43
CA ARG E 227 -14.77 -14.14 -0.76
C ARG E 227 -15.86 -15.15 -1.10
N ASN E 228 -15.55 -16.44 -1.01
CA ASN E 228 -16.54 -17.47 -1.32
C ASN E 228 -17.71 -17.42 -0.35
N ALA E 229 -17.43 -17.23 0.94
CA ALA E 229 -18.49 -17.15 1.93
C ALA E 229 -19.29 -15.87 1.80
N ALA E 230 -18.63 -14.77 1.42
CA ALA E 230 -19.35 -13.52 1.17
C ALA E 230 -20.31 -13.67 -0.01
N LEU E 231 -19.84 -14.28 -1.09
CA LEU E 231 -20.68 -14.53 -2.25
C LEU E 231 -21.82 -15.47 -1.90
N ASN E 232 -21.54 -16.46 -1.04
CA ASN E 232 -22.58 -17.37 -0.59
C ASN E 232 -23.63 -16.65 0.24
N THR E 233 -23.21 -15.71 1.08
CA THR E 233 -24.14 -14.91 1.86
C THR E 233 -25.00 -14.04 0.94
N ILE E 234 -24.40 -13.44 -0.09
CA ILE E 234 -25.14 -12.61 -1.03
C ILE E 234 -26.16 -13.43 -1.81
N VAL E 235 -25.80 -14.65 -2.25
CA VAL E 235 -26.78 -15.43 -3.00
C VAL E 235 -27.83 -16.01 -2.05
N THR E 236 -27.46 -16.23 -0.78
CA THR E 236 -28.42 -16.70 0.21
C THR E 236 -29.49 -15.64 0.50
N VAL E 237 -29.10 -14.39 0.65
CA VAL E 237 -30.12 -13.35 0.81
C VAL E 237 -30.83 -13.08 -0.51
N TYR E 238 -30.13 -13.29 -1.64
CA TYR E 238 -30.72 -13.15 -2.97
C TYR E 238 -31.84 -14.15 -3.23
N ASN E 239 -31.64 -15.43 -2.93
CA ASN E 239 -32.63 -16.46 -3.25
C ASN E 239 -33.90 -16.32 -2.44
N VAL E 240 -33.84 -15.73 -1.26
CA VAL E 240 -35.01 -15.48 -0.44
C VAL E 240 -35.76 -14.22 -0.86
N HIS E 241 -35.04 -13.18 -1.28
CA HIS E 241 -35.66 -11.87 -1.43
C HIS E 241 -35.70 -11.35 -2.86
N GLY E 242 -34.75 -11.71 -3.71
CA GLY E 242 -34.87 -11.35 -5.12
C GLY E 242 -33.97 -10.20 -5.52
N GLU E 243 -34.50 -9.35 -6.39
CA GLU E 243 -33.70 -8.41 -7.18
C GLU E 243 -33.41 -7.09 -6.47
N GLN E 244 -33.92 -6.90 -5.25
CA GLN E 244 -33.66 -5.63 -4.58
C GLN E 244 -32.37 -5.64 -3.77
N VAL E 245 -31.60 -6.72 -3.85
CA VAL E 245 -30.35 -6.79 -3.09
C VAL E 245 -29.28 -5.92 -3.74
N PHE E 246 -29.47 -5.57 -5.01
CA PHE E 246 -28.48 -4.77 -5.73
C PHE E 246 -28.50 -3.33 -5.24
N LYS E 247 -29.70 -2.77 -5.08
CA LYS E 247 -29.82 -1.39 -4.62
C LYS E 247 -29.43 -1.28 -3.15
N LEU E 248 -29.64 -2.35 -2.38
CA LEU E 248 -29.14 -2.40 -1.01
C LEU E 248 -27.61 -2.41 -0.99
N ILE E 249 -27.00 -3.15 -1.92
CA ILE E 249 -25.56 -3.19 -2.04
C ILE E 249 -25.07 -1.94 -2.77
N SER E 253 -18.81 -2.54 -8.18
CA SER E 253 -17.44 -2.33 -8.64
C SER E 253 -17.26 -2.83 -10.06
N GLU E 254 -15.99 -3.11 -10.41
CA GLU E 254 -15.65 -3.61 -11.74
C GLU E 254 -15.18 -5.06 -11.73
N LYS E 255 -14.64 -5.56 -10.61
CA LYS E 255 -14.22 -6.93 -10.47
C LYS E 255 -15.14 -7.77 -9.60
N ASP E 256 -15.51 -7.28 -8.43
CA ASP E 256 -16.38 -8.01 -7.51
C ASP E 256 -17.78 -8.18 -8.09
N MET E 257 -18.24 -7.17 -8.82
CA MET E 257 -19.64 -7.11 -9.25
C MET E 257 -19.94 -8.23 -10.24
N SER E 258 -19.08 -8.40 -11.24
CA SER E 258 -19.29 -9.42 -12.27
C SER E 258 -19.25 -10.82 -11.68
N MET E 259 -18.36 -11.04 -10.70
CA MET E 259 -18.33 -12.31 -9.99
C MET E 259 -19.63 -12.53 -9.22
N LEU E 260 -20.22 -11.44 -8.69
CA LEU E 260 -21.51 -11.57 -8.02
C LEU E 260 -22.61 -12.00 -8.99
N GLU E 261 -22.67 -11.38 -10.19
CA GLU E 261 -23.70 -11.84 -11.14
C GLU E 261 -23.46 -13.28 -11.58
N GLU E 262 -22.21 -13.67 -11.84
CA GLU E 262 -22.01 -15.03 -12.34
C GLU E 262 -22.34 -16.06 -11.26
N ARG E 263 -22.03 -15.76 -9.99
CA ARG E 263 -22.39 -16.69 -8.92
C ARG E 263 -23.91 -16.78 -8.76
N ILE E 264 -24.61 -15.65 -8.83
CA ILE E 264 -26.06 -15.76 -8.60
C ILE E 264 -26.77 -16.37 -9.81
N LYS E 265 -26.20 -16.23 -11.02
CA LYS E 265 -26.81 -16.90 -12.16
C LYS E 265 -26.51 -18.39 -12.20
N ARG E 266 -25.30 -18.81 -11.83
CA ARG E 266 -25.04 -20.24 -11.77
C ARG E 266 -25.73 -20.92 -10.59
N ALA E 267 -25.92 -20.21 -9.48
CA ALA E 267 -26.65 -20.79 -8.35
C ALA E 267 -28.15 -20.82 -8.62
N GLY E 268 -28.67 -19.76 -9.22
CA GLY E 268 -30.09 -19.68 -9.50
C GLY E 268 -30.52 -20.49 -10.71
PG G2P F . 15.27 -26.77 20.91
O1G G2P F . 14.75 -25.42 21.32
O2G G2P F . 16.76 -26.85 20.97
O3G G2P F . 14.53 -27.96 21.54
O3B G2P F . 14.81 -26.94 19.29
PB G2P F . 15.41 -26.51 17.93
O1B G2P F . 14.34 -26.11 16.96
O2B G2P F . 16.66 -25.69 17.97
C3A G2P F . 16.07 -28.09 17.33
PA G2P F . 17.57 -27.86 16.65
O1A G2P F . 17.83 -26.96 15.47
O2A G2P F . 18.76 -28.44 17.32
O5' G2P F . 17.37 -29.27 15.53
C5' G2P F . 17.36 -30.48 16.08
C4' G2P F . 17.74 -31.40 14.88
O4' G2P F . 18.21 -30.63 13.79
C3' G2P F . 18.87 -32.32 15.32
O3' G2P F . 18.29 -33.58 15.38
C2' G2P F . 19.98 -32.17 14.26
O2' G2P F . 20.18 -33.39 13.64
C1' G2P F . 19.37 -31.15 13.25
N9 G2P F . 20.32 -30.04 12.99
C8 G2P F . 20.92 -29.17 13.90
N7 G2P F . 21.72 -28.28 13.34
C5 G2P F . 21.66 -28.59 11.98
C6 G2P F . 22.35 -27.94 10.92
O6 G2P F . 23.12 -27.00 10.89
N1 G2P F . 22.04 -28.54 9.67
C2 G2P F . 21.16 -29.61 9.54
N2 G2P F . 20.94 -30.09 8.26
N3 G2P F . 20.50 -30.23 10.52
C4 G2P F . 20.80 -29.67 11.75
MG MG G . 17.28 -25.16 19.93
PG G2P H . 10.51 20.09 46.60
O1G G2P H . 10.81 21.56 46.65
O2G G2P H . 11.75 19.24 46.60
O3G G2P H . 9.40 19.62 47.56
O3B G2P H . 9.73 19.84 45.11
PB G2P H . 10.20 19.73 43.63
O1B G2P H . 9.11 20.16 42.67
O2B G2P H . 11.58 20.19 43.32
C3A G2P H . 10.36 17.93 43.44
PA G2P H . 11.57 17.60 42.33
O1A G2P H . 11.76 18.37 41.06
O2A G2P H . 12.58 16.58 42.68
O5' G2P H . 10.52 16.41 41.44
C5' G2P H . 10.17 15.31 42.10
C4' G2P H . 9.83 14.31 40.97
O4' G2P H . 10.41 14.70 39.74
C3' G2P H . 10.41 12.95 41.34
O3' G2P H . 9.32 12.10 41.38
C2' G2P H . 11.46 12.62 40.25
O2' G2P H . 11.20 11.36 39.74
C1' G2P H . 11.18 13.71 39.17
N9 G2P H . 12.45 14.29 38.70
C8 G2P H . 13.45 14.93 39.44
N7 G2P H . 14.47 15.36 38.72
C5 G2P H . 14.15 14.96 37.43
C6 G2P H . 14.92 15.17 36.25
O6 G2P H . 16.00 15.71 36.06
N1 G2P H . 14.26 14.63 35.11
C2 G2P H . 13.04 13.99 35.16
N2 G2P H . 12.51 13.52 33.97
N3 G2P H . 12.29 13.79 36.26
C4 G2P H . 12.91 14.31 37.40
MG MG I . 12.74 20.21 45.06
PG GTP J . 2.16 -16.09 -16.57
O1G GTP J . 1.40 -17.28 -15.99
O2G GTP J . 1.80 -14.76 -15.98
O3G GTP J . 3.65 -16.32 -16.69
O3B GTP J . 1.72 -15.99 -18.19
PB GTP J . 2.49 -15.63 -19.47
O1B GTP J . 3.66 -14.71 -19.30
O2B GTP J . 1.68 -15.60 -20.74
O3A GTP J . 3.15 -17.12 -19.84
PA GTP J . 4.37 -17.35 -20.75
O1A GTP J . 5.55 -18.12 -20.27
O2A GTP J . 4.42 -16.52 -21.99
O5' GTP J . 3.56 -18.81 -21.49
C5' GTP J . 4.23 -19.98 -21.46
C4' GTP J . 4.10 -20.61 -22.87
O4' GTP J . 4.61 -19.77 -23.88
C3' GTP J . 4.95 -21.89 -22.91
O3' GTP J . 4.38 -22.66 -23.91
C2' GTP J . 6.30 -21.37 -23.39
O2' GTP J . 7.01 -22.37 -24.05
C1' GTP J . 5.76 -20.33 -24.40
N9 GTP J . 6.75 -19.29 -24.54
C8 GTP J . 7.30 -18.43 -23.56
N7 GTP J . 8.19 -17.59 -24.12
C5 GTP J . 8.20 -17.92 -25.48
C6 GTP J . 8.94 -17.35 -26.50
O6 GTP J . 9.77 -16.43 -26.47
N1 GTP J . 8.72 -17.93 -27.77
C2 GTP J . 7.81 -18.97 -27.92
N2 GTP J . 7.67 -19.45 -29.22
N3 GTP J . 7.07 -19.55 -26.98
C4 GTP J . 7.31 -18.97 -25.74
MG MG K . 4.73 -14.76 -17.48
PG GTP L . -2.86 31.01 9.21
O1G GTP L . -3.79 30.19 10.08
O2G GTP L . -2.83 32.50 9.50
O3G GTP L . -1.49 30.40 9.01
O3B GTP L . -3.46 30.91 7.63
PB GTP L . -2.78 30.81 6.26
O1B GTP L . -1.31 31.11 6.23
O2B GTP L . -3.64 31.14 5.07
O3A GTP L . -2.90 29.17 5.99
PA GTP L . -2.17 28.40 4.90
O1A GTP L . -1.22 27.30 5.22
O2A GTP L . -2.22 29.00 3.52
O5' GTP L . -3.58 27.27 4.69
C5' GTP L . -3.36 25.95 4.82
C4' GTP L . -3.89 25.26 3.54
O4' GTP L . -3.25 25.72 2.37
C3' GTP L . -3.58 23.76 3.63
O3' GTP L . -4.51 23.16 2.79
C2' GTP L . -2.19 23.69 2.99
O2' GTP L . -1.96 22.42 2.46
C1' GTP L . -2.47 24.70 1.86
N9 GTP L . -1.21 25.27 1.45
C8 GTP L . -0.24 25.97 2.20
N7 GTP L . 0.79 26.34 1.41
C5 GTP L . 0.47 25.86 0.15
C6 GTP L . 1.19 25.98 -1.02
O6 GTP L . 2.29 26.52 -1.23
N1 GTP L . 0.58 25.38 -2.15
C2 GTP L . -0.65 24.74 -2.03
N2 GTP L . -1.15 24.19 -3.20
N3 GTP L . -1.40 24.60 -0.92
C4 GTP L . -0.76 25.20 0.15
MG MG M . 0.10 30.86 7.74
#